data_5C6H
#
_entry.id   5C6H
#
_cell.length_a   31.790
_cell.length_b   114.240
_cell.length_c   135.980
_cell.angle_alpha   90.12
_cell.angle_beta   92.32
_cell.angle_gamma   90.01
#
_symmetry.space_group_name_H-M   'P 1'
#
loop_
_entity.id
_entity.type
_entity.pdbx_description
1 polymer 'Induced myeloid leukemia cell differentiation protein Mcl-1'
2 polymer 'Mule BH3 peptide from E3 ubiquitin-protein ligase HUWE1'
3 water water
#
loop_
_entity_poly.entity_id
_entity_poly.type
_entity_poly.pdbx_seq_one_letter_code
_entity_poly.pdbx_strand_id
1 'polypeptide(L)'
;EDELYRQSLEIISRYLREQATGAKDTKPMGRSGATSRKALETLRRVGDGVQRNHETAFQGMLRKLDIKNEDDVKSLSRVM
IHVFSDGVTNWGRIVTLISFGAFVAKHLKTINQESCIEPLAESITDVLVRTKRDWLVKQRGWDGFVEFFHVEDLEGG
;
A,C,E,G,I,K,M,O,Q,S,U,W
2 'polypeptide(L)' PGVMTQEVGQLLQDMGDDVYQQYRSL B,D,F,H,J,L,N,P,R,T,V,X
#
# COMPACT_ATOMS: atom_id res chain seq x y z
N GLU A 1 54.90 18.96 -69.54
CA GLU A 1 54.91 19.24 -70.98
C GLU A 1 53.47 19.31 -71.51
N ASP A 2 53.33 19.38 -72.82
CA ASP A 2 52.04 19.62 -73.47
C ASP A 2 51.33 20.82 -72.85
N GLU A 3 51.80 22.00 -73.20
CA GLU A 3 51.22 23.25 -72.71
C GLU A 3 49.76 23.37 -73.10
N LEU A 4 49.41 22.72 -74.21
CA LEU A 4 48.04 22.77 -74.73
C LEU A 4 47.07 21.93 -73.91
N TYR A 5 47.52 20.77 -73.40
CA TYR A 5 46.66 19.94 -72.57
C TYR A 5 46.38 20.63 -71.24
N ARG A 6 47.45 21.13 -70.63
CA ARG A 6 47.35 22.10 -69.55
C ARG A 6 46.63 23.31 -70.13
N GLN A 7 46.04 24.16 -69.28
CA GLN A 7 45.21 25.27 -69.72
C GLN A 7 43.88 24.79 -70.29
N SER A 8 43.92 23.91 -71.29
CA SER A 8 42.70 23.28 -71.80
C SER A 8 41.96 22.58 -70.67
N LEU A 9 42.68 21.71 -69.96
CA LEU A 9 42.13 21.04 -68.80
C LEU A 9 41.71 22.08 -67.77
N GLU A 10 42.55 23.08 -67.59
CA GLU A 10 42.27 24.14 -66.63
C GLU A 10 40.98 24.89 -66.97
N ILE A 11 40.85 25.33 -68.22
CA ILE A 11 39.67 26.06 -68.65
C ILE A 11 38.40 25.22 -68.51
N ILE A 12 38.44 24.00 -69.04
CA ILE A 12 37.29 23.11 -68.98
C ILE A 12 36.94 22.69 -67.55
N SER A 13 37.95 22.37 -66.75
CA SER A 13 37.72 21.99 -65.36
C SER A 13 37.16 23.15 -64.55
N ARG A 14 37.71 24.34 -64.77
CA ARG A 14 37.21 25.55 -64.12
C ARG A 14 35.73 25.74 -64.40
N TYR A 15 35.37 25.62 -65.68
CA TYR A 15 33.99 25.83 -66.12
C TYR A 15 33.06 24.79 -65.51
N LEU A 16 33.39 23.52 -65.65
CA LEU A 16 32.60 22.44 -65.08
C LEU A 16 32.45 22.55 -63.56
N ARG A 17 33.53 22.92 -62.89
CA ARG A 17 33.50 23.09 -61.44
C ARG A 17 32.58 24.23 -61.01
N GLU A 18 32.78 25.40 -61.61
CA GLU A 18 32.05 26.59 -61.22
C GLU A 18 30.57 26.52 -61.61
N GLN A 19 30.28 25.80 -62.69
CA GLN A 19 28.88 25.59 -63.10
C GLN A 19 28.19 24.66 -62.13
N ALA A 20 28.97 23.82 -61.45
CA ALA A 20 28.44 22.86 -60.50
C ALA A 20 28.15 23.50 -59.14
N THR A 21 29.18 24.11 -58.56
CA THR A 21 29.05 24.74 -57.25
C THR A 21 28.02 25.87 -57.28
N GLY A 22 28.20 26.79 -58.22
CA GLY A 22 27.30 27.92 -58.36
C GLY A 22 28.03 29.19 -58.73
N ALA A 23 29.07 29.52 -57.96
CA ALA A 23 29.84 30.73 -58.17
C ALA A 23 31.26 30.45 -58.65
N LYS A 24 32.05 31.50 -58.78
CA LYS A 24 33.42 31.39 -59.29
C LYS A 24 34.41 31.22 -58.15
N ASP A 25 35.62 30.77 -58.48
CA ASP A 25 36.64 30.54 -57.45
C ASP A 25 37.95 31.29 -57.73
N THR A 26 39.07 30.62 -57.48
CA THR A 26 40.40 31.22 -57.59
C THR A 26 40.65 31.82 -58.96
N LYS A 27 40.51 33.14 -59.06
CA LYS A 27 40.60 33.87 -60.32
C LYS A 27 41.96 33.81 -61.05
N PRO A 28 43.09 33.96 -60.32
CA PRO A 28 44.37 33.92 -61.05
C PRO A 28 44.63 32.59 -61.73
N MET A 29 44.34 32.52 -63.03
CA MET A 29 44.62 31.34 -63.83
C MET A 29 46.13 31.14 -63.95
N GLY A 30 46.54 29.92 -64.27
CA GLY A 30 47.95 29.58 -64.31
C GLY A 30 48.47 29.15 -65.67
N ARG A 31 49.33 29.98 -66.25
CA ARG A 31 50.02 29.63 -67.50
C ARG A 31 51.32 30.41 -67.83
N SER A 32 51.37 31.75 -67.70
CA SER A 32 50.31 32.62 -67.19
C SER A 32 49.18 32.81 -68.19
N GLY A 33 47.95 32.73 -67.69
CA GLY A 33 46.80 32.67 -68.56
C GLY A 33 45.94 33.92 -68.64
N ALA A 34 46.42 34.93 -69.35
CA ALA A 34 45.55 36.01 -69.75
C ALA A 34 44.53 35.38 -70.68
N THR A 35 45.03 34.62 -71.65
CA THR A 35 44.20 33.84 -72.57
C THR A 35 43.29 32.88 -71.82
N SER A 36 43.83 32.23 -70.80
CA SER A 36 43.06 31.27 -70.01
C SER A 36 41.88 31.92 -69.31
N ARG A 37 42.08 33.16 -68.86
CA ARG A 37 41.01 33.89 -68.19
C ARG A 37 40.00 34.44 -69.20
N LYS A 38 40.50 34.82 -70.39
CA LYS A 38 39.63 35.24 -71.47
C LYS A 38 38.72 34.09 -71.87
N ALA A 39 39.35 32.94 -72.10
CA ALA A 39 38.64 31.75 -72.55
C ALA A 39 37.56 31.30 -71.56
N LEU A 40 37.87 31.38 -70.27
CA LEU A 40 36.90 31.02 -69.24
C LEU A 40 35.70 31.95 -69.28
N GLU A 41 35.97 33.24 -69.50
CA GLU A 41 34.91 34.24 -69.62
C GLU A 41 34.06 33.99 -70.86
N THR A 42 34.74 33.74 -71.99
CA THR A 42 34.05 33.42 -73.24
C THR A 42 33.24 32.14 -73.09
N LEU A 43 33.85 31.13 -72.46
CA LEU A 43 33.20 29.84 -72.27
C LEU A 43 31.97 29.95 -71.37
N ARG A 44 32.05 30.75 -70.32
CA ARG A 44 30.90 30.91 -69.43
C ARG A 44 29.83 31.81 -70.04
N ARG A 45 30.25 32.75 -70.90
CA ARG A 45 29.30 33.61 -71.58
C ARG A 45 28.53 32.80 -72.64
N VAL A 46 29.26 32.23 -73.58
CA VAL A 46 28.66 31.47 -74.67
C VAL A 46 28.05 30.16 -74.18
N GLY A 47 28.76 29.47 -73.30
CA GLY A 47 28.32 28.17 -72.80
C GLY A 47 27.01 28.21 -72.04
N ASP A 48 26.85 29.20 -71.16
CA ASP A 48 25.61 29.37 -70.42
C ASP A 48 24.44 29.65 -71.36
N GLY A 49 24.68 30.51 -72.35
CA GLY A 49 23.67 30.87 -73.32
C GLY A 49 23.19 29.66 -74.11
N VAL A 50 24.12 28.80 -74.50
CA VAL A 50 23.79 27.56 -75.20
C VAL A 50 23.03 26.62 -74.27
N GLN A 51 23.45 26.57 -73.01
CA GLN A 51 22.80 25.75 -72.01
C GLN A 51 21.35 26.16 -71.79
N ARG A 52 21.09 27.46 -71.81
CA ARG A 52 19.74 27.97 -71.64
C ARG A 52 18.86 27.62 -72.84
N ASN A 53 19.48 27.60 -74.02
CA ASN A 53 18.74 27.35 -75.26
C ASN A 53 18.28 25.90 -75.40
N HIS A 54 19.12 24.97 -74.96
CA HIS A 54 18.81 23.55 -75.10
C HIS A 54 18.73 22.82 -73.77
N GLU A 55 18.38 23.55 -72.71
CA GLU A 55 18.25 22.96 -71.38
C GLU A 55 17.22 21.84 -71.38
N THR A 56 16.13 22.07 -72.10
CA THR A 56 15.08 21.07 -72.24
C THR A 56 15.64 19.80 -72.87
N ALA A 57 16.32 19.95 -74.00
CA ALA A 57 16.85 18.81 -74.74
C ALA A 57 17.98 18.09 -73.99
N PHE A 58 18.91 18.86 -73.43
CA PHE A 58 20.03 18.29 -72.68
C PHE A 58 19.56 17.34 -71.58
N GLN A 59 18.50 17.75 -70.88
CA GLN A 59 17.91 16.97 -69.80
C GLN A 59 17.55 15.57 -70.26
N GLY A 60 16.81 15.47 -71.36
CA GLY A 60 16.44 14.18 -71.89
C GLY A 60 17.62 13.39 -72.43
N MET A 61 18.53 14.10 -73.09
CA MET A 61 19.72 13.49 -73.68
C MET A 61 20.63 12.94 -72.60
N LEU A 62 20.76 13.69 -71.51
CA LEU A 62 21.56 13.24 -70.37
C LEU A 62 20.85 12.12 -69.63
N ARG A 63 19.52 12.24 -69.50
CA ARG A 63 18.73 11.19 -68.88
C ARG A 63 18.88 9.90 -69.67
N LYS A 64 18.93 10.05 -71.00
CA LYS A 64 19.12 8.92 -71.89
C LYS A 64 20.48 8.26 -71.66
N LEU A 65 21.49 9.08 -71.43
CA LEU A 65 22.85 8.58 -71.18
C LEU A 65 22.93 7.81 -69.86
N ASP A 66 22.11 8.23 -68.90
CA ASP A 66 22.03 7.59 -67.59
C ASP A 66 23.40 7.48 -66.89
N ILE A 67 23.90 8.62 -66.42
CA ILE A 67 25.17 8.66 -65.71
C ILE A 67 24.92 8.65 -64.21
N LYS A 68 25.61 7.77 -63.48
CA LYS A 68 25.36 7.63 -62.05
C LYS A 68 26.62 7.37 -61.21
N ASN A 69 27.70 6.96 -61.87
CA ASN A 69 29.01 6.85 -61.21
C ASN A 69 30.17 6.95 -62.20
N GLU A 70 31.40 6.92 -61.68
CA GLU A 70 32.59 7.18 -62.49
C GLU A 70 32.73 6.28 -63.72
N ASP A 71 32.20 5.06 -63.64
CA ASP A 71 32.26 4.14 -64.76
C ASP A 71 31.45 4.62 -65.97
N ASP A 72 30.53 5.55 -65.72
CA ASP A 72 29.68 6.07 -66.78
C ASP A 72 30.29 7.27 -67.51
N VAL A 73 31.44 7.73 -67.02
CA VAL A 73 32.18 8.80 -67.67
C VAL A 73 32.64 8.33 -69.05
N LYS A 74 32.97 7.05 -69.15
CA LYS A 74 33.39 6.44 -70.41
C LYS A 74 32.32 6.57 -71.48
N SER A 75 31.05 6.46 -71.08
CA SER A 75 29.93 6.59 -72.01
C SER A 75 29.83 7.99 -72.58
N LEU A 76 30.33 8.98 -71.83
CA LEU A 76 30.36 10.36 -72.31
C LEU A 76 31.46 10.56 -73.34
N SER A 77 32.56 9.83 -73.16
CA SER A 77 33.69 9.88 -74.09
C SER A 77 33.26 9.41 -75.47
N ARG A 78 32.44 8.36 -75.49
CA ARG A 78 31.95 7.78 -76.75
C ARG A 78 31.07 8.76 -77.52
N VAL A 79 30.28 9.54 -76.78
CA VAL A 79 29.41 10.54 -77.38
C VAL A 79 30.20 11.66 -78.03
N MET A 80 31.22 12.15 -77.32
CA MET A 80 32.05 13.25 -77.79
C MET A 80 32.76 12.90 -79.10
N ILE A 81 33.25 11.67 -79.20
CA ILE A 81 33.95 11.22 -80.40
C ILE A 81 33.00 11.11 -81.59
N HIS A 82 31.74 10.78 -81.29
CA HIS A 82 30.73 10.59 -82.33
C HIS A 82 30.29 11.93 -82.93
N VAL A 83 30.60 13.01 -82.23
CA VAL A 83 30.25 14.35 -82.70
C VAL A 83 31.16 14.78 -83.86
N PHE A 84 32.39 14.28 -83.86
CA PHE A 84 33.35 14.62 -84.90
C PHE A 84 33.49 13.52 -85.95
N SER A 85 32.65 12.49 -85.84
CA SER A 85 32.76 11.32 -86.70
C SER A 85 32.46 11.60 -88.16
N ASP A 86 31.88 12.76 -88.45
CA ASP A 86 31.55 13.12 -89.83
C ASP A 86 32.69 13.86 -90.52
N GLY A 87 33.79 14.06 -89.79
CA GLY A 87 34.97 14.69 -90.34
C GLY A 87 35.04 16.19 -90.17
N VAL A 88 33.90 16.79 -89.84
CA VAL A 88 33.82 18.25 -89.67
C VAL A 88 34.21 18.70 -88.27
N THR A 89 35.14 19.63 -88.20
CA THR A 89 35.54 20.22 -86.92
C THR A 89 35.37 21.73 -86.95
N ASN A 90 34.64 22.26 -85.97
CA ASN A 90 34.52 23.70 -85.80
C ASN A 90 34.31 24.09 -84.34
N TRP A 91 34.40 25.39 -84.06
CA TRP A 91 34.27 25.90 -82.71
C TRP A 91 32.86 25.73 -82.14
N GLY A 92 31.88 25.63 -83.03
CA GLY A 92 30.50 25.48 -82.60
C GLY A 92 30.25 24.14 -81.94
N ARG A 93 30.77 23.09 -82.54
CA ARG A 93 30.64 21.75 -81.99
C ARG A 93 31.46 21.59 -80.71
N ILE A 94 32.67 22.13 -80.72
CA ILE A 94 33.58 22.03 -79.59
C ILE A 94 33.01 22.70 -78.34
N VAL A 95 32.49 23.91 -78.51
CA VAL A 95 31.94 24.67 -77.39
C VAL A 95 30.63 24.06 -76.87
N THR A 96 29.92 23.34 -77.74
CA THR A 96 28.67 22.70 -77.37
C THR A 96 28.95 21.44 -76.57
N LEU A 97 30.04 20.76 -76.90
CA LEU A 97 30.50 19.60 -76.14
C LEU A 97 30.85 19.97 -74.71
N ILE A 98 31.41 21.17 -74.54
CA ILE A 98 31.81 21.65 -73.21
C ILE A 98 30.60 22.16 -72.43
N SER A 99 29.62 22.72 -73.13
CA SER A 99 28.37 23.14 -72.51
C SER A 99 27.60 21.93 -71.97
N PHE A 100 27.52 20.88 -72.77
CA PHE A 100 26.83 19.65 -72.36
C PHE A 100 27.58 19.01 -71.20
N GLY A 101 28.90 19.08 -71.25
CA GLY A 101 29.74 18.61 -70.16
C GLY A 101 29.46 19.36 -68.87
N ALA A 102 29.17 20.65 -68.99
CA ALA A 102 28.82 21.45 -67.82
C ALA A 102 27.46 21.03 -67.27
N PHE A 103 26.55 20.70 -68.17
CA PHE A 103 25.20 20.25 -67.79
C PHE A 103 25.29 18.94 -67.02
N VAL A 104 26.23 18.10 -67.42
CA VAL A 104 26.47 16.83 -66.74
C VAL A 104 27.04 17.08 -65.34
N ALA A 105 27.89 18.08 -65.21
CA ALA A 105 28.55 18.39 -63.94
C ALA A 105 27.56 18.74 -62.84
N LYS A 106 26.54 19.53 -63.20
CA LYS A 106 25.47 19.88 -62.28
C LYS A 106 24.72 18.62 -61.83
N HIS A 107 24.45 17.76 -62.80
CA HIS A 107 23.76 16.49 -62.53
C HIS A 107 24.51 15.61 -61.55
N LEU A 108 25.83 15.57 -61.69
CA LEU A 108 26.67 14.76 -60.81
C LEU A 108 26.63 15.27 -59.37
N LYS A 109 26.45 16.58 -59.22
CA LYS A 109 26.33 17.19 -57.91
C LYS A 109 24.94 16.92 -57.33
N THR A 110 23.95 16.85 -58.21
CA THR A 110 22.58 16.56 -57.81
C THR A 110 22.47 15.14 -57.25
N ILE A 111 23.19 14.20 -57.85
CA ILE A 111 23.15 12.82 -57.40
C ILE A 111 24.29 12.53 -56.42
N ASN A 112 24.87 13.61 -55.90
CA ASN A 112 25.92 13.52 -54.88
C ASN A 112 27.15 12.74 -55.33
N GLN A 113 27.57 12.96 -56.57
CA GLN A 113 28.76 12.32 -57.12
C GLN A 113 29.72 13.38 -57.65
N GLU A 114 29.97 14.40 -56.84
CA GLU A 114 30.83 15.52 -57.23
C GLU A 114 32.26 15.11 -57.55
N SER A 115 32.67 13.94 -57.07
CA SER A 115 34.02 13.44 -57.31
C SER A 115 34.24 13.01 -58.76
N CYS A 116 33.16 12.89 -59.52
CA CYS A 116 33.24 12.47 -60.92
C CYS A 116 33.48 13.64 -61.86
N ILE A 117 33.28 14.85 -61.36
CA ILE A 117 33.37 16.06 -62.17
C ILE A 117 34.76 16.30 -62.77
N GLU A 118 35.81 16.08 -61.96
CA GLU A 118 37.17 16.23 -62.46
C GLU A 118 37.58 15.15 -63.48
N PRO A 119 37.22 13.88 -63.24
CA PRO A 119 37.44 12.89 -64.31
C PRO A 119 36.61 13.19 -65.56
N LEU A 120 35.49 13.90 -65.39
CA LEU A 120 34.66 14.28 -66.52
C LEU A 120 35.35 15.32 -67.39
N ALA A 121 35.89 16.37 -66.76
CA ALA A 121 36.61 17.40 -67.49
C ALA A 121 37.85 16.81 -68.16
N GLU A 122 38.44 15.82 -67.50
CA GLU A 122 39.61 15.12 -68.00
C GLU A 122 39.31 14.40 -69.32
N SER A 123 38.16 13.74 -69.38
CA SER A 123 37.76 13.00 -70.57
C SER A 123 37.42 13.94 -71.72
N ILE A 124 36.83 15.09 -71.40
CA ILE A 124 36.50 16.09 -72.40
C ILE A 124 37.77 16.67 -73.01
N THR A 125 38.74 16.99 -72.14
CA THR A 125 40.03 17.48 -72.59
C THR A 125 40.78 16.42 -73.37
N ASP A 126 40.67 15.17 -72.92
CA ASP A 126 41.32 14.05 -73.59
C ASP A 126 40.91 13.94 -75.05
N VAL A 127 39.61 13.84 -75.31
CA VAL A 127 39.09 13.70 -76.66
C VAL A 127 39.53 14.85 -77.58
N LEU A 128 39.39 16.07 -77.10
CA LEU A 128 39.74 17.25 -77.89
C LEU A 128 41.21 17.29 -78.28
N VAL A 129 42.09 16.92 -77.34
CA VAL A 129 43.53 16.97 -77.59
C VAL A 129 44.03 15.74 -78.32
N ARG A 130 43.52 14.57 -77.92
CA ARG A 130 43.93 13.31 -78.53
C ARG A 130 43.57 13.23 -80.01
N THR A 131 42.43 13.82 -80.38
CA THR A 131 41.89 13.64 -81.72
C THR A 131 41.93 14.89 -82.59
N LYS A 132 42.00 16.06 -81.96
CA LYS A 132 41.89 17.32 -82.71
C LYS A 132 43.02 18.31 -82.45
N ARG A 133 44.19 17.79 -82.07
CA ARG A 133 45.29 18.70 -81.71
C ARG A 133 45.80 19.53 -82.88
N ASP A 134 45.86 18.93 -84.06
CA ASP A 134 46.35 19.63 -85.24
C ASP A 134 45.42 20.78 -85.63
N TRP A 135 44.12 20.52 -85.60
CA TRP A 135 43.11 21.52 -85.91
C TRP A 135 43.17 22.67 -84.92
N LEU A 136 43.38 22.34 -83.65
CA LEU A 136 43.46 23.35 -82.60
C LEU A 136 44.65 24.28 -82.83
N VAL A 137 45.80 23.71 -83.14
CA VAL A 137 46.99 24.48 -83.45
C VAL A 137 46.78 25.32 -84.71
N LYS A 138 46.25 24.68 -85.75
CA LYS A 138 45.99 25.34 -87.03
C LYS A 138 45.01 26.50 -86.88
N GLN A 139 44.08 26.36 -85.93
CA GLN A 139 43.13 27.43 -85.62
C GLN A 139 43.63 28.26 -84.45
N ARG A 140 44.92 28.12 -84.15
CA ARG A 140 45.60 28.94 -83.13
C ARG A 140 45.08 28.74 -81.71
N GLY A 141 44.68 27.51 -81.38
CA GLY A 141 44.31 27.16 -80.02
C GLY A 141 43.20 27.98 -79.39
N TRP A 142 43.35 28.31 -78.11
CA TRP A 142 42.33 29.04 -77.37
C TRP A 142 42.24 30.51 -77.76
N ASP A 143 43.23 31.00 -78.50
CA ASP A 143 43.19 32.36 -79.03
C ASP A 143 42.28 32.42 -80.25
N GLY A 144 42.26 31.33 -81.01
CA GLY A 144 41.33 31.20 -82.11
C GLY A 144 39.93 30.94 -81.58
N PHE A 145 39.86 30.36 -80.38
CA PHE A 145 38.59 30.11 -79.71
C PHE A 145 37.92 31.44 -79.33
N VAL A 146 38.65 32.27 -78.60
CA VAL A 146 38.14 33.57 -78.16
C VAL A 146 37.82 34.47 -79.34
N GLU A 147 38.68 34.45 -80.35
CA GLU A 147 38.54 35.30 -81.53
C GLU A 147 37.27 34.97 -82.30
N PHE A 148 36.90 33.70 -82.32
CA PHE A 148 35.71 33.25 -83.04
C PHE A 148 34.42 33.73 -82.37
N PHE A 149 34.39 33.64 -81.04
CA PHE A 149 33.19 33.98 -80.28
C PHE A 149 33.21 35.40 -79.72
N HIS A 150 34.14 36.21 -80.20
CA HIS A 150 34.19 37.62 -79.79
C HIS A 150 33.16 38.43 -80.57
N VAL A 151 32.25 39.09 -79.85
CA VAL A 151 31.23 39.91 -80.50
C VAL A 151 31.61 41.38 -80.48
N GLU A 152 31.43 42.05 -81.62
CA GLU A 152 31.74 43.46 -81.74
C GLU A 152 30.73 44.32 -81.01
N ASP A 153 31.20 45.09 -80.04
CA ASP A 153 30.31 45.94 -79.24
C ASP A 153 31.00 47.17 -78.64
N LEU A 154 31.26 48.22 -79.42
CA LEU A 154 31.07 48.34 -80.88
C LEU A 154 29.73 47.95 -81.53
N GLU A 155 28.64 48.61 -81.17
CA GLU A 155 28.61 49.62 -80.13
C GLU A 155 27.52 49.32 -79.10
N PRO B 1 27.60 1.40 -69.01
CA PRO B 1 27.45 0.42 -70.09
C PRO B 1 27.52 1.07 -71.47
N GLY B 2 26.51 1.85 -71.82
CA GLY B 2 26.47 2.54 -73.09
C GLY B 2 25.64 1.82 -74.13
N VAL B 3 24.43 2.30 -74.36
CA VAL B 3 23.54 1.77 -75.38
C VAL B 3 23.18 2.90 -76.34
N MET B 4 23.49 4.12 -75.92
CA MET B 4 23.13 5.32 -76.67
C MET B 4 24.25 5.78 -77.60
N THR B 5 25.15 6.61 -77.07
CA THR B 5 26.22 7.24 -77.84
C THR B 5 25.67 8.02 -79.04
N GLN B 6 25.17 7.28 -80.02
CA GLN B 6 24.52 7.92 -81.17
C GLN B 6 23.20 8.55 -80.73
N GLU B 7 22.52 9.20 -81.66
CA GLU B 7 21.36 10.05 -81.38
C GLU B 7 21.78 11.30 -80.58
N VAL B 8 22.35 11.08 -79.40
CA VAL B 8 22.86 12.18 -78.59
C VAL B 8 23.95 12.95 -79.34
N GLY B 9 24.89 12.22 -79.92
CA GLY B 9 25.99 12.82 -80.66
C GLY B 9 25.52 13.66 -81.84
N GLN B 10 24.61 13.11 -82.63
CA GLN B 10 24.09 13.82 -83.80
C GLN B 10 23.30 15.06 -83.39
N LEU B 11 22.55 14.96 -82.30
CA LEU B 11 21.83 16.10 -81.76
C LEU B 11 22.81 17.21 -81.41
N LEU B 12 23.92 16.84 -80.77
CA LEU B 12 24.93 17.83 -80.38
C LEU B 12 25.61 18.44 -81.59
N GLN B 13 25.76 17.66 -82.65
CA GLN B 13 26.33 18.17 -83.90
C GLN B 13 25.53 19.36 -84.42
N ASP B 14 24.24 19.15 -84.65
CA ASP B 14 23.37 20.16 -85.21
C ASP B 14 23.27 21.40 -84.34
N MET B 15 23.21 21.19 -83.02
CA MET B 15 23.18 22.31 -82.08
C MET B 15 24.48 23.09 -82.17
N GLY B 16 25.59 22.35 -82.28
CA GLY B 16 26.90 22.96 -82.41
C GLY B 16 27.04 23.76 -83.67
N ASP B 17 26.57 23.20 -84.79
CA ASP B 17 26.63 23.90 -86.06
C ASP B 17 25.69 25.10 -86.09
N ASP B 18 24.61 25.04 -85.33
CA ASP B 18 23.70 26.17 -85.19
C ASP B 18 24.40 27.29 -84.42
N VAL B 19 25.13 26.91 -83.38
CA VAL B 19 25.94 27.86 -82.62
C VAL B 19 27.05 28.37 -83.52
N TYR B 20 27.60 27.48 -84.34
CA TYR B 20 28.62 27.84 -85.30
C TYR B 20 28.11 28.93 -86.23
N GLN B 21 26.91 28.74 -86.77
CA GLN B 21 26.27 29.72 -87.63
C GLN B 21 25.88 30.99 -86.88
N GLN B 22 25.57 30.84 -85.59
CA GLN B 22 25.17 31.97 -84.76
C GLN B 22 26.29 33.00 -84.61
N TYR B 23 27.51 32.52 -84.38
CA TYR B 23 28.64 33.39 -84.13
C TYR B 23 29.56 33.54 -85.34
N ARG B 24 29.21 32.86 -86.44
CA ARG B 24 30.05 32.86 -87.65
C ARG B 24 30.21 34.26 -88.22
N SER B 25 29.28 34.64 -89.10
CA SER B 25 29.28 35.95 -89.74
C SER B 25 30.59 36.25 -90.46
N GLU C 1 -11.89 18.10 -6.14
CA GLU C 1 -12.82 18.08 -7.28
C GLU C 1 -12.23 17.35 -8.48
N ASP C 2 -10.90 17.28 -8.54
CA ASP C 2 -10.22 16.50 -9.57
C ASP C 2 -9.31 15.49 -8.89
N GLU C 3 -9.81 14.26 -8.76
CA GLU C 3 -9.07 13.20 -8.08
C GLU C 3 -7.73 12.91 -8.76
N LEU C 4 -7.71 13.01 -10.08
CA LEU C 4 -6.49 12.78 -10.84
C LEU C 4 -5.41 13.81 -10.48
N TYR C 5 -5.82 15.06 -10.33
CA TYR C 5 -4.89 16.13 -9.98
C TYR C 5 -4.41 15.96 -8.55
N ARG C 6 -5.33 15.62 -7.66
CA ARG C 6 -5.01 15.43 -6.25
C ARG C 6 -4.05 14.25 -6.08
N GLN C 7 -4.37 13.13 -6.72
CA GLN C 7 -3.55 11.93 -6.65
C GLN C 7 -2.16 12.14 -7.25
N SER C 8 -2.13 12.77 -8.42
CA SER C 8 -0.86 13.05 -9.09
C SER C 8 0.03 13.95 -8.25
N LEU C 9 -0.58 14.97 -7.65
CA LEU C 9 0.15 15.93 -6.84
C LEU C 9 0.76 15.25 -5.63
N GLU C 10 0.00 14.35 -5.01
CA GLU C 10 0.47 13.62 -3.85
C GLU C 10 1.73 12.83 -4.18
N ILE C 11 1.63 11.96 -5.18
CA ILE C 11 2.76 11.14 -5.61
C ILE C 11 4.02 11.96 -5.91
N ILE C 12 3.86 12.98 -6.75
CA ILE C 12 4.98 13.82 -7.17
C ILE C 12 5.55 14.66 -6.03
N SER C 13 4.67 15.27 -5.23
CA SER C 13 5.11 16.09 -4.10
C SER C 13 5.74 15.22 -3.01
N ARG C 14 5.22 14.01 -2.84
CA ARG C 14 5.82 13.06 -1.91
C ARG C 14 7.23 12.73 -2.36
N TYR C 15 7.38 12.52 -3.66
CA TYR C 15 8.67 12.16 -4.23
C TYR C 15 9.68 13.29 -4.08
N LEU C 16 9.28 14.50 -4.46
CA LEU C 16 10.15 15.67 -4.40
C LEU C 16 10.58 16.03 -2.98
N ARG C 17 9.64 15.99 -2.04
CA ARG C 17 9.93 16.28 -0.64
C ARG C 17 10.93 15.30 -0.04
N GLU C 18 10.66 14.01 -0.18
CA GLU C 18 11.49 12.98 0.43
C GLU C 18 12.87 12.89 -0.21
N GLN C 19 12.94 13.20 -1.50
CA GLN C 19 14.22 13.21 -2.21
C GLN C 19 15.11 14.31 -1.65
N ALA C 20 14.49 15.43 -1.28
CA ALA C 20 15.21 16.57 -0.74
C ALA C 20 15.66 16.30 0.70
N THR C 21 14.74 15.82 1.52
CA THR C 21 15.06 15.51 2.91
C THR C 21 16.01 14.33 2.99
N GLY C 22 15.98 13.49 1.96
CA GLY C 22 16.79 12.29 1.93
C GLY C 22 16.12 11.16 2.68
N ALA C 23 15.25 11.51 3.62
CA ALA C 23 14.54 10.54 4.43
C ALA C 23 13.35 9.96 3.69
N LYS C 24 13.46 8.69 3.30
CA LYS C 24 12.36 7.97 2.68
C LYS C 24 11.19 7.90 3.65
N ASP C 25 10.25 8.84 3.51
CA ASP C 25 9.13 8.96 4.43
C ASP C 25 8.08 7.88 4.20
N THR C 26 7.80 7.10 5.24
CA THR C 26 6.83 6.02 5.15
C THR C 26 5.57 6.32 5.95
N LYS C 27 4.88 7.40 5.58
CA LYS C 27 3.60 7.73 6.19
C LYS C 27 2.53 7.77 5.09
N PRO C 28 1.94 6.60 4.80
CA PRO C 28 0.99 6.43 3.70
C PRO C 28 -0.47 6.53 4.13
N MET C 29 -1.36 7.06 3.26
CA MET C 29 -0.99 7.63 1.97
C MET C 29 -2.00 8.69 1.56
N GLY C 30 -3.25 8.26 1.34
CA GLY C 30 -4.32 9.14 0.92
C GLY C 30 -5.59 8.39 0.58
N ARG C 31 -6.34 8.91 -0.39
CA ARG C 31 -7.60 8.29 -0.78
C ARG C 31 -7.40 6.92 -1.41
N SER C 32 -6.92 6.89 -2.65
CA SER C 32 -6.68 5.66 -3.37
C SER C 32 -5.71 4.74 -2.60
N GLY C 33 -4.76 5.36 -1.90
CA GLY C 33 -3.85 4.64 -1.03
C GLY C 33 -3.01 3.59 -1.70
N ALA C 34 -3.65 2.55 -2.22
CA ALA C 34 -2.97 1.44 -2.87
C ALA C 34 -2.16 1.87 -4.08
N THR C 35 -2.86 2.25 -5.16
CA THR C 35 -2.24 2.69 -6.40
C THR C 35 -1.24 3.82 -6.18
N SER C 36 -1.63 4.76 -5.32
CA SER C 36 -0.79 5.92 -5.03
C SER C 36 0.54 5.52 -4.38
N ARG C 37 0.49 4.54 -3.47
CA ARG C 37 1.69 4.06 -2.81
C ARG C 37 2.55 3.27 -3.79
N LYS C 38 1.88 2.48 -4.64
CA LYS C 38 2.58 1.70 -5.67
C LYS C 38 3.22 2.62 -6.71
N ALA C 39 2.62 3.78 -6.93
CA ALA C 39 3.16 4.76 -7.86
C ALA C 39 4.39 5.44 -7.26
N LEU C 40 4.32 5.70 -5.96
CA LEU C 40 5.44 6.33 -5.25
C LEU C 40 6.63 5.38 -5.15
N GLU C 41 6.35 4.08 -5.00
CA GLU C 41 7.40 3.06 -4.96
C GLU C 41 8.06 2.92 -6.32
N THR C 42 7.24 2.91 -7.38
CA THR C 42 7.76 2.81 -8.73
C THR C 42 8.54 4.07 -9.11
N LEU C 43 8.07 5.21 -8.63
CA LEU C 43 8.73 6.49 -8.88
C LEU C 43 10.11 6.52 -8.25
N ARG C 44 10.21 6.01 -7.02
CA ARG C 44 11.49 5.94 -6.32
C ARG C 44 12.48 5.08 -7.08
N ARG C 45 12.12 3.81 -7.29
CA ARG C 45 13.00 2.86 -7.96
C ARG C 45 13.45 3.34 -9.34
N VAL C 46 12.49 3.58 -10.23
CA VAL C 46 12.81 3.99 -11.59
C VAL C 46 13.47 5.37 -11.64
N GLY C 47 12.91 6.31 -10.89
CA GLY C 47 13.40 7.68 -10.88
C GLY C 47 14.82 7.81 -10.37
N ASP C 48 15.14 7.11 -9.29
CA ASP C 48 16.49 7.14 -8.75
C ASP C 48 17.50 6.53 -9.73
N GLY C 49 17.02 5.60 -10.55
CA GLY C 49 17.84 5.01 -11.59
C GLY C 49 18.18 6.03 -12.66
N VAL C 50 17.20 6.84 -13.02
CA VAL C 50 17.39 7.89 -14.02
C VAL C 50 18.29 9.00 -13.47
N GLN C 51 18.07 9.35 -12.20
CA GLN C 51 18.86 10.37 -11.54
C GLN C 51 20.32 9.96 -11.37
N ARG C 52 20.58 8.67 -11.17
CA ARG C 52 21.95 8.18 -11.06
C ARG C 52 22.61 8.10 -12.44
N ASN C 53 21.81 7.77 -13.44
CA ASN C 53 22.30 7.64 -14.82
C ASN C 53 22.73 8.99 -15.39
N HIS C 54 21.92 10.02 -15.14
CA HIS C 54 22.16 11.33 -15.75
C HIS C 54 22.49 12.40 -14.71
N GLU C 55 23.05 11.98 -13.58
CA GLU C 55 23.42 12.91 -12.52
C GLU C 55 24.39 13.98 -13.02
N THR C 56 25.37 13.55 -13.80
CA THR C 56 26.35 14.45 -14.37
C THR C 56 25.67 15.50 -15.26
N ALA C 57 24.89 15.03 -16.23
CA ALA C 57 24.20 15.92 -17.15
C ALA C 57 23.17 16.81 -16.47
N PHE C 58 22.42 16.24 -15.52
CA PHE C 58 21.39 16.98 -14.80
C PHE C 58 21.97 18.20 -14.08
N GLN C 59 23.17 18.04 -13.54
CA GLN C 59 23.84 19.11 -12.80
C GLN C 59 24.09 20.34 -13.68
N GLY C 60 24.57 20.11 -14.89
CA GLY C 60 24.84 21.20 -15.80
C GLY C 60 23.56 21.81 -16.36
N MET C 61 22.57 20.96 -16.61
CA MET C 61 21.30 21.39 -17.16
C MET C 61 20.57 22.32 -16.19
N LEU C 62 20.54 21.94 -14.93
CA LEU C 62 19.92 22.76 -13.89
C LEU C 62 20.73 24.01 -13.62
N ARG C 63 22.05 23.90 -13.79
CA ARG C 63 22.95 25.03 -13.64
C ARG C 63 22.60 26.13 -14.65
N LYS C 64 22.34 25.72 -15.89
CA LYS C 64 22.02 26.67 -16.94
C LYS C 64 20.62 27.27 -16.80
N LEU C 65 19.77 26.64 -16.00
CA LEU C 65 18.44 27.15 -15.76
C LEU C 65 18.46 28.28 -14.74
N ASP C 66 19.49 28.29 -13.89
CA ASP C 66 19.70 29.34 -12.90
C ASP C 66 18.50 29.54 -11.98
N ILE C 67 18.12 28.48 -11.27
CA ILE C 67 16.99 28.54 -10.35
C ILE C 67 17.45 28.98 -8.97
N LYS C 68 17.06 30.19 -8.59
CA LYS C 68 17.48 30.75 -7.30
C LYS C 68 16.32 30.81 -6.31
N ASN C 69 15.22 31.44 -6.72
CA ASN C 69 14.07 31.59 -5.85
C ASN C 69 12.74 31.24 -6.51
N GLU C 70 11.64 31.54 -5.81
CA GLU C 70 10.29 31.17 -6.23
C GLU C 70 9.96 31.51 -7.67
N ASP C 71 10.32 32.71 -8.10
CA ASP C 71 10.00 33.19 -9.44
C ASP C 71 10.64 32.33 -10.53
N ASP C 72 11.76 31.68 -10.19
CA ASP C 72 12.49 30.87 -11.17
C ASP C 72 11.81 29.53 -11.45
N VAL C 73 10.87 29.15 -10.61
CA VAL C 73 10.11 27.92 -10.81
C VAL C 73 9.33 27.99 -12.13
N LYS C 74 8.86 29.19 -12.45
CA LYS C 74 8.14 29.44 -13.70
C LYS C 74 8.99 29.09 -14.92
N SER C 75 10.31 29.21 -14.78
CA SER C 75 11.22 28.85 -15.86
C SER C 75 11.19 27.35 -16.12
N LEU C 76 10.91 26.58 -15.09
CA LEU C 76 10.85 25.12 -15.22
C LEU C 76 9.58 24.68 -15.93
N SER C 77 8.52 25.45 -15.76
CA SER C 77 7.25 25.18 -16.42
C SER C 77 7.41 25.23 -17.94
N ARG C 78 8.20 26.19 -18.40
CA ARG C 78 8.47 26.35 -19.82
C ARG C 78 9.26 25.17 -20.36
N VAL C 79 10.19 24.66 -19.56
CA VAL C 79 10.98 23.50 -19.94
C VAL C 79 10.09 22.28 -20.14
N MET C 80 9.18 22.06 -19.19
CA MET C 80 8.31 20.89 -19.21
C MET C 80 7.41 20.86 -20.44
N ILE C 81 7.02 22.04 -20.93
CA ILE C 81 6.22 22.14 -22.14
C ILE C 81 7.06 21.72 -23.36
N HIS C 82 8.32 22.15 -23.38
CA HIS C 82 9.22 21.80 -24.48
C HIS C 82 9.51 20.30 -24.56
N VAL C 83 9.32 19.61 -23.44
CA VAL C 83 9.53 18.17 -23.40
C VAL C 83 8.47 17.44 -24.23
N PHE C 84 7.32 18.08 -24.42
CA PHE C 84 6.23 17.46 -25.16
C PHE C 84 5.90 18.18 -26.47
N SER C 85 6.67 19.22 -26.80
CA SER C 85 6.36 20.07 -27.94
C SER C 85 6.37 19.35 -29.29
N ASP C 86 6.91 18.14 -29.31
CA ASP C 86 6.96 17.35 -30.55
C ASP C 86 5.74 16.45 -30.69
N GLY C 87 4.77 16.63 -29.79
CA GLY C 87 3.52 15.89 -29.85
C GLY C 87 3.59 14.49 -29.30
N VAL C 88 4.81 14.03 -29.00
CA VAL C 88 5.03 12.68 -28.49
C VAL C 88 4.89 12.61 -26.97
N THR C 89 4.10 11.66 -26.49
CA THR C 89 3.92 11.47 -25.06
C THR C 89 4.08 10.01 -24.67
N ASN C 90 4.93 9.75 -23.69
CA ASN C 90 5.10 8.40 -23.14
C ASN C 90 5.54 8.44 -21.68
N TRP C 91 5.49 7.28 -21.03
CA TRP C 91 5.83 7.20 -19.62
C TRP C 91 7.30 7.49 -19.34
N GLY C 92 8.14 7.28 -20.35
CA GLY C 92 9.56 7.54 -20.21
C GLY C 92 9.86 9.02 -20.05
N ARG C 93 9.23 9.83 -20.88
CA ARG C 93 9.41 11.28 -20.82
C ARG C 93 8.78 11.86 -19.55
N ILE C 94 7.62 11.34 -19.18
CA ILE C 94 6.91 11.83 -18.00
C ILE C 94 7.69 11.55 -16.72
N VAL C 95 8.25 10.35 -16.60
CA VAL C 95 8.98 9.99 -15.39
C VAL C 95 10.34 10.69 -15.30
N THR C 96 10.96 10.95 -16.45
CA THR C 96 12.25 11.63 -16.48
C THR C 96 12.04 13.07 -16.04
N LEU C 97 10.91 13.68 -16.41
CA LEU C 97 10.53 15.00 -16.02
C LEU C 97 10.40 15.05 -14.50
N ILE C 98 9.80 14.04 -13.91
CA ILE C 98 9.66 13.96 -12.45
C ILE C 98 11.00 13.73 -11.78
N SER C 99 11.84 12.91 -12.41
CA SER C 99 13.19 12.64 -11.90
C SER C 99 14.04 13.91 -11.88
N PHE C 100 13.96 14.70 -12.94
CA PHE C 100 14.66 15.97 -13.00
C PHE C 100 14.04 16.97 -12.02
N GLY C 101 12.72 16.88 -11.86
CA GLY C 101 12.03 17.72 -10.90
C GLY C 101 12.51 17.44 -9.49
N ALA C 102 12.79 16.16 -9.22
CA ALA C 102 13.34 15.74 -7.93
C ALA C 102 14.77 16.24 -7.77
N PHE C 103 15.49 16.35 -8.89
CA PHE C 103 16.86 16.82 -8.87
C PHE C 103 16.89 18.30 -8.49
N VAL C 104 15.93 19.04 -9.02
CA VAL C 104 15.80 20.46 -8.67
C VAL C 104 15.45 20.58 -7.19
N ALA C 105 14.64 19.64 -6.70
CA ALA C 105 14.25 19.62 -5.29
C ALA C 105 15.45 19.46 -4.36
N LYS C 106 16.38 18.59 -4.74
CA LYS C 106 17.61 18.41 -3.98
C LYS C 106 18.39 19.72 -3.97
N HIS C 107 18.41 20.39 -5.11
CA HIS C 107 19.10 21.66 -5.28
C HIS C 107 18.50 22.77 -4.44
N LEU C 108 17.16 22.84 -4.42
CA LEU C 108 16.47 23.87 -3.65
C LEU C 108 16.81 23.77 -2.17
N LYS C 109 17.01 22.55 -1.69
CA LYS C 109 17.41 22.34 -0.30
C LYS C 109 18.83 22.84 -0.08
N THR C 110 19.66 22.67 -1.11
CA THR C 110 21.07 23.07 -1.02
C THR C 110 21.23 24.58 -0.88
N ILE C 111 20.47 25.34 -1.67
CA ILE C 111 20.54 26.79 -1.58
C ILE C 111 19.54 27.34 -0.57
N ASN C 112 19.09 26.48 0.33
CA ASN C 112 18.18 26.86 1.42
C ASN C 112 16.89 27.49 0.90
N GLN C 113 16.27 26.84 -0.07
CA GLN C 113 15.01 27.32 -0.65
C GLN C 113 13.97 26.21 -0.62
N GLU C 114 13.79 25.62 0.56
CA GLU C 114 12.85 24.52 0.72
C GLU C 114 11.40 24.93 0.53
N SER C 115 11.12 26.21 0.73
CA SER C 115 9.77 26.73 0.55
C SER C 115 9.32 26.67 -0.90
N CYS C 116 10.26 26.48 -1.81
CA CYS C 116 9.96 26.42 -3.24
C CYS C 116 9.69 24.99 -3.72
N ILE C 117 9.85 24.03 -2.81
CA ILE C 117 9.64 22.62 -3.14
C ILE C 117 8.20 22.33 -3.56
N GLU C 118 7.25 22.80 -2.76
CA GLU C 118 5.83 22.56 -3.04
C GLU C 118 5.33 23.24 -4.33
N PRO C 119 5.71 24.51 -4.57
CA PRO C 119 5.34 25.09 -5.86
C PRO C 119 6.00 24.36 -7.05
N LEU C 120 7.13 23.72 -6.80
CA LEU C 120 7.80 22.94 -7.83
C LEU C 120 6.97 21.72 -8.23
N ALA C 121 6.50 20.98 -7.22
CA ALA C 121 5.68 19.80 -7.47
C ALA C 121 4.34 20.18 -8.09
N GLU C 122 3.79 21.31 -7.65
CA GLU C 122 2.54 21.83 -8.19
C GLU C 122 2.67 22.18 -9.67
N SER C 123 3.78 22.82 -10.04
CA SER C 123 3.99 23.23 -11.42
C SER C 123 4.12 22.03 -12.35
N ILE C 124 4.77 20.98 -11.87
CA ILE C 124 4.90 19.74 -12.61
C ILE C 124 3.53 19.11 -12.79
N THR C 125 2.75 19.08 -11.72
CA THR C 125 1.41 18.52 -11.76
C THR C 125 0.49 19.35 -12.67
N ASP C 126 0.69 20.67 -12.68
CA ASP C 126 -0.10 21.55 -13.55
C ASP C 126 0.07 21.20 -15.02
N VAL C 127 1.32 21.26 -15.50
CA VAL C 127 1.62 20.95 -16.89
C VAL C 127 1.08 19.59 -17.32
N LEU C 128 1.31 18.57 -16.49
CA LEU C 128 0.86 17.22 -16.81
C LEU C 128 -0.66 17.12 -16.90
N VAL C 129 -1.35 17.66 -15.91
CA VAL C 129 -2.80 17.59 -15.87
C VAL C 129 -3.46 18.54 -16.87
N ARG C 130 -2.98 19.79 -16.93
CA ARG C 130 -3.56 20.78 -17.83
C ARG C 130 -3.45 20.39 -19.30
N THR C 131 -2.32 19.78 -19.66
CA THR C 131 -2.01 19.55 -21.07
C THR C 131 -2.10 18.09 -21.50
N LYS C 132 -2.11 17.16 -20.54
CA LYS C 132 -2.12 15.74 -20.88
C LYS C 132 -3.21 14.95 -20.15
N ARG C 133 -4.34 15.60 -19.87
CA ARG C 133 -5.48 14.94 -19.24
C ARG C 133 -5.94 13.72 -20.02
N ASP C 134 -6.11 13.90 -21.34
CA ASP C 134 -6.63 12.85 -22.20
C ASP C 134 -5.71 11.63 -22.27
N TRP C 135 -4.42 11.88 -22.49
CA TRP C 135 -3.44 10.81 -22.57
C TRP C 135 -3.39 10.02 -21.27
N LEU C 136 -3.44 10.73 -20.14
CA LEU C 136 -3.38 10.09 -18.83
C LEU C 136 -4.57 9.15 -18.59
N VAL C 137 -5.76 9.58 -18.99
CA VAL C 137 -6.95 8.76 -18.81
C VAL C 137 -6.95 7.58 -19.80
N LYS C 138 -6.57 7.84 -21.03
CA LYS C 138 -6.48 6.80 -22.05
C LYS C 138 -5.45 5.74 -21.66
N GLN C 139 -4.44 6.16 -20.91
CA GLN C 139 -3.42 5.23 -20.42
C GLN C 139 -3.76 4.76 -19.00
N ARG C 140 -4.98 5.07 -18.58
CA ARG C 140 -5.50 4.64 -17.28
C ARG C 140 -4.71 5.19 -16.08
N GLY C 141 -4.30 6.45 -16.20
CA GLY C 141 -3.68 7.16 -15.08
C GLY C 141 -2.44 6.51 -14.48
N TRP C 142 -2.38 6.49 -13.16
CA TRP C 142 -1.22 5.96 -12.44
C TRP C 142 -1.26 4.44 -12.32
N ASP C 143 -2.30 3.81 -12.87
CA ASP C 143 -2.34 2.36 -12.97
C ASP C 143 -1.61 1.92 -14.22
N GLY C 144 -1.67 2.77 -15.25
CA GLY C 144 -0.92 2.53 -16.47
C GLY C 144 0.52 2.93 -16.30
N PHE C 145 0.81 3.60 -15.18
CA PHE C 145 2.18 3.99 -14.84
C PHE C 145 2.91 2.82 -14.18
N VAL C 146 2.22 2.16 -13.26
CA VAL C 146 2.78 0.99 -12.58
C VAL C 146 2.83 -0.19 -13.53
N GLU C 147 1.86 -0.26 -14.45
CA GLU C 147 1.81 -1.32 -15.44
C GLU C 147 2.97 -1.26 -16.42
N PHE C 148 3.40 -0.06 -16.76
CA PHE C 148 4.46 0.13 -17.76
C PHE C 148 5.84 -0.23 -17.22
N PHE C 149 6.15 0.25 -16.02
CA PHE C 149 7.48 0.04 -15.43
C PHE C 149 7.53 -1.20 -14.55
N HIS C 150 6.64 -2.16 -14.80
CA HIS C 150 6.60 -3.38 -14.00
C HIS C 150 7.69 -4.37 -14.39
N VAL C 151 8.43 -4.84 -13.39
CA VAL C 151 9.44 -5.87 -13.59
C VAL C 151 9.17 -7.07 -12.68
N GLU C 152 9.24 -8.26 -13.25
CA GLU C 152 8.96 -9.48 -12.50
C GLU C 152 9.86 -10.64 -12.94
N ASP C 153 9.26 -11.80 -13.16
CA ASP C 153 9.93 -12.97 -13.75
C ASP C 153 10.93 -13.66 -12.81
N LEU C 154 11.62 -14.66 -13.35
CA LEU C 154 12.54 -15.53 -12.60
C LEU C 154 11.85 -16.43 -11.58
N GLU C 155 11.96 -17.73 -11.78
CA GLU C 155 11.36 -18.72 -10.89
C GLU C 155 12.12 -20.03 -10.91
N PRO D 1 18.74 30.49 -26.09
CA PRO D 1 18.86 31.91 -25.75
C PRO D 1 19.23 32.12 -24.29
N GLY D 2 19.00 33.33 -23.77
CA GLY D 2 19.28 33.65 -22.38
C GLY D 2 18.50 32.76 -21.43
N VAL D 3 17.41 32.18 -21.92
CA VAL D 3 16.64 31.20 -21.17
C VAL D 3 16.72 29.85 -21.89
N MET D 4 17.43 28.91 -21.28
CA MET D 4 17.81 27.66 -21.95
C MET D 4 16.77 26.55 -21.78
N THR D 5 15.50 26.88 -21.96
CA THR D 5 14.43 25.90 -21.82
C THR D 5 14.45 24.84 -22.92
N GLN D 6 14.88 25.23 -24.11
CA GLN D 6 14.83 24.35 -25.26
C GLN D 6 15.88 23.24 -25.22
N GLU D 7 17.12 23.60 -24.90
CA GLU D 7 18.20 22.61 -24.86
C GLU D 7 17.96 21.58 -23.77
N VAL D 8 17.62 22.05 -22.57
CA VAL D 8 17.33 21.17 -21.45
C VAL D 8 16.14 20.28 -21.77
N GLY D 9 15.10 20.89 -22.34
CA GLY D 9 13.91 20.16 -22.75
C GLY D 9 14.20 19.06 -23.76
N GLN D 10 14.96 19.41 -24.80
CA GLN D 10 15.33 18.43 -25.82
C GLN D 10 16.19 17.32 -25.23
N LEU D 11 17.11 17.70 -24.34
CA LEU D 11 17.93 16.71 -23.64
C LEU D 11 17.06 15.77 -22.81
N LEU D 12 16.06 16.35 -22.13
CA LEU D 12 15.13 15.56 -21.33
C LEU D 12 14.31 14.61 -22.20
N GLN D 13 13.97 15.05 -23.40
CA GLN D 13 13.22 14.23 -24.35
C GLN D 13 13.95 12.93 -24.67
N ASP D 14 15.22 13.04 -25.05
CA ASP D 14 16.01 11.89 -25.45
C ASP D 14 16.28 10.97 -24.28
N MET D 15 16.46 11.54 -23.09
CA MET D 15 16.66 10.76 -21.88
C MET D 15 15.38 9.99 -21.54
N GLY D 16 14.24 10.63 -21.77
CA GLY D 16 12.95 10.02 -21.51
C GLY D 16 12.67 8.86 -22.46
N ASP D 17 13.00 9.06 -23.74
CA ASP D 17 12.79 8.02 -24.74
C ASP D 17 13.72 6.83 -24.53
N ASP D 18 14.91 7.10 -24.00
CA ASP D 18 15.83 6.02 -23.65
C ASP D 18 15.26 5.19 -22.53
N VAL D 19 14.63 5.86 -21.57
CA VAL D 19 13.94 5.18 -20.48
C VAL D 19 12.77 4.39 -21.03
N TYR D 20 12.08 4.98 -22.01
CA TYR D 20 10.95 4.33 -22.66
C TYR D 20 11.40 3.03 -23.30
N GLN D 21 12.52 3.07 -24.01
CA GLN D 21 13.08 1.88 -24.64
C GLN D 21 13.56 0.85 -23.61
N GLN D 22 13.96 1.34 -22.44
CA GLN D 22 14.50 0.48 -21.40
C GLN D 22 13.45 -0.43 -20.77
N TYR D 23 12.28 0.13 -20.47
CA TYR D 23 11.26 -0.61 -19.74
C TYR D 23 10.10 -1.12 -20.60
N ARG D 24 10.06 -0.70 -21.86
CA ARG D 24 9.00 -1.13 -22.78
C ARG D 24 9.02 -2.64 -22.95
N SER D 25 7.84 -3.25 -22.96
CA SER D 25 7.70 -4.68 -23.16
C SER D 25 8.34 -5.11 -24.48
N LEU D 26 9.50 -5.75 -24.38
CA LEU D 26 10.29 -6.13 -25.54
C LEU D 26 9.54 -7.09 -26.46
N GLU E 1 -16.67 11.95 -45.86
CA GLU E 1 -15.26 11.73 -45.56
C GLU E 1 -14.54 11.00 -46.68
N ASP E 2 -13.23 11.20 -46.77
CA ASP E 2 -12.40 10.44 -47.68
C ASP E 2 -11.74 9.33 -46.87
N GLU E 3 -12.41 8.18 -46.79
CA GLU E 3 -11.94 7.04 -46.02
C GLU E 3 -10.53 6.61 -46.42
N LEU E 4 -10.23 6.77 -47.71
CA LEU E 4 -8.91 6.44 -48.23
C LEU E 4 -7.85 7.44 -47.73
N TYR E 5 -8.30 8.60 -47.27
CA TYR E 5 -7.39 9.65 -46.82
C TYR E 5 -6.90 9.43 -45.39
N ARG E 6 -7.82 9.13 -44.47
CA ARG E 6 -7.46 8.88 -43.09
C ARG E 6 -6.50 7.69 -42.99
N GLN E 7 -6.77 6.67 -43.81
CA GLN E 7 -5.92 5.49 -43.85
C GLN E 7 -4.56 5.82 -44.45
N SER E 8 -4.56 6.51 -45.59
CA SER E 8 -3.33 6.84 -46.30
C SER E 8 -2.45 7.75 -45.47
N LEU E 9 -3.06 8.78 -44.87
CA LEU E 9 -2.33 9.71 -44.01
C LEU E 9 -1.73 8.96 -42.85
N GLU E 10 -2.54 8.16 -42.16
CA GLU E 10 -2.09 7.37 -41.03
C GLU E 10 -0.88 6.52 -41.37
N ILE E 11 -0.90 5.89 -42.54
CA ILE E 11 0.21 5.03 -42.95
C ILE E 11 1.46 5.84 -43.29
N ILE E 12 1.29 6.87 -44.11
CA ILE E 12 2.40 7.69 -44.54
C ILE E 12 2.98 8.52 -43.39
N SER E 13 2.11 9.03 -42.52
CA SER E 13 2.54 9.80 -41.36
C SER E 13 3.31 8.94 -40.36
N ARG E 14 2.84 7.71 -40.16
CA ARG E 14 3.51 6.78 -39.25
C ARG E 14 4.89 6.36 -39.76
N TYR E 15 4.99 6.12 -41.07
CA TYR E 15 6.26 5.72 -41.67
C TYR E 15 7.29 6.85 -41.53
N LEU E 16 6.92 8.03 -42.00
CA LEU E 16 7.78 9.21 -41.93
C LEU E 16 8.23 9.51 -40.50
N ARG E 17 7.30 9.41 -39.58
CA ARG E 17 7.59 9.63 -38.17
C ARG E 17 8.64 8.67 -37.59
N GLU E 18 8.45 7.38 -37.75
CA GLU E 18 9.42 6.42 -37.21
C GLU E 18 10.74 6.40 -37.94
N GLN E 19 10.73 6.79 -39.19
CA GLN E 19 11.92 6.92 -39.97
C GLN E 19 12.70 8.13 -39.43
N ALA E 20 11.97 9.20 -39.11
CA ALA E 20 12.62 10.40 -38.58
C ALA E 20 13.05 10.20 -37.13
N THR E 21 12.16 9.65 -36.32
CA THR E 21 12.44 9.46 -34.89
C THR E 21 13.48 8.35 -34.68
N GLY E 22 13.75 7.59 -35.73
CA GLY E 22 14.80 6.60 -35.70
C GLY E 22 14.39 5.24 -35.19
N ALA E 23 13.31 5.19 -34.43
CA ALA E 23 12.82 3.93 -33.86
C ALA E 23 11.36 3.68 -34.22
N LYS E 24 11.08 2.54 -34.84
CA LYS E 24 9.74 2.23 -35.30
C LYS E 24 8.73 2.13 -34.16
N ASP E 25 7.51 2.60 -34.41
CA ASP E 25 6.44 2.57 -33.41
C ASP E 25 5.67 1.25 -33.52
N THR E 26 4.76 1.01 -32.58
CA THR E 26 4.07 -0.27 -32.51
C THR E 26 2.56 -0.15 -32.30
N LYS E 27 2.08 1.05 -32.01
CA LYS E 27 0.68 1.29 -31.70
C LYS E 27 -0.29 0.71 -32.73
N PRO E 28 -1.45 0.21 -32.26
CA PRO E 28 -2.52 -0.28 -33.13
C PRO E 28 -3.05 0.82 -34.06
N MET E 29 -3.64 0.43 -35.17
CA MET E 29 -4.14 1.40 -36.14
C MET E 29 -5.48 2.01 -35.74
N GLY E 30 -6.23 2.50 -36.73
CA GLY E 30 -7.45 3.25 -36.45
C GLY E 30 -8.75 2.50 -36.67
N ARG E 31 -9.12 2.32 -37.93
CA ARG E 31 -10.41 1.74 -38.30
C ARG E 31 -10.56 0.30 -37.78
N SER E 32 -9.61 -0.55 -38.15
CA SER E 32 -9.63 -1.94 -37.72
C SER E 32 -8.22 -2.50 -37.60
N GLY E 33 -7.32 -1.96 -38.42
CA GLY E 33 -5.95 -2.43 -38.47
C GLY E 33 -5.73 -3.29 -39.70
N ALA E 34 -5.13 -4.47 -39.50
CA ALA E 34 -4.90 -5.44 -40.57
C ALA E 34 -4.17 -4.84 -41.78
N THR E 35 -4.95 -4.29 -42.71
CA THR E 35 -4.43 -3.76 -43.97
C THR E 35 -3.42 -2.65 -43.75
N SER E 36 -3.79 -1.67 -42.92
CA SER E 36 -2.92 -0.52 -42.65
C SER E 36 -1.60 -0.96 -42.04
N ARG E 37 -1.66 -1.96 -41.16
CA ARG E 37 -0.44 -2.53 -40.58
C ARG E 37 0.39 -3.25 -41.64
N LYS E 38 -0.29 -4.01 -42.50
CA LYS E 38 0.36 -4.74 -43.57
C LYS E 38 1.03 -3.79 -44.55
N ALA E 39 0.37 -2.67 -44.82
CA ALA E 39 0.92 -1.63 -45.69
C ALA E 39 2.17 -1.01 -45.08
N LEU E 40 2.12 -0.72 -43.79
CA LEU E 40 3.25 -0.11 -43.12
C LEU E 40 4.44 -1.07 -43.05
N GLU E 41 4.17 -2.34 -42.79
CA GLU E 41 5.22 -3.35 -42.75
C GLU E 41 5.86 -3.51 -44.13
N THR E 42 5.02 -3.50 -45.16
CA THR E 42 5.48 -3.58 -46.55
C THR E 42 6.29 -2.34 -46.90
N LEU E 43 5.79 -1.18 -46.48
CA LEU E 43 6.46 0.08 -46.73
C LEU E 43 7.83 0.12 -46.06
N ARG E 44 7.98 -0.51 -44.92
CA ARG E 44 9.24 -0.59 -44.24
C ARG E 44 10.21 -1.42 -45.07
N ARG E 45 9.71 -2.55 -45.55
CA ARG E 45 10.55 -3.47 -46.31
C ARG E 45 11.06 -2.84 -47.59
N VAL E 46 10.12 -2.40 -48.43
CA VAL E 46 10.46 -1.81 -49.72
C VAL E 46 11.14 -0.46 -49.55
N GLY E 47 10.56 0.39 -48.71
CA GLY E 47 11.03 1.76 -48.52
C GLY E 47 12.46 1.85 -48.01
N ASP E 48 12.78 1.11 -46.95
CA ASP E 48 14.14 1.09 -46.43
C ASP E 48 15.11 0.55 -47.48
N GLY E 49 14.65 -0.43 -48.25
CA GLY E 49 15.44 -1.01 -49.32
C GLY E 49 15.74 0.00 -50.40
N VAL E 50 14.73 0.79 -50.76
CA VAL E 50 14.90 1.86 -51.74
C VAL E 50 15.90 2.90 -51.23
N GLN E 51 15.74 3.30 -49.98
CA GLN E 51 16.62 4.29 -49.39
C GLN E 51 18.06 3.81 -49.38
N ARG E 52 18.29 2.59 -48.89
CA ARG E 52 19.63 2.02 -48.86
C ARG E 52 20.23 1.93 -50.25
N ASN E 53 19.38 1.67 -51.24
CA ASN E 53 19.81 1.55 -52.63
C ASN E 53 20.10 2.90 -53.27
N HIS E 54 19.39 3.95 -52.83
CA HIS E 54 19.55 5.28 -53.41
C HIS E 54 19.82 6.37 -52.37
N GLU E 55 20.51 6.02 -51.30
CA GLU E 55 20.80 6.98 -50.23
C GLU E 55 21.71 8.11 -50.69
N THR E 56 22.76 7.76 -51.43
CA THR E 56 23.72 8.74 -51.91
C THR E 56 23.03 9.78 -52.79
N ALA E 57 22.28 9.32 -53.78
CA ALA E 57 21.57 10.21 -54.68
C ALA E 57 20.53 11.06 -53.94
N PHE E 58 19.80 10.46 -53.01
CA PHE E 58 18.83 11.19 -52.21
C PHE E 58 19.47 12.37 -51.47
N GLN E 59 20.69 12.17 -51.00
CA GLN E 59 21.41 13.19 -50.23
C GLN E 59 21.61 14.47 -51.02
N GLY E 60 22.02 14.33 -52.28
CA GLY E 60 22.23 15.49 -53.14
C GLY E 60 20.95 16.07 -53.68
N MET E 61 20.01 15.21 -54.07
CA MET E 61 18.72 15.64 -54.60
C MET E 61 17.98 16.52 -53.59
N LEU E 62 17.94 16.08 -52.34
CA LEU E 62 17.32 16.84 -51.26
C LEU E 62 18.08 18.12 -50.97
N ARG E 63 19.41 18.04 -51.05
CA ARG E 63 20.27 19.19 -50.80
C ARG E 63 19.96 20.32 -51.79
N LYS E 64 19.74 19.96 -53.04
CA LYS E 64 19.43 20.92 -54.09
C LYS E 64 18.10 21.64 -53.84
N LEU E 65 17.14 20.90 -53.30
CA LEU E 65 15.82 21.46 -53.02
C LEU E 65 15.88 22.49 -51.91
N ASP E 66 16.89 22.36 -51.06
CA ASP E 66 17.17 23.32 -49.99
C ASP E 66 15.98 23.52 -49.05
N ILE E 67 15.59 22.45 -48.36
CA ILE E 67 14.47 22.51 -47.43
C ILE E 67 14.96 22.95 -46.05
N LYS E 68 14.49 24.13 -45.62
CA LYS E 68 14.91 24.68 -44.34
C LYS E 68 13.76 24.75 -43.34
N ASN E 69 12.55 25.02 -43.84
CA ASN E 69 11.39 25.16 -42.97
C ASN E 69 10.07 24.78 -43.64
N GLU E 70 8.96 25.08 -42.97
CA GLU E 70 7.64 24.69 -43.42
C GLU E 70 7.22 25.39 -44.72
N ASP E 71 7.84 26.54 -45.00
CA ASP E 71 7.56 27.26 -46.24
C ASP E 71 8.08 26.50 -47.45
N ASP E 72 9.16 25.76 -47.26
CA ASP E 72 9.79 25.03 -48.35
C ASP E 72 9.09 23.69 -48.63
N VAL E 73 8.11 23.37 -47.80
CA VAL E 73 7.30 22.16 -47.99
C VAL E 73 6.57 22.20 -49.32
N LYS E 74 6.08 23.39 -49.67
CA LYS E 74 5.35 23.59 -50.92
C LYS E 74 6.20 23.24 -52.15
N SER E 75 7.51 23.44 -52.05
CA SER E 75 8.42 23.13 -53.13
C SER E 75 8.43 21.63 -53.41
N LEU E 76 8.27 20.85 -52.34
CA LEU E 76 8.27 19.39 -52.46
C LEU E 76 7.02 18.89 -53.17
N SER E 77 5.92 19.60 -53.02
CA SER E 77 4.66 19.23 -53.66
C SER E 77 4.79 19.20 -55.18
N ARG E 78 5.56 20.15 -55.71
CA ARG E 78 5.77 20.23 -57.16
C ARG E 78 6.68 19.12 -57.66
N VAL E 79 7.59 18.66 -56.79
CA VAL E 79 8.43 17.52 -57.10
C VAL E 79 7.59 16.26 -57.22
N MET E 80 6.64 16.10 -56.30
CA MET E 80 5.74 14.94 -56.29
C MET E 80 4.87 14.90 -57.53
N ILE E 81 4.42 16.07 -57.97
CA ILE E 81 3.60 16.17 -59.18
C ILE E 81 4.37 15.72 -60.42
N HIS E 82 5.63 16.13 -60.51
CA HIS E 82 6.48 15.80 -61.65
C HIS E 82 6.71 14.30 -61.81
N VAL E 83 6.55 13.56 -60.72
CA VAL E 83 6.76 12.12 -60.73
C VAL E 83 5.73 11.44 -61.64
N PHE E 84 4.50 11.95 -61.63
CA PHE E 84 3.41 11.37 -62.39
C PHE E 84 3.03 12.25 -63.58
N SER E 85 3.98 13.06 -64.04
CA SER E 85 3.71 14.05 -65.08
C SER E 85 3.53 13.43 -66.47
N ASP E 86 4.19 12.31 -66.73
CA ASP E 86 4.13 11.68 -68.04
C ASP E 86 2.91 10.77 -68.20
N GLY E 87 2.00 10.84 -67.24
CA GLY E 87 0.77 10.07 -67.28
C GLY E 87 0.93 8.64 -66.78
N VAL E 88 2.16 8.29 -66.43
CA VAL E 88 2.48 6.94 -65.97
C VAL E 88 2.30 6.80 -64.46
N THR E 89 1.72 5.69 -64.03
CA THR E 89 1.52 5.42 -62.61
C THR E 89 1.70 3.94 -62.30
N ASN E 90 2.54 3.65 -61.31
CA ASN E 90 2.69 2.29 -60.78
C ASN E 90 3.10 2.30 -59.31
N TRP E 91 3.02 1.14 -58.66
CA TRP E 91 3.33 1.05 -57.24
C TRP E 91 4.80 1.37 -56.93
N GLY E 92 5.68 1.13 -57.90
CA GLY E 92 7.08 1.45 -57.75
C GLY E 92 7.33 2.94 -57.59
N ARG E 93 6.65 3.73 -58.41
CA ARG E 93 6.78 5.19 -58.35
C ARG E 93 6.20 5.76 -57.07
N ILE E 94 5.14 5.15 -56.57
CA ILE E 94 4.49 5.63 -55.35
C ILE E 94 5.35 5.38 -54.11
N VAL E 95 5.91 4.17 -54.02
CA VAL E 95 6.72 3.81 -52.87
C VAL E 95 8.05 4.57 -52.85
N THR E 96 8.57 4.90 -54.04
CA THR E 96 9.81 5.67 -54.15
C THR E 96 9.61 7.10 -53.64
N LEU E 97 8.47 7.68 -54.00
CA LEU E 97 8.10 9.01 -53.52
C LEU E 97 7.98 9.06 -52.00
N ILE E 98 7.27 8.08 -51.44
CA ILE E 98 7.11 8.00 -49.99
C ILE E 98 8.47 7.71 -49.32
N SER E 99 9.32 6.97 -50.03
CA SER E 99 10.66 6.68 -49.53
C SER E 99 11.51 7.94 -49.48
N PHE E 100 11.33 8.79 -50.47
CA PHE E 100 12.05 10.07 -50.52
C PHE E 100 11.53 10.96 -49.41
N GLY E 101 10.23 10.86 -49.14
CA GLY E 101 9.61 11.60 -48.06
C GLY E 101 10.18 11.24 -46.71
N ALA E 102 10.41 9.95 -46.49
CA ALA E 102 11.01 9.48 -45.25
C ALA E 102 12.42 10.03 -45.13
N PHE E 103 13.14 10.07 -46.25
CA PHE E 103 14.48 10.61 -46.27
C PHE E 103 14.45 12.11 -45.93
N VAL E 104 13.44 12.81 -46.45
CA VAL E 104 13.23 14.22 -46.15
C VAL E 104 12.89 14.41 -44.67
N ALA E 105 12.12 13.49 -44.11
CA ALA E 105 11.71 13.57 -42.71
C ALA E 105 12.90 13.51 -41.75
N LYS E 106 13.87 12.66 -42.09
CA LYS E 106 15.10 12.53 -41.31
C LYS E 106 15.87 13.85 -41.32
N HIS E 107 15.89 14.48 -42.49
CA HIS E 107 16.53 15.78 -42.67
C HIS E 107 15.86 16.86 -41.83
N LEU E 108 14.53 16.80 -41.74
CA LEU E 108 13.77 17.77 -40.95
C LEU E 108 14.09 17.61 -39.47
N LYS E 109 14.37 16.37 -39.06
CA LYS E 109 14.79 16.10 -37.69
C LYS E 109 16.18 16.64 -37.45
N THR E 110 17.05 16.45 -38.45
CA THR E 110 18.45 16.86 -38.35
C THR E 110 18.60 18.38 -38.19
N ILE E 111 17.70 19.14 -38.79
CA ILE E 111 17.78 20.60 -38.69
C ILE E 111 16.75 21.20 -37.72
N ASN E 112 16.25 20.37 -36.82
CA ASN E 112 15.36 20.83 -35.74
C ASN E 112 14.05 21.43 -36.25
N GLN E 113 13.50 20.83 -37.30
CA GLN E 113 12.23 21.28 -37.85
C GLN E 113 11.22 20.13 -37.92
N GLU E 114 11.07 19.44 -36.79
CA GLU E 114 10.19 18.27 -36.73
C GLU E 114 8.72 18.63 -36.89
N SER E 115 8.38 19.90 -36.69
CA SER E 115 7.00 20.35 -36.82
C SER E 115 6.58 20.40 -38.29
N CYS E 116 7.53 20.17 -39.19
CA CYS E 116 7.27 20.18 -40.62
C CYS E 116 6.97 18.77 -41.14
N ILE E 117 7.22 17.77 -40.31
CA ILE E 117 7.06 16.38 -40.72
C ILE E 117 5.61 16.01 -41.02
N GLU E 118 4.71 16.28 -40.08
CA GLU E 118 3.28 16.02 -40.30
C GLU E 118 2.70 16.80 -41.50
N PRO E 119 3.06 18.09 -41.65
CA PRO E 119 2.67 18.78 -42.88
C PRO E 119 3.25 18.10 -44.13
N LEU E 120 4.45 17.55 -44.04
CA LEU E 120 5.05 16.86 -45.17
C LEU E 120 4.24 15.61 -45.52
N ALA E 121 3.83 14.86 -44.51
CA ALA E 121 3.03 13.65 -44.70
C ALA E 121 1.69 13.98 -45.34
N GLU E 122 1.13 15.13 -44.96
CA GLU E 122 -0.14 15.59 -45.51
C GLU E 122 0.01 15.93 -46.99
N SER E 123 1.11 16.60 -47.33
CA SER E 123 1.35 17.01 -48.71
C SER E 123 1.56 15.80 -49.62
N ILE E 124 2.16 14.75 -49.08
CA ILE E 124 2.35 13.51 -49.82
C ILE E 124 1.02 12.78 -49.99
N THR E 125 0.26 12.70 -48.90
CA THR E 125 -1.06 12.11 -48.92
C THR E 125 -1.98 12.88 -49.86
N ASP E 126 -1.76 14.19 -49.97
CA ASP E 126 -2.53 15.05 -50.86
C ASP E 126 -2.38 14.66 -52.33
N VAL E 127 -1.13 14.68 -52.81
CA VAL E 127 -0.83 14.40 -54.20
C VAL E 127 -1.44 13.09 -54.70
N LEU E 128 -1.26 12.01 -53.92
CA LEU E 128 -1.73 10.69 -54.32
C LEU E 128 -3.25 10.66 -54.47
N VAL E 129 -3.96 11.21 -53.49
CA VAL E 129 -5.41 11.21 -53.49
C VAL E 129 -6.01 12.22 -54.47
N ARG E 130 -5.40 13.40 -54.56
CA ARG E 130 -5.95 14.48 -55.38
C ARG E 130 -6.00 14.11 -56.87
N THR E 131 -4.87 13.70 -57.41
CA THR E 131 -4.77 13.48 -58.85
C THR E 131 -4.86 12.01 -59.25
N LYS E 132 -4.67 11.12 -58.29
CA LYS E 132 -4.64 9.69 -58.60
C LYS E 132 -5.60 8.88 -57.73
N ARG E 133 -6.77 9.44 -57.41
CA ARG E 133 -7.73 8.70 -56.59
C ARG E 133 -8.36 7.56 -57.37
N ASP E 134 -8.79 7.85 -58.60
CA ASP E 134 -9.38 6.85 -59.47
C ASP E 134 -8.47 5.64 -59.60
N TRP E 135 -7.20 5.90 -59.93
CA TRP E 135 -6.21 4.84 -60.07
C TRP E 135 -6.07 4.08 -58.76
N LEU E 136 -6.07 4.80 -57.65
CA LEU E 136 -5.92 4.18 -56.33
C LEU E 136 -7.05 3.23 -55.97
N VAL E 137 -8.30 3.67 -56.14
CA VAL E 137 -9.44 2.82 -55.82
C VAL E 137 -9.55 1.67 -56.81
N LYS E 138 -9.04 1.87 -58.02
CA LYS E 138 -9.08 0.83 -59.04
C LYS E 138 -8.06 -0.28 -58.75
N GLN E 139 -6.98 0.07 -58.07
CA GLN E 139 -5.96 -0.89 -57.68
C GLN E 139 -6.22 -1.40 -56.27
N ARG E 140 -7.46 -1.26 -55.81
CA ARG E 140 -7.86 -1.75 -54.49
C ARG E 140 -7.11 -1.07 -53.34
N GLY E 141 -6.71 0.18 -53.56
CA GLY E 141 -6.04 0.95 -52.53
C GLY E 141 -4.79 0.29 -51.95
N TRP E 142 -4.73 0.27 -50.62
CA TRP E 142 -3.54 -0.24 -49.94
C TRP E 142 -3.48 -1.77 -49.93
N ASP E 143 -4.62 -2.42 -50.20
CA ASP E 143 -4.62 -3.87 -50.36
C ASP E 143 -3.83 -4.26 -51.60
N GLY E 144 -3.93 -3.43 -52.64
CA GLY E 144 -3.20 -3.65 -53.88
C GLY E 144 -1.72 -3.34 -53.70
N PHE E 145 -1.43 -2.31 -52.91
CA PHE E 145 -0.05 -1.95 -52.57
C PHE E 145 0.65 -3.13 -51.90
N VAL E 146 -0.02 -3.75 -50.93
CA VAL E 146 0.52 -4.92 -50.24
C VAL E 146 0.67 -6.09 -51.20
N GLU E 147 -0.33 -6.28 -52.05
CA GLU E 147 -0.33 -7.39 -53.00
C GLU E 147 0.83 -7.30 -53.99
N PHE E 148 1.10 -6.09 -54.47
CA PHE E 148 2.16 -5.89 -55.45
C PHE E 148 3.52 -6.23 -54.89
N PHE E 149 3.81 -5.76 -53.68
CA PHE E 149 5.13 -5.95 -53.08
C PHE E 149 5.22 -7.23 -52.26
N HIS E 150 4.20 -8.07 -52.36
CA HIS E 150 4.26 -9.41 -51.76
C HIS E 150 5.29 -10.24 -52.51
N VAL E 151 6.09 -11.01 -51.79
CA VAL E 151 7.17 -11.79 -52.40
C VAL E 151 7.31 -13.17 -51.77
N GLU E 152 6.63 -13.37 -50.64
CA GLU E 152 6.77 -14.55 -49.77
C GLU E 152 7.20 -15.88 -50.41
N ASP E 153 8.16 -16.54 -49.76
CA ASP E 153 8.62 -17.85 -50.20
C ASP E 153 7.57 -18.90 -49.88
N LEU E 154 7.42 -19.21 -48.59
CA LEU E 154 6.43 -20.18 -48.13
C LEU E 154 5.01 -19.64 -48.30
N PRO F 1 16.72 31.89 -60.16
CA PRO F 1 16.38 32.17 -58.76
C PRO F 1 15.44 31.12 -58.18
N GLY F 2 15.33 29.98 -58.85
CA GLY F 2 14.46 28.91 -58.41
C GLY F 2 15.00 27.53 -58.73
N VAL F 3 14.90 26.62 -57.78
CA VAL F 3 15.36 25.25 -57.97
C VAL F 3 14.51 24.49 -58.98
N MET F 4 15.16 23.91 -59.98
CA MET F 4 14.46 23.11 -60.98
C MET F 4 13.99 21.80 -60.35
N THR F 5 12.68 21.61 -60.31
CA THR F 5 12.11 20.45 -59.64
C THR F 5 11.86 19.29 -60.59
N GLN F 6 11.86 19.57 -61.89
CA GLN F 6 11.69 18.51 -62.88
C GLN F 6 12.86 17.55 -62.83
N GLU F 7 14.05 18.07 -62.53
CA GLU F 7 15.25 17.26 -62.43
C GLU F 7 15.12 16.22 -61.33
N VAL F 8 14.82 16.68 -60.12
CA VAL F 8 14.61 15.78 -58.99
C VAL F 8 13.45 14.83 -59.27
N GLY F 9 12.39 15.38 -59.88
CA GLY F 9 11.23 14.60 -60.24
C GLY F 9 11.54 13.53 -61.27
N GLN F 10 12.34 13.90 -62.27
CA GLN F 10 12.72 12.97 -63.34
C GLN F 10 13.58 11.85 -62.81
N LEU F 11 14.45 12.18 -61.84
CA LEU F 11 15.26 11.16 -61.18
C LEU F 11 14.38 10.17 -60.42
N LEU F 12 13.44 10.69 -59.65
CA LEU F 12 12.52 9.85 -58.89
C LEU F 12 11.62 9.06 -59.82
N GLN F 13 11.30 9.67 -60.96
CA GLN F 13 10.52 9.02 -62.00
C GLN F 13 11.23 7.77 -62.49
N ASP F 14 12.53 7.91 -62.75
CA ASP F 14 13.34 6.79 -63.24
C ASP F 14 13.52 5.72 -62.17
N MET F 15 13.84 6.16 -60.95
CA MET F 15 14.06 5.23 -59.84
C MET F 15 12.82 4.41 -59.53
N GLY F 16 11.66 5.06 -59.58
CA GLY F 16 10.39 4.39 -59.34
C GLY F 16 10.11 3.28 -60.32
N ASP F 17 10.45 3.50 -61.59
CA ASP F 17 10.22 2.50 -62.62
C ASP F 17 11.15 1.30 -62.45
N ASP F 18 12.36 1.56 -61.94
CA ASP F 18 13.28 0.48 -61.63
C ASP F 18 12.73 -0.38 -60.49
N VAL F 19 12.21 0.28 -59.46
CA VAL F 19 11.58 -0.41 -58.33
C VAL F 19 10.37 -1.22 -58.80
N TYR F 20 9.63 -0.65 -59.75
CA TYR F 20 8.52 -1.38 -60.37
C TYR F 20 9.03 -2.63 -61.09
N GLN F 21 10.05 -2.46 -61.91
CA GLN F 21 10.63 -3.56 -62.68
C GLN F 21 11.26 -4.62 -61.79
N GLN F 22 11.82 -4.19 -60.66
CA GLN F 22 12.43 -5.11 -59.70
C GLN F 22 11.42 -6.19 -59.31
N TYR F 23 11.92 -7.41 -59.10
CA TYR F 23 11.04 -8.57 -58.93
C TYR F 23 10.08 -8.52 -57.74
N ARG F 24 9.47 -7.36 -57.54
CA ARG F 24 8.24 -7.25 -56.77
C ARG F 24 7.15 -7.56 -57.78
N SER F 25 7.41 -7.16 -59.02
CA SER F 25 6.48 -7.35 -60.12
C SER F 25 6.95 -8.44 -61.07
N LEU F 26 6.37 -8.47 -62.27
CA LEU F 26 6.72 -9.42 -63.31
C LEU F 26 6.59 -10.87 -62.85
N GLU G 1 61.82 30.03 2.63
CA GLU G 1 60.42 29.92 3.04
C GLU G 1 59.49 30.57 2.00
N ASP G 2 58.19 30.49 2.23
CA ASP G 2 57.23 31.02 1.27
C ASP G 2 56.59 32.32 1.76
N GLU G 3 57.23 33.43 1.38
CA GLU G 3 56.78 34.78 1.70
C GLU G 3 55.34 35.05 1.27
N LEU G 4 54.99 34.54 0.08
CA LEU G 4 53.64 34.68 -0.43
C LEU G 4 52.63 33.90 0.41
N TYR G 5 53.02 32.69 0.83
CA TYR G 5 52.14 31.85 1.63
C TYR G 5 51.92 32.46 3.01
N ARG G 6 53.00 32.90 3.65
CA ARG G 6 52.93 33.39 5.02
C ARG G 6 52.05 34.63 5.16
N GLN G 7 52.08 35.51 4.17
CA GLN G 7 51.28 36.72 4.21
C GLN G 7 49.82 36.37 3.95
N SER G 8 49.60 35.42 3.05
CA SER G 8 48.25 34.96 2.73
C SER G 8 47.59 34.33 3.97
N LEU G 9 48.36 33.56 4.72
CA LEU G 9 47.87 32.93 5.94
C LEU G 9 47.43 33.96 6.96
N GLU G 10 48.29 34.93 7.22
CA GLU G 10 48.02 35.97 8.20
C GLU G 10 46.73 36.73 7.89
N ILE G 11 46.57 37.15 6.64
CA ILE G 11 45.40 37.92 6.24
C ILE G 11 44.10 37.12 6.37
N ILE G 12 44.12 35.89 5.86
CA ILE G 12 42.92 35.06 5.87
C ILE G 12 42.58 34.62 7.29
N SER G 13 43.59 34.28 8.08
CA SER G 13 43.39 33.89 9.47
C SER G 13 42.80 35.05 10.27
N ARG G 14 43.31 36.25 10.04
CA ARG G 14 42.81 37.45 10.72
C ARG G 14 41.34 37.68 10.41
N TYR G 15 40.99 37.64 9.12
CA TYR G 15 39.62 37.86 8.70
C TYR G 15 38.68 36.81 9.30
N LEU G 16 39.03 35.55 9.14
CA LEU G 16 38.20 34.46 9.66
C LEU G 16 38.06 34.49 11.18
N ARG G 17 39.09 34.97 11.86
CA ARG G 17 39.07 35.07 13.32
C ARG G 17 38.14 36.19 13.79
N GLU G 18 38.26 37.36 13.17
CA GLU G 18 37.44 38.50 13.57
C GLU G 18 35.99 38.36 13.13
N GLN G 19 35.76 37.67 12.02
CA GLN G 19 34.41 37.39 11.55
C GLN G 19 33.69 36.48 12.54
N ALA G 20 34.41 35.46 13.01
CA ALA G 20 33.87 34.54 14.00
C ALA G 20 33.67 35.22 15.34
N THR G 21 34.70 35.96 15.78
CA THR G 21 34.64 36.70 17.04
C THR G 21 33.53 37.75 17.02
N GLY G 22 33.40 38.44 15.90
CA GLY G 22 32.39 39.47 15.75
C GLY G 22 33.00 40.86 15.69
N ALA G 23 34.11 41.03 16.40
CA ALA G 23 34.81 42.31 16.41
C ALA G 23 36.10 42.23 15.61
N LYS G 24 36.39 43.28 14.85
CA LYS G 24 37.65 43.38 14.12
C LYS G 24 38.79 43.38 15.14
N ASP G 25 39.98 42.97 14.74
CA ASP G 25 41.03 42.68 15.72
C ASP G 25 41.51 43.88 16.57
N THR G 26 42.13 44.93 16.01
CA THR G 26 42.58 45.04 14.62
C THR G 26 44.07 45.30 14.64
N LYS G 27 44.80 44.46 15.39
CA LYS G 27 46.23 44.65 15.64
C LYS G 27 47.04 44.82 14.36
N PRO G 28 47.92 45.84 14.33
CA PRO G 28 48.79 46.14 13.19
C PRO G 28 49.59 44.95 12.69
N MET G 29 49.56 44.74 11.38
CA MET G 29 50.41 43.77 10.70
C MET G 29 51.86 44.20 10.94
N GLY G 30 52.82 43.28 10.81
CA GLY G 30 52.63 41.93 10.30
C GLY G 30 53.53 41.76 9.09
N ARG G 31 54.82 41.92 9.32
CA ARG G 31 55.84 41.90 8.27
C ARG G 31 55.65 43.04 7.27
N SER G 32 55.12 42.74 6.09
CA SER G 32 54.79 43.78 5.11
C SER G 32 53.47 44.43 5.50
N GLY G 33 53.52 45.28 6.52
CA GLY G 33 52.33 45.79 7.19
C GLY G 33 51.33 46.56 6.33
N ALA G 34 51.83 47.43 5.46
CA ALA G 34 50.97 48.30 4.66
C ALA G 34 49.99 47.53 3.77
N THR G 35 50.53 46.73 2.86
CA THR G 35 49.72 45.95 1.93
C THR G 35 48.75 45.00 2.65
N SER G 36 49.27 44.29 3.65
CA SER G 36 48.48 43.31 4.40
C SER G 36 47.29 43.96 5.09
N ARG G 37 47.50 45.16 5.61
CA ARG G 37 46.43 45.89 6.27
C ARG G 37 45.36 46.34 5.26
N LYS G 38 45.82 46.78 4.09
CA LYS G 38 44.94 47.23 3.03
C LYS G 38 44.11 46.07 2.48
N ALA G 39 44.73 44.91 2.37
CA ALA G 39 44.07 43.71 1.89
C ALA G 39 42.95 43.30 2.83
N LEU G 40 43.21 43.38 4.14
CA LEU G 40 42.22 43.01 5.14
C LEU G 40 41.02 43.96 5.12
N GLU G 41 41.30 45.25 5.00
CA GLU G 41 40.24 46.25 4.90
C GLU G 41 39.42 46.02 3.63
N THR G 42 40.12 45.70 2.55
CA THR G 42 39.48 45.38 1.29
C THR G 42 38.65 44.11 1.44
N LEU G 43 39.23 43.11 2.10
CA LEU G 43 38.57 41.84 2.32
C LEU G 43 37.33 42.02 3.21
N ARG G 44 37.42 42.91 4.18
CA ARG G 44 36.26 43.22 5.02
C ARG G 44 35.13 43.83 4.19
N ARG G 45 35.49 44.68 3.24
CA ARG G 45 34.49 45.36 2.41
C ARG G 45 33.81 44.40 1.44
N VAL G 46 34.60 43.78 0.56
CA VAL G 46 34.06 42.88 -0.45
C VAL G 46 33.51 41.60 0.18
N GLY G 47 34.27 41.05 1.12
CA GLY G 47 33.91 39.80 1.78
C GLY G 47 32.57 39.86 2.51
N ASP G 48 32.35 40.90 3.30
CA ASP G 48 31.05 41.07 3.96
C ASP G 48 29.95 41.22 2.93
N GLY G 49 30.25 41.92 1.84
CA GLY G 49 29.29 42.15 0.77
C GLY G 49 28.84 40.86 0.13
N VAL G 50 29.79 39.97 -0.14
CA VAL G 50 29.49 38.65 -0.66
C VAL G 50 28.63 37.86 0.32
N GLN G 51 28.98 37.92 1.60
CA GLN G 51 28.24 37.20 2.63
C GLN G 51 26.82 37.73 2.76
N ARG G 52 26.67 39.05 2.74
CA ARG G 52 25.35 39.67 2.83
C ARG G 52 24.49 39.33 1.61
N ASN G 53 25.16 39.13 0.48
CA ASN G 53 24.47 38.84 -0.77
C ASN G 53 24.03 37.38 -0.89
N HIS G 54 24.89 36.46 -0.46
CA HIS G 54 24.63 35.03 -0.62
C HIS G 54 24.41 34.30 0.71
N GLU G 55 23.98 35.02 1.74
CA GLU G 55 23.83 34.43 3.07
C GLU G 55 22.87 33.24 3.14
N THR G 56 21.71 33.40 2.51
CA THR G 56 20.71 32.33 2.50
C THR G 56 21.29 31.07 1.85
N ALA G 57 21.92 31.27 0.69
CA ALA G 57 22.55 30.16 -0.03
C ALA G 57 23.67 29.51 0.78
N PHE G 58 24.51 30.33 1.38
CA PHE G 58 25.63 29.84 2.18
C PHE G 58 25.19 28.93 3.32
N GLN G 59 24.08 29.30 3.96
CA GLN G 59 23.55 28.53 5.07
C GLN G 59 23.23 27.09 4.67
N GLY G 60 22.57 26.93 3.53
CA GLY G 60 22.21 25.61 3.05
C GLY G 60 23.41 24.82 2.53
N MET G 61 24.27 25.50 1.78
CA MET G 61 25.46 24.89 1.20
C MET G 61 26.35 24.28 2.30
N LEU G 62 26.60 25.05 3.35
CA LEU G 62 27.40 24.60 4.48
C LEU G 62 26.70 23.48 5.25
N ARG G 63 25.38 23.57 5.34
CA ARG G 63 24.58 22.58 6.06
C ARG G 63 24.72 21.21 5.43
N LYS G 64 24.76 21.17 4.10
CA LYS G 64 24.88 19.91 3.36
C LYS G 64 26.25 19.27 3.55
N LEU G 65 27.26 20.10 3.78
CA LEU G 65 28.63 19.62 3.93
C LEU G 65 28.84 18.95 5.29
N ASP G 66 27.90 19.18 6.21
CA ASP G 66 27.88 18.53 7.51
C ASP G 66 29.20 18.71 8.27
N ILE G 67 29.53 19.95 8.60
CA ILE G 67 30.77 20.25 9.30
C ILE G 67 30.55 20.31 10.81
N LYS G 68 31.14 19.38 11.54
CA LYS G 68 30.93 19.27 12.97
C LYS G 68 32.23 19.40 13.78
N ASN G 69 33.33 18.93 13.21
CA ASN G 69 34.63 19.02 13.87
C ASN G 69 35.78 19.17 12.88
N GLU G 70 37.01 19.13 13.38
CA GLU G 70 38.19 19.40 12.56
C GLU G 70 38.41 18.38 11.45
N ASP G 71 37.90 17.16 11.66
CA ASP G 71 38.00 16.12 10.64
C ASP G 71 37.24 16.49 9.38
N ASP G 72 36.18 17.28 9.54
CA ASP G 72 35.36 17.71 8.42
C ASP G 72 35.94 18.92 7.71
N VAL G 73 36.89 19.59 8.34
CA VAL G 73 37.56 20.74 7.73
C VAL G 73 38.28 20.30 6.46
N LYS G 74 38.80 19.08 6.48
CA LYS G 74 39.52 18.52 5.34
C LYS G 74 38.57 18.29 4.16
N SER G 75 37.30 18.12 4.46
CA SER G 75 36.31 17.87 3.41
C SER G 75 36.06 19.13 2.59
N LEU G 76 36.29 20.29 3.21
CA LEU G 76 36.10 21.56 2.54
C LEU G 76 37.21 21.81 1.52
N SER G 77 38.30 21.07 1.65
CA SER G 77 39.43 21.18 0.73
C SER G 77 39.03 20.73 -0.67
N ARG G 78 38.24 19.67 -0.74
CA ARG G 78 37.76 19.15 -2.03
C ARG G 78 36.85 20.17 -2.71
N VAL G 79 36.11 20.92 -1.91
CA VAL G 79 35.22 21.97 -2.43
C VAL G 79 36.03 23.12 -3.03
N MET G 80 37.02 23.59 -2.29
CA MET G 80 37.86 24.70 -2.73
C MET G 80 38.62 24.38 -4.02
N ILE G 81 39.02 23.13 -4.18
CA ILE G 81 39.68 22.66 -5.39
C ILE G 81 38.73 22.74 -6.58
N HIS G 82 37.47 22.38 -6.34
CA HIS G 82 36.46 22.35 -7.39
C HIS G 82 36.09 23.74 -7.92
N VAL G 83 36.28 24.75 -7.08
CA VAL G 83 35.98 26.13 -7.47
C VAL G 83 36.80 26.55 -8.68
N PHE G 84 37.97 25.95 -8.83
CA PHE G 84 38.85 26.26 -9.95
C PHE G 84 38.91 25.12 -10.96
N SER G 85 38.11 24.08 -10.74
CA SER G 85 38.19 22.85 -11.54
C SER G 85 37.74 23.05 -13.00
N ASP G 86 38.38 24.00 -13.68
CA ASP G 86 38.08 24.29 -15.08
C ASP G 86 39.16 25.21 -15.64
N GLY G 87 40.20 25.42 -14.86
CA GLY G 87 41.31 26.28 -15.26
C GLY G 87 41.09 27.73 -14.88
N VAL G 88 39.83 28.15 -14.91
CA VAL G 88 39.45 29.54 -14.64
C VAL G 88 39.90 30.01 -13.26
N THR G 89 40.53 31.19 -13.23
CA THR G 89 40.95 31.81 -11.97
C THR G 89 40.85 33.33 -12.05
N ASN G 90 40.05 33.90 -11.17
CA ASN G 90 39.98 35.36 -11.03
C ASN G 90 39.85 35.77 -9.56
N TRP G 91 39.97 37.07 -9.31
CA TRP G 91 39.91 37.58 -7.95
C TRP G 91 38.53 37.39 -7.31
N GLY G 92 37.50 37.35 -8.14
CA GLY G 92 36.15 37.14 -7.65
C GLY G 92 35.96 35.76 -7.07
N ARG G 93 36.49 34.75 -7.75
CA ARG G 93 36.41 33.37 -7.28
C ARG G 93 37.20 33.16 -5.99
N ILE G 94 38.31 33.89 -5.87
CA ILE G 94 39.16 33.79 -4.68
C ILE G 94 38.51 34.43 -3.47
N VAL G 95 37.96 35.63 -3.65
CA VAL G 95 37.39 36.37 -2.54
C VAL G 95 36.08 35.73 -2.06
N THR G 96 35.42 35.01 -2.95
CA THR G 96 34.19 34.28 -2.61
C THR G 96 34.52 33.07 -1.74
N LEU G 97 35.59 32.38 -2.10
CA LEU G 97 36.10 31.24 -1.34
C LEU G 97 36.46 31.66 0.09
N ILE G 98 37.15 32.79 0.21
CA ILE G 98 37.49 33.34 1.51
C ILE G 98 36.23 33.77 2.28
N SER G 99 35.26 34.31 1.55
CA SER G 99 34.00 34.76 2.14
C SER G 99 33.20 33.57 2.67
N PHE G 100 33.24 32.46 1.95
CA PHE G 100 32.56 31.25 2.41
C PHE G 100 33.31 30.68 3.60
N GLY G 101 34.62 30.92 3.63
CA GLY G 101 35.46 30.50 4.74
C GLY G 101 35.12 31.22 6.03
N ALA G 102 34.85 32.52 5.93
CA ALA G 102 34.46 33.31 7.08
C ALA G 102 33.10 32.86 7.60
N PHE G 103 32.22 32.48 6.67
CA PHE G 103 30.90 31.99 7.04
C PHE G 103 31.00 30.66 7.79
N VAL G 104 31.92 29.81 7.34
CA VAL G 104 32.16 28.52 8.00
C VAL G 104 32.75 28.74 9.39
N ALA G 105 33.59 29.77 9.51
CA ALA G 105 34.23 30.11 10.77
C ALA G 105 33.21 30.50 11.84
N LYS G 106 32.20 31.25 11.42
CA LYS G 106 31.12 31.65 12.32
C LYS G 106 30.35 30.42 12.80
N HIS G 107 30.11 29.49 11.89
CA HIS G 107 29.43 28.25 12.21
C HIS G 107 30.23 27.46 13.24
N LEU G 108 31.55 27.43 13.07
CA LEU G 108 32.42 26.69 13.97
C LEU G 108 32.33 27.21 15.40
N LYS G 109 32.27 28.52 15.56
CA LYS G 109 32.13 29.14 16.87
C LYS G 109 30.75 28.84 17.44
N THR G 110 29.74 28.79 16.57
CA THR G 110 28.37 28.52 16.99
C THR G 110 28.22 27.12 17.55
N ILE G 111 28.97 26.17 17.00
CA ILE G 111 28.93 24.80 17.51
C ILE G 111 30.09 24.52 18.48
N ASN G 112 30.66 25.59 19.02
CA ASN G 112 31.71 25.49 20.04
C ASN G 112 32.95 24.74 19.57
N GLN G 113 33.32 24.94 18.32
CA GLN G 113 34.50 24.30 17.76
C GLN G 113 35.47 25.34 17.19
N GLU G 114 35.81 26.34 18.00
CA GLU G 114 36.70 27.41 17.59
C GLU G 114 38.12 26.93 17.26
N SER G 115 38.46 25.72 17.71
CA SER G 115 39.78 25.16 17.47
C SER G 115 39.95 24.71 16.02
N CYS G 116 38.87 24.78 15.26
CA CYS G 116 38.90 24.37 13.86
C CYS G 116 39.04 25.58 12.94
N ILE G 117 38.89 26.78 13.49
CA ILE G 117 38.97 28.01 12.71
C ILE G 117 40.34 28.19 12.08
N GLU G 118 41.39 28.07 12.92
CA GLU G 118 42.76 28.22 12.47
C GLU G 118 43.19 27.16 11.43
N PRO G 119 42.85 25.87 11.64
CA PRO G 119 43.14 24.92 10.57
C PRO G 119 42.35 25.19 9.29
N LEU G 120 41.16 25.78 9.41
CA LEU G 120 40.37 26.14 8.24
C LEU G 120 41.08 27.20 7.39
N ALA G 121 41.59 28.24 8.05
CA ALA G 121 42.27 29.32 7.36
C ALA G 121 43.51 28.80 6.65
N GLU G 122 44.17 27.84 7.29
CA GLU G 122 45.35 27.19 6.72
C GLU G 122 44.99 26.42 5.46
N SER G 123 43.89 25.67 5.52
CA SER G 123 43.42 24.90 4.37
C SER G 123 43.04 25.83 3.22
N ILE G 124 42.44 26.97 3.55
CA ILE G 124 42.11 27.97 2.55
C ILE G 124 43.39 28.53 1.94
N THR G 125 44.32 28.93 2.79
CA THR G 125 45.60 29.45 2.36
C THR G 125 46.35 28.42 1.50
N ASP G 126 46.25 27.16 1.89
CA ASP G 126 46.91 26.06 1.19
C ASP G 126 46.49 25.97 -0.27
N VAL G 127 45.20 25.84 -0.50
CA VAL G 127 44.64 25.70 -1.84
C VAL G 127 45.01 26.87 -2.75
N LEU G 128 44.92 28.08 -2.22
CA LEU G 128 45.26 29.27 -3.00
C LEU G 128 46.71 29.24 -3.46
N VAL G 129 47.62 28.98 -2.52
CA VAL G 129 49.05 28.98 -2.81
C VAL G 129 49.49 27.74 -3.61
N ARG G 130 49.06 26.55 -3.18
CA ARG G 130 49.52 25.32 -3.80
C ARG G 130 49.25 25.22 -5.30
N THR G 131 48.03 25.54 -5.70
CA THR G 131 47.59 25.27 -7.07
C THR G 131 47.67 26.49 -7.99
N LYS G 132 47.67 27.68 -7.39
CA LYS G 132 47.68 28.91 -8.19
C LYS G 132 48.70 29.93 -7.69
N ARG G 133 49.88 29.46 -7.31
CA ARG G 133 50.94 30.37 -6.88
C ARG G 133 51.45 31.19 -8.05
N ASP G 134 51.64 30.53 -9.18
CA ASP G 134 52.12 31.18 -10.41
C ASP G 134 51.15 32.27 -10.82
N TRP G 135 49.86 32.04 -10.57
CA TRP G 135 48.84 33.05 -10.85
C TRP G 135 48.98 34.20 -9.87
N LEU G 136 49.07 33.86 -8.59
CA LEU G 136 49.16 34.88 -7.53
C LEU G 136 50.35 35.83 -7.66
N VAL G 137 51.53 35.28 -7.97
CA VAL G 137 52.71 36.12 -8.16
C VAL G 137 52.52 37.01 -9.38
N LYS G 138 51.89 36.47 -10.42
CA LYS G 138 51.61 37.22 -11.64
C LYS G 138 50.67 38.40 -11.42
N GLN G 139 49.68 38.23 -10.56
CA GLN G 139 48.74 39.32 -10.25
C GLN G 139 49.29 40.18 -9.11
N ARG G 140 50.59 40.06 -8.85
CA ARG G 140 51.27 40.86 -7.84
C ARG G 140 50.73 40.63 -6.42
N GLY G 141 50.32 39.40 -6.14
CA GLY G 141 49.89 39.01 -4.81
C GLY G 141 48.74 39.82 -4.26
N TRP G 142 48.89 40.29 -3.04
CA TRP G 142 47.82 41.02 -2.37
C TRP G 142 47.76 42.49 -2.77
N ASP G 143 48.83 42.99 -3.36
CA ASP G 143 48.81 44.34 -3.94
C ASP G 143 47.82 44.37 -5.10
N GLY G 144 47.79 43.28 -5.86
CA GLY G 144 46.86 43.15 -6.98
C GLY G 144 45.45 42.89 -6.51
N PHE G 145 45.32 42.16 -5.40
CA PHE G 145 44.01 41.95 -4.80
C PHE G 145 43.40 43.29 -4.40
N VAL G 146 44.21 44.13 -3.76
CA VAL G 146 43.79 45.48 -3.37
C VAL G 146 43.46 46.32 -4.59
N GLU G 147 44.31 46.23 -5.61
CA GLU G 147 44.12 47.02 -6.82
C GLU G 147 42.81 46.68 -7.53
N PHE G 148 42.51 45.39 -7.64
CA PHE G 148 41.30 44.95 -8.36
C PHE G 148 40.01 45.43 -7.70
N PHE G 149 39.97 45.43 -6.37
CA PHE G 149 38.75 45.76 -5.65
C PHE G 149 38.69 47.21 -5.20
N HIS G 150 39.65 48.01 -5.65
CA HIS G 150 39.62 49.44 -5.41
C HIS G 150 38.50 50.07 -6.21
N VAL G 151 37.61 50.80 -5.53
CA VAL G 151 36.53 51.49 -6.22
C VAL G 151 36.87 52.97 -6.35
N GLU G 152 36.55 53.55 -7.52
CA GLU G 152 36.93 54.91 -7.87
C GLU G 152 36.59 55.94 -6.78
N ASP G 153 37.36 57.02 -6.77
CA ASP G 153 37.36 58.01 -5.68
C ASP G 153 35.99 58.54 -5.25
N LEU G 154 35.72 59.80 -5.59
CA LEU G 154 34.51 60.49 -5.17
C LEU G 154 34.36 60.48 -3.64
N PRO H 1 28.15 12.81 -2.93
CA PRO H 1 27.51 11.89 -1.98
C PRO H 1 28.50 10.84 -1.49
N GLY H 2 28.75 10.78 -0.18
CA GLY H 2 28.05 11.61 0.79
C GLY H 2 28.72 12.93 1.11
N VAL H 3 29.31 13.55 0.09
CA VAL H 3 29.81 14.91 0.20
C VAL H 3 29.86 15.58 -1.18
N MET H 4 28.75 16.24 -1.53
CA MET H 4 28.63 16.88 -2.83
C MET H 4 29.57 18.07 -2.99
N THR H 5 30.85 17.77 -3.21
CA THR H 5 31.87 18.81 -3.40
C THR H 5 31.68 19.50 -4.75
N GLN H 6 31.30 18.72 -5.76
CA GLN H 6 31.07 19.24 -7.09
C GLN H 6 29.89 20.21 -7.10
N GLU H 7 28.88 19.92 -6.29
CA GLU H 7 27.67 20.73 -6.24
C GLU H 7 27.93 22.11 -5.64
N VAL H 8 28.39 22.11 -4.39
CA VAL H 8 28.71 23.36 -3.70
C VAL H 8 29.87 24.08 -4.39
N GLY H 9 30.79 23.29 -4.93
CA GLY H 9 31.91 23.83 -5.69
C GLY H 9 31.46 24.60 -6.90
N GLN H 10 30.48 24.05 -7.63
CA GLN H 10 29.95 24.70 -8.83
C GLN H 10 29.15 25.95 -8.47
N LEU H 11 28.44 25.89 -7.35
CA LEU H 11 27.68 27.04 -6.87
C LEU H 11 28.61 28.20 -6.53
N LEU H 12 29.72 27.89 -5.87
CA LEU H 12 30.71 28.92 -5.54
C LEU H 12 31.36 29.49 -6.79
N GLN H 13 31.48 28.66 -7.82
CA GLN H 13 32.05 29.10 -9.10
C GLN H 13 31.24 30.22 -9.73
N ASP H 14 29.92 30.03 -9.79
CA ASP H 14 29.03 31.03 -10.35
C ASP H 14 29.04 32.32 -9.54
N MET H 15 28.97 32.19 -8.21
CA MET H 15 28.97 33.36 -7.33
C MET H 15 30.25 34.17 -7.47
N GLY H 16 31.38 33.47 -7.50
CA GLY H 16 32.68 34.10 -7.66
C GLY H 16 32.80 34.80 -9.00
N ASP H 17 32.24 34.19 -10.04
CA ASP H 17 32.26 34.78 -11.37
C ASP H 17 31.38 36.02 -11.46
N ASP H 18 30.30 36.03 -10.70
CA ASP H 18 29.44 37.21 -10.63
C ASP H 18 30.16 38.34 -9.93
N VAL H 19 30.91 38.00 -8.89
CA VAL H 19 31.71 38.96 -8.14
C VAL H 19 32.78 39.58 -9.05
N TYR H 20 33.37 38.76 -9.91
CA TYR H 20 34.35 39.25 -10.86
C TYR H 20 33.72 40.23 -11.84
N GLN H 21 32.47 39.95 -12.23
CA GLN H 21 31.74 40.82 -13.13
C GLN H 21 31.43 42.16 -12.47
N GLN H 22 31.22 42.12 -11.16
CA GLN H 22 30.83 43.30 -10.40
C GLN H 22 31.95 44.33 -10.26
N TYR H 23 33.17 43.86 -10.05
CA TYR H 23 34.29 44.75 -9.72
C TYR H 23 35.28 45.01 -10.85
N ARG H 24 35.20 44.23 -11.93
CA ARG H 24 36.14 44.34 -13.03
C ARG H 24 36.05 45.73 -13.67
N SER H 25 37.16 46.18 -14.26
CA SER H 25 37.16 47.45 -14.97
C SER H 25 36.35 47.30 -16.26
N LEU H 26 35.47 48.26 -16.51
CA LEU H 26 34.59 48.20 -17.68
C LEU H 26 35.24 48.83 -18.90
N GLU I 1 57.43 25.27 -32.69
CA GLU I 1 57.94 24.89 -34.01
C GLU I 1 56.92 25.24 -35.08
N ASP I 2 55.65 25.06 -34.75
CA ASP I 2 54.56 25.49 -35.63
C ASP I 2 53.87 26.68 -34.98
N GLU I 3 54.34 27.88 -35.32
CA GLU I 3 53.81 29.11 -34.77
C GLU I 3 52.34 29.29 -35.19
N LEU I 4 52.03 28.80 -36.38
CA LEU I 4 50.67 28.87 -36.91
C LEU I 4 49.71 28.03 -36.07
N TYR I 5 50.16 26.84 -35.67
CA TYR I 5 49.34 25.94 -34.87
C TYR I 5 49.07 26.52 -33.48
N ARG I 6 50.12 27.05 -32.86
CA ARG I 6 50.01 27.60 -31.51
C ARG I 6 49.04 28.77 -31.48
N GLN I 7 49.18 29.68 -32.45
CA GLN I 7 48.34 30.85 -32.53
C GLN I 7 46.90 30.47 -32.83
N SER I 8 46.72 29.47 -33.69
CA SER I 8 45.39 28.99 -34.06
C SER I 8 44.68 28.36 -32.87
N LEU I 9 45.36 27.46 -32.18
CA LEU I 9 44.80 26.81 -31.00
C LEU I 9 44.48 27.84 -29.92
N GLU I 10 45.32 28.86 -29.83
CA GLU I 10 45.13 29.93 -28.84
C GLU I 10 43.87 30.74 -29.09
N ILE I 11 43.67 31.16 -30.33
CA ILE I 11 42.50 31.96 -30.69
C ILE I 11 41.21 31.15 -30.59
N ILE I 12 41.25 29.92 -31.07
CA ILE I 12 40.08 29.05 -31.09
C ILE I 12 39.67 28.64 -29.68
N SER I 13 40.65 28.30 -28.85
CA SER I 13 40.36 27.94 -27.46
C SER I 13 39.76 29.10 -26.69
N ARG I 14 40.32 30.29 -26.88
CA ARG I 14 39.84 31.51 -26.21
C ARG I 14 38.39 31.80 -26.55
N TYR I 15 38.04 31.69 -27.83
CA TYR I 15 36.67 31.92 -28.27
C TYR I 15 35.70 30.88 -27.71
N LEU I 16 36.05 29.61 -27.87
CA LEU I 16 35.20 28.52 -27.42
C LEU I 16 34.95 28.53 -25.91
N ARG I 17 36.03 28.61 -25.14
CA ARG I 17 35.94 28.57 -23.68
C ARG I 17 35.10 29.71 -23.12
N GLU I 18 35.18 30.88 -23.75
CA GLU I 18 34.44 32.04 -23.28
C GLU I 18 32.98 32.03 -23.75
N GLN I 19 32.74 31.38 -24.88
CA GLN I 19 31.37 31.16 -25.34
C GLN I 19 30.70 30.19 -24.39
N ALA I 20 31.48 29.26 -23.86
CA ALA I 20 30.98 28.32 -22.87
C ALA I 20 30.73 29.01 -21.53
N THR I 21 31.56 29.98 -21.21
CA THR I 21 31.46 30.69 -19.92
C THR I 21 30.27 31.62 -19.89
N GLY I 22 30.03 32.33 -20.99
CA GLY I 22 28.94 33.29 -21.06
C GLY I 22 29.45 34.71 -20.80
N ALA I 23 30.77 34.85 -20.84
CA ALA I 23 31.41 36.15 -20.65
C ALA I 23 32.77 36.13 -21.35
N LYS I 24 33.24 37.30 -21.76
CA LYS I 24 34.48 37.38 -22.54
C LYS I 24 35.74 37.59 -21.71
N ASP I 25 36.80 36.86 -22.08
CA ASP I 25 38.11 37.01 -21.44
C ASP I 25 39.01 37.85 -22.33
N THR I 26 39.45 39.00 -21.81
CA THR I 26 40.15 39.99 -22.62
C THR I 26 41.66 40.02 -22.35
N LYS I 27 42.13 39.16 -21.44
CA LYS I 27 43.54 39.13 -21.07
C LYS I 27 44.46 38.95 -22.27
N PRO I 28 45.65 39.60 -22.23
CA PRO I 28 46.63 39.61 -23.33
C PRO I 28 46.94 38.24 -23.91
N MET I 29 47.39 38.22 -25.17
CA MET I 29 47.71 36.98 -25.86
C MET I 29 49.18 36.59 -25.69
N GLY I 30 49.51 35.39 -26.15
CA GLY I 30 50.87 34.85 -26.02
C GLY I 30 51.90 35.62 -26.82
N ARG I 31 52.11 35.21 -28.06
CA ARG I 31 53.11 35.83 -28.91
C ARG I 31 52.61 37.14 -29.52
N SER I 32 52.35 37.12 -30.82
CA SER I 32 51.85 38.31 -31.52
C SER I 32 50.48 38.70 -30.96
N GLY I 33 50.48 39.54 -29.94
CA GLY I 33 49.27 39.92 -29.24
C GLY I 33 48.25 40.66 -30.07
N ALA I 34 48.71 41.62 -30.87
CA ALA I 34 47.83 42.47 -31.65
C ALA I 34 47.01 41.69 -32.67
N THR I 35 47.68 40.85 -33.46
CA THR I 35 47.02 40.06 -34.48
C THR I 35 45.99 39.11 -33.88
N SER I 36 46.41 38.39 -32.84
CA SER I 36 45.55 37.42 -32.19
C SER I 36 44.33 38.07 -31.54
N ARG I 37 44.56 39.21 -30.88
CA ARG I 37 43.47 39.95 -30.24
C ARG I 37 42.46 40.40 -31.28
N LYS I 38 42.97 40.96 -32.38
CA LYS I 38 42.14 41.41 -33.49
C LYS I 38 41.35 40.25 -34.09
N ALA I 39 41.96 39.07 -34.11
CA ALA I 39 41.31 37.89 -34.65
C ALA I 39 40.21 37.41 -33.72
N LEU I 40 40.46 37.53 -32.42
CA LEU I 40 39.48 37.14 -31.42
C LEU I 40 38.29 38.08 -31.43
N GLU I 41 38.54 39.36 -31.68
CA GLU I 41 37.46 40.35 -31.76
C GLU I 41 36.61 40.13 -33.00
N THR I 42 37.27 39.84 -34.11
CA THR I 42 36.59 39.58 -35.37
C THR I 42 35.77 38.29 -35.29
N LEU I 43 36.38 37.26 -34.73
CA LEU I 43 35.72 35.96 -34.55
C LEU I 43 34.48 36.09 -33.66
N ARG I 44 34.57 36.98 -32.67
CA ARG I 44 33.43 37.25 -31.79
C ARG I 44 32.28 37.85 -32.58
N ARG I 45 32.58 38.84 -33.41
CA ARG I 45 31.54 39.52 -34.19
C ARG I 45 30.88 38.58 -35.20
N VAL I 46 31.68 37.96 -36.06
CA VAL I 46 31.17 37.07 -37.09
C VAL I 46 30.58 35.78 -36.50
N GLY I 47 31.32 35.19 -35.57
CA GLY I 47 30.91 33.94 -34.93
C GLY I 47 29.59 34.01 -34.19
N ASP I 48 29.39 35.09 -33.44
CA ASP I 48 28.13 35.29 -32.73
C ASP I 48 27.01 35.49 -33.74
N GLY I 49 27.33 36.10 -34.86
CA GLY I 49 26.38 36.29 -35.94
C GLY I 49 25.94 34.98 -36.55
N VAL I 50 26.91 34.12 -36.86
CA VAL I 50 26.64 32.82 -37.46
C VAL I 50 25.75 31.97 -36.54
N GLN I 51 26.06 32.03 -35.25
CA GLN I 51 25.31 31.26 -34.26
C GLN I 51 23.88 31.74 -34.09
N ARG I 52 23.67 33.05 -34.05
CA ARG I 52 22.33 33.59 -33.94
C ARG I 52 21.48 33.24 -35.16
N ASN I 53 22.13 33.15 -36.31
CA ASN I 53 21.45 32.86 -37.57
C ASN I 53 21.03 31.39 -37.70
N HIS I 54 21.95 30.48 -37.40
CA HIS I 54 21.70 29.06 -37.59
C HIS I 54 21.48 28.31 -36.27
N GLU I 55 21.12 29.04 -35.22
CA GLU I 55 20.93 28.44 -33.89
C GLU I 55 20.01 27.22 -33.88
N THR I 56 18.84 27.37 -34.50
CA THR I 56 17.87 26.30 -34.57
C THR I 56 18.46 25.06 -35.24
N ALA I 57 19.11 25.26 -36.39
CA ALA I 57 19.72 24.17 -37.14
C ALA I 57 20.84 23.49 -36.36
N PHE I 58 21.74 24.30 -35.79
CA PHE I 58 22.86 23.78 -35.00
C PHE I 58 22.37 22.88 -33.87
N GLN I 59 21.26 23.26 -33.25
CA GLN I 59 20.67 22.50 -32.16
C GLN I 59 20.37 21.06 -32.58
N GLY I 60 19.72 20.89 -33.71
CA GLY I 60 19.39 19.57 -34.21
C GLY I 60 20.58 18.81 -34.76
N MET I 61 21.48 19.54 -35.42
CA MET I 61 22.66 18.94 -36.03
C MET I 61 23.57 18.30 -34.99
N LEU I 62 23.79 19.03 -33.90
CA LEU I 62 24.60 18.52 -32.80
C LEU I 62 23.88 17.40 -32.08
N ARG I 63 22.56 17.54 -31.96
CA ARG I 63 21.72 16.54 -31.32
C ARG I 63 21.90 15.18 -32.00
N LYS I 64 21.96 15.19 -33.32
CA LYS I 64 22.15 13.98 -34.10
C LYS I 64 23.55 13.40 -33.94
N LEU I 65 24.53 14.27 -33.72
CA LEU I 65 25.91 13.81 -33.51
C LEU I 65 26.01 13.05 -32.19
N ASP I 66 25.10 13.38 -31.27
CA ASP I 66 25.01 12.69 -29.98
C ASP I 66 26.32 12.76 -29.20
N ILE I 67 26.82 13.96 -28.98
CA ILE I 67 28.06 14.16 -28.23
C ILE I 67 27.77 14.11 -26.74
N LYS I 68 28.35 13.13 -26.06
CA LYS I 68 28.15 12.95 -24.63
C LYS I 68 29.42 13.25 -23.85
N ASN I 69 30.57 12.97 -24.45
CA ASN I 69 31.85 13.21 -23.80
C ASN I 69 33.04 13.18 -24.78
N GLU I 70 34.24 13.04 -24.21
CA GLU I 70 35.48 13.15 -24.99
C GLU I 70 35.64 12.08 -26.06
N ASP I 71 35.05 10.92 -25.83
CA ASP I 71 35.17 9.82 -26.77
C ASP I 71 34.36 10.06 -28.05
N ASP I 72 33.46 11.04 -27.99
CA ASP I 72 32.62 11.38 -29.15
C ASP I 72 33.22 12.55 -29.93
N VAL I 73 34.39 13.02 -29.51
CA VAL I 73 35.04 14.15 -30.16
C VAL I 73 35.52 13.80 -31.57
N LYS I 74 36.02 12.58 -31.75
CA LYS I 74 36.50 12.16 -33.07
C LYS I 74 35.37 12.09 -34.10
N SER I 75 34.14 11.96 -33.61
CA SER I 75 32.97 12.05 -34.49
C SER I 75 32.87 13.45 -35.08
N LEU I 76 33.24 14.44 -34.28
CA LEU I 76 33.25 15.83 -34.75
C LEU I 76 34.36 16.03 -35.77
N SER I 77 35.49 15.36 -35.54
CA SER I 77 36.63 15.44 -36.45
C SER I 77 36.29 14.89 -37.83
N ARG I 78 35.49 13.83 -37.86
CA ARG I 78 35.04 13.24 -39.11
C ARG I 78 34.15 14.21 -39.88
N VAL I 79 33.33 14.95 -39.15
CA VAL I 79 32.46 15.94 -39.75
C VAL I 79 33.29 17.09 -40.31
N MET I 80 34.28 17.53 -39.55
CA MET I 80 35.16 18.62 -39.96
C MET I 80 35.94 18.29 -41.23
N ILE I 81 36.46 17.06 -41.29
CA ILE I 81 37.15 16.58 -42.49
C ILE I 81 36.19 16.57 -43.68
N HIS I 82 34.97 16.11 -43.44
CA HIS I 82 33.96 16.01 -44.49
C HIS I 82 33.56 17.37 -45.06
N VAL I 83 33.81 18.42 -44.28
CA VAL I 83 33.52 19.79 -44.72
C VAL I 83 34.44 20.19 -45.89
N PHE I 84 35.58 19.53 -45.98
CA PHE I 84 36.55 19.84 -47.02
C PHE I 84 36.73 18.72 -48.04
N SER I 85 35.68 17.93 -48.24
CA SER I 85 35.76 16.77 -49.13
C SER I 85 35.62 17.12 -50.60
N ASP I 86 34.95 18.24 -50.89
CA ASP I 86 34.74 18.65 -52.27
C ASP I 86 35.88 19.52 -52.80
N GLY I 87 36.97 19.61 -52.03
CA GLY I 87 38.17 20.29 -52.46
C GLY I 87 38.22 21.78 -52.21
N VAL I 88 37.07 22.37 -51.90
CA VAL I 88 36.98 23.82 -51.71
C VAL I 88 37.30 24.28 -50.28
N THR I 89 38.28 25.16 -50.16
CA THR I 89 38.67 25.71 -48.87
C THR I 89 38.49 27.22 -48.86
N ASN I 90 37.76 27.74 -47.89
CA ASN I 90 37.60 29.18 -47.73
C ASN I 90 37.31 29.59 -46.29
N TRP I 91 37.34 30.89 -46.04
CA TRP I 91 37.17 31.43 -44.69
C TRP I 91 35.76 31.24 -44.14
N GLY I 92 34.78 31.21 -45.04
CA GLY I 92 33.39 31.02 -44.66
C GLY I 92 33.20 29.67 -44.01
N ARG I 93 33.73 28.62 -44.65
CA ARG I 93 33.68 27.28 -44.09
C ARG I 93 34.46 27.20 -42.78
N ILE I 94 35.60 27.88 -42.74
CA ILE I 94 36.47 27.85 -41.57
C ILE I 94 35.82 28.50 -40.34
N VAL I 95 35.25 29.69 -40.53
CA VAL I 95 34.62 30.40 -39.43
C VAL I 95 33.32 29.74 -38.98
N THR I 96 32.64 29.06 -39.87
CA THR I 96 31.42 28.33 -39.55
C THR I 96 31.76 27.05 -38.70
N LEU I 97 32.87 26.40 -39.02
CA LEU I 97 33.37 25.25 -38.29
C LEU I 97 33.69 25.68 -36.81
N ILE I 98 34.35 26.82 -36.71
CA ILE I 98 34.71 27.43 -35.43
C ILE I 98 33.41 27.84 -34.70
N SER I 99 32.46 28.41 -35.44
CA SER I 99 31.19 28.88 -34.85
C SER I 99 30.37 27.69 -34.35
N PHE I 100 30.37 26.61 -35.12
CA PHE I 100 29.68 25.40 -34.71
C PHE I 100 30.39 24.80 -33.50
N GLY I 101 31.72 24.94 -33.47
CA GLY I 101 32.51 24.46 -32.35
C GLY I 101 32.17 25.19 -31.06
N ALA I 102 32.02 26.50 -31.15
CA ALA I 102 31.60 27.31 -30.01
C ALA I 102 30.20 26.92 -29.55
N PHE I 103 29.37 26.45 -30.48
CA PHE I 103 28.03 25.98 -30.15
C PHE I 103 28.13 24.64 -29.43
N VAL I 104 29.04 23.78 -29.88
CA VAL I 104 29.28 22.51 -29.22
C VAL I 104 29.85 22.75 -27.83
N ALA I 105 30.65 23.80 -27.70
CA ALA I 105 31.25 24.17 -26.42
C ALA I 105 30.19 24.56 -25.40
N LYS I 106 29.20 25.34 -25.82
CA LYS I 106 28.12 25.74 -24.92
C LYS I 106 27.32 24.52 -24.47
N HIS I 107 27.07 23.61 -25.40
CA HIS I 107 26.36 22.37 -25.11
C HIS I 107 27.15 21.52 -24.12
N LEU I 108 28.48 21.53 -24.25
CA LEU I 108 29.34 20.78 -23.35
C LEU I 108 29.23 21.29 -21.93
N LYS I 109 29.02 22.60 -21.78
CA LYS I 109 28.82 23.18 -20.46
C LYS I 109 27.45 22.80 -19.92
N THR I 110 26.49 22.68 -20.83
CA THR I 110 25.11 22.36 -20.44
C THR I 110 25.00 20.94 -19.90
N ILE I 111 25.79 20.02 -20.45
CA ILE I 111 25.76 18.64 -19.99
C ILE I 111 26.90 18.32 -19.04
N ASN I 112 27.51 19.36 -18.47
CA ASN I 112 28.58 19.23 -17.50
C ASN I 112 29.78 18.42 -18.02
N GLN I 113 30.24 18.78 -19.21
CA GLN I 113 31.37 18.12 -19.81
C GLN I 113 32.37 19.15 -20.33
N GLU I 114 32.63 20.17 -19.51
CA GLU I 114 33.50 21.28 -19.90
C GLU I 114 34.95 20.89 -20.16
N SER I 115 35.35 19.74 -19.64
CA SER I 115 36.72 19.25 -19.81
C SER I 115 37.02 18.91 -21.28
N CYS I 116 35.99 18.57 -22.03
CA CYS I 116 36.15 18.16 -23.43
C CYS I 116 36.32 19.35 -24.37
N ILE I 117 36.22 20.56 -23.82
CA ILE I 117 36.31 21.77 -24.61
C ILE I 117 37.70 22.01 -25.19
N GLU I 118 38.73 21.68 -24.42
CA GLU I 118 40.10 21.78 -24.94
C GLU I 118 40.41 20.74 -26.04
N PRO I 119 40.05 19.46 -25.83
CA PRO I 119 40.20 18.52 -26.95
C PRO I 119 39.32 18.90 -28.14
N LEU I 120 38.24 19.64 -27.89
CA LEU I 120 37.39 20.14 -28.97
C LEU I 120 38.13 21.19 -29.79
N ALA I 121 38.72 22.16 -29.11
CA ALA I 121 39.49 23.21 -29.77
C ALA I 121 40.71 22.63 -30.47
N GLU I 122 41.26 21.56 -29.89
CA GLU I 122 42.44 20.92 -30.44
C GLU I 122 42.16 20.23 -31.77
N SER I 123 41.08 19.45 -31.81
CA SER I 123 40.70 18.74 -33.03
C SER I 123 40.29 19.71 -34.15
N ILE I 124 39.65 20.81 -33.78
CA ILE I 124 39.29 21.84 -34.76
C ILE I 124 40.56 22.44 -35.33
N THR I 125 41.52 22.73 -34.45
CA THR I 125 42.80 23.27 -34.86
C THR I 125 43.59 22.23 -35.65
N ASP I 126 43.51 20.97 -35.23
CA ASP I 126 44.22 19.89 -35.91
C ASP I 126 43.82 19.75 -37.37
N VAL I 127 42.51 19.68 -37.62
CA VAL I 127 42.00 19.55 -38.98
C VAL I 127 42.49 20.67 -39.89
N LEU I 128 42.42 21.90 -39.38
CA LEU I 128 42.81 23.07 -40.15
C LEU I 128 44.30 23.09 -40.50
N VAL I 129 45.15 22.69 -39.56
CA VAL I 129 46.60 22.77 -39.75
C VAL I 129 47.19 21.52 -40.40
N ARG I 130 46.65 20.35 -40.05
CA ARG I 130 47.16 19.10 -40.59
C ARG I 130 46.85 18.94 -42.08
N THR I 131 45.66 19.40 -42.48
CA THR I 131 45.19 19.15 -43.84
C THR I 131 45.17 20.40 -44.72
N LYS I 132 45.13 21.57 -44.10
CA LYS I 132 45.01 22.82 -44.86
C LYS I 132 46.06 23.86 -44.49
N ARG I 133 47.28 23.40 -44.20
CA ARG I 133 48.32 24.33 -43.77
C ARG I 133 48.82 25.20 -44.92
N ASP I 134 48.95 24.59 -46.10
CA ASP I 134 49.41 25.33 -47.28
C ASP I 134 48.47 26.47 -47.61
N TRP I 135 47.17 26.21 -47.47
CA TRP I 135 46.16 27.22 -47.73
C TRP I 135 46.29 28.36 -46.72
N LEU I 136 46.48 28.03 -45.45
CA LEU I 136 46.57 29.03 -44.40
C LEU I 136 47.78 29.95 -44.53
N VAL I 137 48.91 29.40 -44.94
CA VAL I 137 50.11 30.20 -45.15
C VAL I 137 49.91 31.14 -46.33
N LYS I 138 49.27 30.63 -47.38
CA LYS I 138 48.98 31.44 -48.57
C LYS I 138 48.03 32.59 -48.29
N GLN I 139 47.09 32.37 -47.37
CA GLN I 139 46.11 33.39 -47.00
C GLN I 139 46.63 34.27 -45.87
N ARG I 140 47.92 34.17 -45.60
CA ARG I 140 48.58 34.96 -44.55
C ARG I 140 48.03 34.71 -43.14
N GLY I 141 47.64 33.47 -42.87
CA GLY I 141 47.21 33.07 -41.54
C GLY I 141 46.04 33.85 -40.99
N TRP I 142 46.19 34.34 -39.76
CA TRP I 142 45.13 35.05 -39.07
C TRP I 142 45.07 36.53 -39.45
N ASP I 143 46.11 37.00 -40.14
CA ASP I 143 46.10 38.34 -40.70
C ASP I 143 45.07 38.38 -41.83
N GLY I 144 45.03 37.31 -42.62
CA GLY I 144 44.06 37.18 -43.68
C GLY I 144 42.66 36.99 -43.16
N PHE I 145 42.53 36.28 -42.04
CA PHE I 145 41.23 36.08 -41.41
C PHE I 145 40.61 37.42 -41.01
N VAL I 146 41.39 38.24 -40.31
CA VAL I 146 40.97 39.58 -39.93
C VAL I 146 40.66 40.41 -41.16
N GLU I 147 41.54 40.37 -42.14
CA GLU I 147 41.36 41.04 -43.39
C GLU I 147 40.04 40.59 -44.10
N PHE I 148 39.80 39.31 -44.19
CA PHE I 148 38.67 38.74 -44.86
C PHE I 148 37.33 39.25 -44.29
N PHE I 149 37.22 39.24 -42.99
CA PHE I 149 36.02 39.64 -42.25
C PHE I 149 35.99 41.14 -41.86
N HIS I 150 36.99 41.86 -42.32
CA HIS I 150 37.02 43.30 -42.04
C HIS I 150 35.86 43.97 -42.77
N VAL I 151 35.17 44.85 -42.06
CA VAL I 151 33.95 45.45 -42.60
C VAL I 151 34.08 46.96 -42.78
N GLU I 152 33.47 47.49 -43.84
CA GLU I 152 33.63 48.90 -44.21
C GLU I 152 33.08 49.84 -43.14
N ASP I 153 33.78 50.94 -42.89
CA ASP I 153 33.56 51.74 -41.70
C ASP I 153 32.68 52.98 -41.88
N LEU I 154 32.37 53.33 -43.12
CA LEU I 154 31.55 54.51 -43.43
C LEU I 154 32.18 55.78 -42.90
N GLU I 155 33.10 56.37 -43.66
CA GLU I 155 33.74 57.61 -43.26
C GLU I 155 32.95 58.82 -43.75
N PRO J 1 30.11 7.18 -32.69
CA PRO J 1 28.93 6.40 -33.07
C PRO J 1 28.04 7.14 -34.06
N GLY J 2 28.31 8.43 -34.23
CA GLY J 2 27.53 9.27 -35.13
C GLY J 2 27.62 8.86 -36.58
N VAL J 3 26.53 8.36 -37.13
CA VAL J 3 26.47 7.97 -38.54
C VAL J 3 26.05 9.16 -39.39
N MET J 4 26.12 10.35 -38.80
CA MET J 4 25.62 11.57 -39.42
C MET J 4 26.73 12.40 -40.07
N THR J 5 27.94 11.83 -40.11
CA THR J 5 29.15 12.55 -40.55
C THR J 5 29.01 13.31 -41.87
N GLN J 6 28.52 12.63 -42.90
CA GLN J 6 28.36 13.27 -44.21
C GLN J 6 27.22 14.28 -44.20
N GLU J 7 26.17 13.95 -43.44
CA GLU J 7 24.98 14.79 -43.40
C GLU J 7 25.25 16.14 -42.75
N VAL J 8 25.80 16.11 -41.53
CA VAL J 8 26.14 17.33 -40.82
C VAL J 8 27.26 18.09 -41.53
N GLY J 9 28.17 17.33 -42.14
CA GLY J 9 29.28 17.90 -42.89
C GLY J 9 28.81 18.78 -44.05
N GLN J 10 27.91 18.26 -44.88
CA GLN J 10 27.39 19.01 -46.01
C GLN J 10 26.54 20.19 -45.58
N LEU J 11 25.87 20.06 -44.43
CA LEU J 11 25.09 21.16 -43.88
C LEU J 11 26.00 22.34 -43.53
N LEU J 12 27.13 22.04 -42.89
CA LEU J 12 28.08 23.08 -42.52
C LEU J 12 28.74 23.69 -43.74
N GLN J 13 28.96 22.88 -44.77
CA GLN J 13 29.56 23.37 -46.01
C GLN J 13 28.73 24.48 -46.64
N ASP J 14 27.42 24.22 -46.78
CA ASP J 14 26.50 25.18 -47.38
C ASP J 14 26.39 26.43 -46.52
N MET J 15 26.42 26.26 -45.20
CA MET J 15 26.34 27.40 -44.29
C MET J 15 27.61 28.24 -44.38
N GLY J 16 28.75 27.56 -44.48
CA GLY J 16 30.02 28.23 -44.62
C GLY J 16 30.11 29.02 -45.91
N ASP J 17 29.57 28.44 -46.98
CA ASP J 17 29.59 29.10 -48.28
C ASP J 17 28.67 30.32 -48.32
N ASP J 18 27.68 30.35 -47.43
CA ASP J 18 26.80 31.51 -47.30
C ASP J 18 27.45 32.62 -46.48
N VAL J 19 28.26 32.23 -45.50
CA VAL J 19 29.06 33.19 -44.76
C VAL J 19 30.05 33.82 -45.73
N TYR J 20 30.59 32.99 -46.61
CA TYR J 20 31.33 33.45 -47.77
C TYR J 20 30.34 34.24 -48.63
N GLN J 21 30.81 35.28 -49.31
CA GLN J 21 29.98 36.17 -50.11
C GLN J 21 29.12 37.15 -49.30
N GLN J 22 28.77 36.78 -48.06
CA GLN J 22 28.20 37.74 -47.14
C GLN J 22 29.29 38.73 -46.74
N TYR J 23 30.53 38.24 -46.69
CA TYR J 23 31.67 39.05 -46.28
C TYR J 23 32.68 39.26 -47.41
N ARG J 24 32.53 38.52 -48.50
CA ARG J 24 33.44 38.63 -49.64
C ARG J 24 33.27 39.98 -50.34
N GLU K 1 11.11 -22.91 -21.07
CA GLU K 1 9.75 -22.41 -20.94
C GLU K 1 9.19 -21.93 -22.27
N ASP K 2 7.88 -21.76 -22.34
CA ASP K 2 7.22 -21.27 -23.56
C ASP K 2 6.49 -19.97 -23.25
N GLU K 3 6.94 -18.89 -23.88
CA GLU K 3 6.40 -17.56 -23.61
C GLU K 3 4.96 -17.43 -24.09
N LEU K 4 4.68 -17.99 -25.26
CA LEU K 4 3.34 -17.94 -25.84
C LEU K 4 2.34 -18.71 -24.97
N TYR K 5 2.79 -19.81 -24.39
CA TYR K 5 1.93 -20.62 -23.54
C TYR K 5 1.62 -19.91 -22.23
N ARG K 6 2.63 -19.25 -21.66
CA ARG K 6 2.48 -18.54 -20.39
C ARG K 6 1.48 -17.40 -20.53
N GLN K 7 1.59 -16.67 -21.63
CA GLN K 7 0.71 -15.53 -21.89
C GLN K 7 -0.73 -15.99 -22.13
N SER K 8 -0.90 -17.00 -22.99
CA SER K 8 -2.23 -17.50 -23.32
C SER K 8 -2.94 -18.06 -22.09
N LEU K 9 -2.22 -18.84 -21.29
CA LEU K 9 -2.78 -19.41 -20.08
C LEU K 9 -3.21 -18.31 -19.12
N GLU K 10 -2.34 -17.31 -18.98
CA GLU K 10 -2.65 -16.16 -18.12
C GLU K 10 -3.95 -15.48 -18.54
N ILE K 11 -4.08 -15.21 -19.83
CA ILE K 11 -5.26 -14.54 -20.37
C ILE K 11 -6.53 -15.39 -20.22
N ILE K 12 -6.45 -16.65 -20.62
CA ILE K 12 -7.60 -17.54 -20.60
C ILE K 12 -8.03 -17.90 -19.17
N SER K 13 -7.07 -18.17 -18.29
CA SER K 13 -7.37 -18.48 -16.90
C SER K 13 -8.04 -17.31 -16.20
N ARG K 14 -7.48 -16.11 -16.36
CA ARG K 14 -8.05 -14.91 -15.76
C ARG K 14 -9.48 -14.66 -16.22
N TYR K 15 -9.74 -14.90 -17.50
CA TYR K 15 -11.08 -14.68 -18.05
C TYR K 15 -12.08 -15.69 -17.51
N LEU K 16 -11.72 -16.97 -17.57
CA LEU K 16 -12.57 -18.04 -17.02
C LEU K 16 -12.80 -17.86 -15.53
N ARG K 17 -11.76 -17.43 -14.82
CA ARG K 17 -11.85 -17.21 -13.37
C ARG K 17 -12.82 -16.08 -13.02
N GLU K 18 -12.68 -14.95 -13.73
CA GLU K 18 -13.50 -13.78 -13.44
C GLU K 18 -14.93 -13.94 -13.97
N GLN K 19 -15.10 -14.76 -14.99
CA GLN K 19 -16.44 -15.08 -15.49
C GLN K 19 -17.15 -15.97 -14.47
N ALA K 20 -16.38 -16.83 -13.80
CA ALA K 20 -16.93 -17.73 -12.81
C ALA K 20 -17.29 -17.01 -11.52
N THR K 21 -16.28 -16.39 -10.90
CA THR K 21 -16.47 -15.70 -9.63
C THR K 21 -17.32 -14.44 -9.79
N GLY K 22 -17.19 -13.78 -10.93
CA GLY K 22 -17.95 -12.58 -11.21
C GLY K 22 -17.24 -11.31 -10.79
N ALA K 23 -15.95 -11.45 -10.47
CA ALA K 23 -15.17 -10.31 -10.00
C ALA K 23 -14.26 -9.76 -11.10
N LYS K 24 -13.06 -9.35 -10.69
CA LYS K 24 -12.07 -8.77 -11.61
C LYS K 24 -10.74 -8.66 -10.88
N ASP K 25 -9.81 -9.56 -11.18
CA ASP K 25 -8.54 -9.62 -10.46
C ASP K 25 -7.38 -9.03 -11.25
N THR K 26 -7.56 -7.82 -11.77
CA THR K 26 -6.53 -7.17 -12.60
C THR K 26 -5.26 -6.84 -11.82
N LYS K 27 -4.52 -7.82 -11.30
CA LYS K 27 -3.27 -7.59 -10.56
C LYS K 27 -2.19 -7.57 -11.58
N PRO K 28 -0.97 -7.30 -11.11
CA PRO K 28 0.21 -7.30 -11.99
C PRO K 28 0.30 -8.56 -12.85
N MET K 29 0.24 -8.38 -14.17
CA MET K 29 0.23 -9.50 -15.09
C MET K 29 1.64 -10.01 -15.41
N GLY K 30 1.81 -10.55 -16.61
CA GLY K 30 3.10 -11.06 -17.04
C GLY K 30 3.99 -9.99 -17.63
N ARG K 31 5.01 -10.40 -18.37
CA ARG K 31 5.97 -9.46 -18.95
C ARG K 31 5.37 -8.64 -20.09
N SER K 32 4.61 -9.30 -20.97
CA SER K 32 3.92 -8.61 -22.05
C SER K 32 2.54 -8.18 -21.59
N GLY K 33 2.50 -7.39 -20.52
CA GLY K 33 1.25 -7.02 -19.87
C GLY K 33 0.31 -6.18 -20.73
N ALA K 34 0.88 -5.28 -21.51
CA ALA K 34 0.08 -4.39 -22.36
C ALA K 34 -0.76 -5.18 -23.36
N THR K 35 -0.13 -6.15 -24.01
CA THR K 35 -0.83 -7.03 -24.94
C THR K 35 -1.87 -7.87 -24.21
N SER K 36 -1.45 -8.47 -23.10
CA SER K 36 -2.30 -9.36 -22.32
C SER K 36 -3.57 -8.67 -21.82
N ARG K 37 -3.41 -7.45 -21.32
CA ARG K 37 -4.54 -6.71 -20.75
C ARG K 37 -5.50 -6.23 -21.84
N LYS K 38 -4.94 -5.78 -22.97
CA LYS K 38 -5.77 -5.40 -24.11
C LYS K 38 -6.53 -6.60 -24.65
N ALA K 39 -5.87 -7.76 -24.67
CA ALA K 39 -6.49 -8.98 -25.15
C ALA K 39 -7.62 -9.42 -24.22
N LEU K 40 -7.39 -9.28 -22.92
CA LEU K 40 -8.39 -9.65 -21.92
C LEU K 40 -9.60 -8.70 -21.99
N GLU K 41 -9.35 -7.43 -22.27
CA GLU K 41 -10.44 -6.47 -22.44
C GLU K 41 -11.26 -6.82 -23.67
N THR K 42 -10.56 -7.19 -24.74
CA THR K 42 -11.20 -7.62 -25.97
C THR K 42 -11.99 -8.91 -25.72
N LEU K 43 -11.43 -9.78 -24.89
CA LEU K 43 -12.07 -11.06 -24.58
C LEU K 43 -13.32 -10.83 -23.74
N ARG K 44 -13.28 -9.84 -22.85
CA ARG K 44 -14.44 -9.46 -22.06
C ARG K 44 -15.56 -8.98 -22.98
N ARG K 45 -15.19 -8.18 -23.97
CA ARG K 45 -16.16 -7.57 -24.88
C ARG K 45 -16.76 -8.60 -25.83
N VAL K 46 -15.92 -9.29 -26.59
CA VAL K 46 -16.38 -10.25 -27.58
C VAL K 46 -16.96 -11.51 -26.92
N GLY K 47 -16.28 -11.98 -25.88
CA GLY K 47 -16.67 -13.18 -25.17
C GLY K 47 -18.06 -13.08 -24.56
N ASP K 48 -18.32 -11.98 -23.86
CA ASP K 48 -19.65 -11.75 -23.30
C ASP K 48 -20.69 -11.67 -24.41
N GLY K 49 -20.29 -11.07 -25.53
CA GLY K 49 -21.16 -10.93 -26.68
C GLY K 49 -21.59 -12.27 -27.24
N VAL K 50 -20.63 -13.16 -27.45
CA VAL K 50 -20.92 -14.51 -27.93
C VAL K 50 -21.82 -15.24 -26.94
N GLN K 51 -21.54 -15.07 -25.66
CA GLN K 51 -22.33 -15.73 -24.62
C GLN K 51 -23.79 -15.27 -24.62
N ARG K 52 -24.01 -13.97 -24.60
CA ARG K 52 -25.38 -13.45 -24.62
C ARG K 52 -26.09 -13.82 -25.92
N ASN K 53 -25.30 -14.07 -26.96
CA ASN K 53 -25.85 -14.46 -28.25
C ASN K 53 -26.33 -15.91 -28.25
N HIS K 54 -25.55 -16.81 -27.63
CA HIS K 54 -25.85 -18.23 -27.67
C HIS K 54 -26.00 -18.89 -26.29
N GLU K 55 -26.31 -18.11 -25.26
CA GLU K 55 -26.42 -18.62 -23.90
C GLU K 55 -27.46 -19.72 -23.76
N THR K 56 -28.61 -19.52 -24.38
CA THR K 56 -29.68 -20.52 -24.37
C THR K 56 -29.17 -21.83 -24.98
N ALA K 57 -28.47 -21.73 -26.10
CA ALA K 57 -27.92 -22.90 -26.77
C ALA K 57 -26.80 -23.55 -25.96
N PHE K 58 -25.92 -22.72 -25.40
CA PHE K 58 -24.80 -23.21 -24.61
C PHE K 58 -25.27 -24.09 -23.44
N GLN K 59 -26.38 -23.69 -22.83
CA GLN K 59 -26.95 -24.39 -21.68
C GLN K 59 -27.25 -25.85 -22.03
N GLY K 60 -27.96 -26.06 -23.14
CA GLY K 60 -28.27 -27.41 -23.58
C GLY K 60 -27.06 -28.19 -24.07
N MET K 61 -26.13 -27.49 -24.73
CA MET K 61 -24.95 -28.12 -25.28
C MET K 61 -24.06 -28.67 -24.16
N LEU K 62 -23.87 -27.87 -23.13
CA LEU K 62 -23.09 -28.28 -21.97
C LEU K 62 -23.82 -29.36 -21.17
N ARG K 63 -25.14 -29.22 -21.11
CA ARG K 63 -26.00 -30.19 -20.44
C ARG K 63 -25.84 -31.56 -21.09
N LYS K 64 -25.86 -31.58 -22.42
CA LYS K 64 -25.71 -32.81 -23.19
C LYS K 64 -24.35 -33.42 -22.96
N LEU K 65 -23.34 -32.58 -22.78
CA LEU K 65 -21.98 -33.04 -22.52
C LEU K 65 -21.89 -33.71 -21.16
N ASP K 66 -22.77 -33.31 -20.24
CA ASP K 66 -22.84 -33.90 -18.90
C ASP K 66 -21.50 -33.84 -18.18
N ILE K 67 -21.10 -32.62 -17.79
CA ILE K 67 -19.84 -32.43 -17.09
C ILE K 67 -20.09 -32.37 -15.58
N LYS K 68 -19.46 -33.29 -14.86
CA LYS K 68 -19.73 -33.44 -13.43
C LYS K 68 -18.46 -33.28 -12.58
N ASN K 69 -17.33 -33.70 -13.13
CA ASN K 69 -16.05 -33.59 -12.43
C ASN K 69 -14.85 -33.51 -13.39
N GLU K 70 -13.65 -33.59 -12.82
CA GLU K 70 -12.43 -33.40 -13.60
C GLU K 70 -12.18 -34.50 -14.63
N ASP K 71 -12.83 -35.66 -14.42
CA ASP K 71 -12.74 -36.75 -15.39
C ASP K 71 -13.43 -36.36 -16.69
N ASP K 72 -14.44 -35.50 -16.59
CA ASP K 72 -15.24 -35.11 -17.74
C ASP K 72 -14.60 -33.97 -18.53
N VAL K 73 -13.43 -33.53 -18.09
CA VAL K 73 -12.72 -32.44 -18.77
C VAL K 73 -12.15 -32.89 -20.11
N LYS K 74 -11.73 -34.15 -20.19
CA LYS K 74 -11.20 -34.70 -21.43
C LYS K 74 -12.27 -34.77 -22.51
N SER K 75 -13.53 -34.68 -22.11
CA SER K 75 -14.65 -34.64 -23.06
C SER K 75 -14.69 -33.29 -23.76
N LEU K 76 -14.34 -32.23 -23.05
CA LEU K 76 -14.30 -30.89 -23.63
C LEU K 76 -13.17 -30.79 -24.64
N SER K 77 -12.07 -31.49 -24.37
CA SER K 77 -10.92 -31.49 -25.26
C SER K 77 -11.27 -32.08 -26.62
N ARG K 78 -12.07 -33.15 -26.62
CA ARG K 78 -12.53 -33.77 -27.85
C ARG K 78 -13.38 -32.81 -28.66
N VAL K 79 -14.30 -32.12 -27.99
CA VAL K 79 -15.14 -31.11 -28.61
C VAL K 79 -14.29 -30.02 -29.23
N MET K 80 -13.29 -29.55 -28.49
CA MET K 80 -12.42 -28.47 -28.95
C MET K 80 -11.64 -28.86 -30.22
N ILE K 81 -11.08 -30.07 -30.22
CA ILE K 81 -10.35 -30.57 -31.38
C ILE K 81 -11.26 -30.69 -32.59
N HIS K 82 -12.49 -31.15 -32.36
CA HIS K 82 -13.45 -31.37 -33.44
C HIS K 82 -13.87 -30.08 -34.13
N VAL K 83 -13.76 -28.97 -33.42
CA VAL K 83 -14.06 -27.66 -33.98
C VAL K 83 -13.14 -27.33 -35.16
N PHE K 84 -11.88 -27.74 -35.04
CA PHE K 84 -10.88 -27.46 -36.08
C PHE K 84 -10.65 -28.65 -37.00
N SER K 85 -11.53 -29.64 -36.94
CA SER K 85 -11.33 -30.88 -37.67
C SER K 85 -11.53 -30.76 -39.18
N ASP K 86 -11.92 -29.57 -39.64
CA ASP K 86 -12.08 -29.33 -41.07
C ASP K 86 -10.90 -28.55 -41.63
N GLY K 87 -9.83 -28.46 -40.86
CA GLY K 87 -8.60 -27.80 -41.28
C GLY K 87 -8.66 -26.28 -41.24
N VAL K 88 -9.83 -25.74 -40.90
CA VAL K 88 -10.04 -24.30 -40.89
C VAL K 88 -9.75 -23.68 -39.53
N THR K 89 -9.02 -22.57 -39.52
CA THR K 89 -8.70 -21.87 -38.29
C THR K 89 -8.92 -20.37 -38.45
N ASN K 90 -9.66 -19.78 -37.51
CA ASN K 90 -9.83 -18.33 -37.48
C ASN K 90 -10.17 -17.84 -36.07
N TRP K 91 -10.15 -16.52 -35.89
CA TRP K 91 -10.37 -15.93 -34.56
C TRP K 91 -11.80 -16.13 -34.04
N GLY K 92 -12.75 -16.27 -34.95
CA GLY K 92 -14.14 -16.49 -34.58
C GLY K 92 -14.33 -17.77 -33.80
N ARG K 93 -13.73 -18.85 -34.30
CA ARG K 93 -13.81 -20.16 -33.65
C ARG K 93 -13.05 -20.14 -32.32
N ILE K 94 -11.90 -19.50 -32.32
CA ILE K 94 -11.05 -19.44 -31.13
C ILE K 94 -11.73 -18.71 -29.98
N VAL K 95 -12.30 -17.54 -30.27
CA VAL K 95 -12.96 -16.76 -29.23
C VAL K 95 -14.26 -17.46 -28.78
N THR K 96 -14.85 -18.25 -29.67
CA THR K 96 -16.05 -19.01 -29.34
C THR K 96 -15.70 -20.18 -28.42
N LEU K 97 -14.55 -20.78 -28.69
CA LEU K 97 -14.00 -21.85 -27.86
C LEU K 97 -13.86 -21.36 -26.42
N ILE K 98 -13.19 -20.23 -26.27
CA ILE K 98 -12.93 -19.64 -24.96
C ILE K 98 -14.22 -19.15 -24.30
N SER K 99 -15.16 -18.67 -25.10
CA SER K 99 -16.46 -18.21 -24.60
C SER K 99 -17.27 -19.36 -24.01
N PHE K 100 -17.27 -20.50 -24.70
CA PHE K 100 -17.96 -21.69 -24.20
C PHE K 100 -17.25 -22.17 -22.95
N GLY K 101 -15.93 -21.99 -22.92
CA GLY K 101 -15.13 -22.41 -21.78
C GLY K 101 -15.48 -21.62 -20.53
N ALA K 102 -15.76 -20.33 -20.71
CA ALA K 102 -16.18 -19.48 -19.61
C ALA K 102 -17.55 -19.90 -19.11
N PHE K 103 -18.38 -20.39 -20.03
CA PHE K 103 -19.71 -20.87 -19.70
C PHE K 103 -19.61 -22.16 -18.88
N VAL K 104 -18.62 -22.98 -19.21
CA VAL K 104 -18.38 -24.21 -18.48
C VAL K 104 -17.86 -23.87 -17.08
N ALA K 105 -17.02 -22.85 -17.01
CA ALA K 105 -16.44 -22.42 -15.75
C ALA K 105 -17.50 -22.02 -14.73
N LYS K 106 -18.52 -21.31 -15.20
CA LYS K 106 -19.63 -20.92 -14.33
C LYS K 106 -20.41 -22.14 -13.85
N HIS K 107 -20.62 -23.08 -14.77
CA HIS K 107 -21.29 -24.33 -14.44
C HIS K 107 -20.52 -25.11 -13.39
N LEU K 108 -19.20 -25.13 -13.52
CA LEU K 108 -18.35 -25.82 -12.56
C LEU K 108 -18.48 -25.18 -11.17
N LYS K 109 -18.71 -23.88 -11.13
CA LYS K 109 -18.91 -23.18 -9.87
C LYS K 109 -20.29 -23.49 -9.32
N THR K 110 -21.26 -23.64 -10.21
CA THR K 110 -22.62 -23.96 -9.83
C THR K 110 -22.74 -25.34 -9.19
N ILE K 111 -21.99 -26.30 -9.72
CA ILE K 111 -22.04 -27.66 -9.17
C ILE K 111 -20.90 -27.92 -8.18
N ASN K 112 -20.32 -26.84 -7.66
CA ASN K 112 -19.28 -26.91 -6.63
C ASN K 112 -18.06 -27.71 -7.08
N GLN K 113 -17.60 -27.46 -8.29
CA GLN K 113 -16.43 -28.14 -8.83
C GLN K 113 -15.41 -27.12 -9.34
N GLU K 114 -15.20 -26.06 -8.56
CA GLU K 114 -14.29 -24.99 -8.96
C GLU K 114 -12.85 -25.44 -9.13
N SER K 115 -12.52 -26.60 -8.58
CA SER K 115 -11.17 -27.16 -8.71
C SER K 115 -10.85 -27.53 -10.16
N CYS K 116 -11.89 -27.71 -10.97
CA CYS K 116 -11.72 -28.11 -12.36
C CYS K 116 -11.54 -26.93 -13.31
N ILE K 117 -11.67 -25.72 -12.76
CA ILE K 117 -11.59 -24.50 -13.57
C ILE K 117 -10.20 -24.28 -14.16
N GLU K 118 -9.16 -24.46 -13.35
CA GLU K 118 -7.78 -24.36 -13.84
C GLU K 118 -7.43 -25.46 -14.87
N PRO K 119 -7.78 -26.73 -14.60
CA PRO K 119 -7.55 -27.75 -15.64
C PRO K 119 -8.33 -27.45 -16.92
N LEU K 120 -9.49 -26.82 -16.80
CA LEU K 120 -10.28 -26.44 -17.97
C LEU K 120 -9.56 -25.38 -18.80
N ALA K 121 -9.05 -24.36 -18.14
CA ALA K 121 -8.31 -23.29 -18.82
C ALA K 121 -7.05 -23.86 -19.46
N GLU K 122 -6.42 -24.82 -18.79
CA GLU K 122 -5.24 -25.50 -19.30
C GLU K 122 -5.54 -26.26 -20.59
N SER K 123 -6.65 -26.99 -20.59
CA SER K 123 -7.04 -27.77 -21.76
C SER K 123 -7.32 -26.88 -22.96
N ILE K 124 -8.00 -25.76 -22.71
CA ILE K 124 -8.29 -24.79 -23.76
C ILE K 124 -7.01 -24.19 -24.29
N THR K 125 -6.14 -23.79 -23.37
CA THR K 125 -4.84 -23.23 -23.73
C THR K 125 -4.00 -24.24 -24.49
N ASP K 126 -4.13 -25.51 -24.12
CA ASP K 126 -3.38 -26.59 -24.76
C ASP K 126 -3.72 -26.75 -26.24
N VAL K 127 -4.99 -26.99 -26.54
CA VAL K 127 -5.42 -27.24 -27.92
C VAL K 127 -5.04 -26.08 -28.86
N LEU K 128 -4.94 -24.87 -28.32
CA LEU K 128 -4.56 -23.71 -29.10
C LEU K 128 -3.06 -23.65 -29.35
N VAL K 129 -2.27 -23.81 -28.29
CA VAL K 129 -0.82 -23.69 -28.37
C VAL K 129 -0.15 -24.98 -28.85
N ARG K 130 -0.68 -26.12 -28.44
CA ARG K 130 -0.09 -27.41 -28.80
C ARG K 130 -0.38 -27.81 -30.24
N THR K 131 -1.54 -27.43 -30.76
CA THR K 131 -1.96 -27.89 -32.09
C THR K 131 -2.10 -26.77 -33.13
N LYS K 132 -2.25 -25.53 -32.68
CA LYS K 132 -2.45 -24.40 -33.59
C LYS K 132 -1.39 -23.31 -33.45
N ARG K 133 -0.19 -23.68 -33.03
CA ARG K 133 0.86 -22.72 -32.76
C ARG K 133 1.33 -21.99 -34.03
N ASP K 134 1.39 -22.72 -35.13
CA ASP K 134 1.85 -22.15 -36.40
C ASP K 134 0.96 -21.01 -36.85
N TRP K 135 -0.35 -21.24 -36.83
CA TRP K 135 -1.33 -20.23 -37.20
C TRP K 135 -1.24 -19.03 -36.26
N LEU K 136 -1.11 -19.30 -34.96
CA LEU K 136 -1.06 -18.25 -33.96
C LEU K 136 0.13 -17.31 -34.15
N VAL K 137 1.28 -17.88 -34.47
CA VAL K 137 2.49 -17.09 -34.70
C VAL K 137 2.34 -16.27 -35.99
N LYS K 138 1.76 -16.89 -37.02
CA LYS K 138 1.52 -16.21 -38.29
C LYS K 138 0.58 -15.02 -38.11
N GLN K 139 -0.41 -15.19 -37.24
CA GLN K 139 -1.38 -14.13 -36.95
C GLN K 139 -0.89 -13.22 -35.83
N ARG K 140 0.41 -13.22 -35.59
CA ARG K 140 1.05 -12.36 -34.61
C ARG K 140 0.56 -12.55 -33.17
N GLY K 141 0.20 -13.80 -32.83
CA GLY K 141 -0.20 -14.14 -31.48
C GLY K 141 -1.40 -13.38 -30.97
N TRP K 142 -1.29 -12.87 -29.75
CA TRP K 142 -2.38 -12.13 -29.13
C TRP K 142 -2.47 -10.68 -29.62
N ASP K 143 -1.41 -10.21 -30.28
CA ASP K 143 -1.45 -8.90 -30.92
C ASP K 143 -2.48 -8.90 -32.04
N GLY K 144 -2.46 -9.97 -32.84
CA GLY K 144 -3.39 -10.13 -33.93
C GLY K 144 -4.81 -10.39 -33.45
N PHE K 145 -4.93 -10.95 -32.25
CA PHE K 145 -6.23 -11.18 -31.64
C PHE K 145 -6.94 -9.87 -31.36
N VAL K 146 -6.22 -8.95 -30.72
CA VAL K 146 -6.77 -7.64 -30.39
C VAL K 146 -7.08 -6.85 -31.66
N GLU K 147 -6.18 -6.94 -32.63
CA GLU K 147 -6.34 -6.25 -33.90
C GLU K 147 -7.60 -6.71 -34.66
N PHE K 148 -7.84 -8.02 -34.65
CA PHE K 148 -8.96 -8.58 -35.39
C PHE K 148 -10.31 -8.09 -34.87
N PHE K 149 -10.44 -8.02 -33.55
CA PHE K 149 -11.71 -7.64 -32.92
C PHE K 149 -11.77 -6.17 -32.52
N HIS K 150 -10.89 -5.36 -33.08
CA HIS K 150 -10.90 -3.93 -32.74
C HIS K 150 -12.00 -3.16 -33.46
N VAL K 151 -13.00 -2.73 -32.69
CA VAL K 151 -14.09 -1.90 -33.17
C VAL K 151 -14.78 -1.22 -31.99
N GLU K 152 -14.90 0.10 -32.02
CA GLU K 152 -14.36 0.94 -33.09
C GLU K 152 -13.90 2.26 -32.47
N ASP K 153 -14.87 3.04 -31.98
CA ASP K 153 -14.60 4.32 -31.32
C ASP K 153 -13.80 5.28 -32.19
N PRO L 1 -22.04 -42.14 -30.30
CA PRO L 1 -22.98 -41.22 -29.65
C PRO L 1 -24.04 -41.95 -28.82
N GLY L 2 -23.70 -42.37 -27.61
CA GLY L 2 -22.38 -42.19 -27.04
C GLY L 2 -22.18 -40.80 -26.45
N VAL L 3 -21.02 -40.59 -25.83
CA VAL L 3 -20.65 -39.26 -25.35
C VAL L 3 -20.32 -38.40 -26.58
N MET L 4 -21.35 -38.07 -27.34
CA MET L 4 -21.19 -37.42 -28.64
C MET L 4 -20.57 -36.03 -28.52
N THR L 5 -19.57 -35.77 -29.35
CA THR L 5 -18.85 -34.50 -29.33
C THR L 5 -18.91 -33.81 -30.69
N GLN L 6 -19.24 -34.55 -31.72
CA GLN L 6 -19.36 -33.99 -33.07
C GLN L 6 -20.49 -32.97 -33.12
N GLU L 7 -21.60 -33.30 -32.49
CA GLU L 7 -22.77 -32.43 -32.50
C GLU L 7 -22.47 -31.07 -31.87
N VAL L 8 -21.89 -31.10 -30.67
CA VAL L 8 -21.50 -29.88 -29.98
C VAL L 8 -20.39 -29.15 -30.73
N GLY L 9 -19.41 -29.91 -31.20
CA GLY L 9 -18.28 -29.37 -31.93
C GLY L 9 -18.70 -28.68 -33.21
N GLN L 10 -19.66 -29.29 -33.92
CA GLN L 10 -20.17 -28.74 -35.16
C GLN L 10 -20.96 -27.47 -34.89
N LEU L 11 -21.68 -27.44 -33.77
CA LEU L 11 -22.44 -26.26 -33.38
C LEU L 11 -21.54 -25.06 -33.10
N LEU L 12 -20.52 -25.26 -32.27
CA LEU L 12 -19.55 -24.23 -31.96
C LEU L 12 -18.83 -23.77 -33.23
N GLN L 13 -18.62 -24.72 -34.14
CA GLN L 13 -17.95 -24.44 -35.40
C GLN L 13 -18.75 -23.45 -36.24
N ASP L 14 -20.07 -23.62 -36.27
CA ASP L 14 -20.96 -22.71 -36.99
C ASP L 14 -21.05 -21.35 -36.30
N MET L 15 -21.11 -21.36 -34.98
CA MET L 15 -21.22 -20.12 -34.21
C MET L 15 -19.97 -19.27 -34.35
N GLY L 16 -18.82 -19.93 -34.38
CA GLY L 16 -17.54 -19.26 -34.51
C GLY L 16 -17.40 -18.57 -35.85
N ASP L 17 -17.78 -19.25 -36.92
CA ASP L 17 -17.68 -18.69 -38.26
C ASP L 17 -18.63 -17.50 -38.44
N ASP L 18 -19.72 -17.50 -37.69
CA ASP L 18 -20.65 -16.38 -37.70
C ASP L 18 -20.03 -15.16 -37.01
N VAL L 19 -19.23 -15.41 -35.98
CA VAL L 19 -18.53 -14.35 -35.29
C VAL L 19 -17.43 -13.79 -36.19
N TYR L 20 -16.73 -14.69 -36.88
CA TYR L 20 -15.68 -14.31 -37.82
C TYR L 20 -16.26 -13.48 -38.97
N GLN L 21 -17.51 -13.74 -39.32
CA GLN L 21 -18.20 -12.97 -40.35
C GLN L 21 -18.71 -11.65 -39.78
N GLN L 22 -18.78 -11.56 -38.46
CA GLN L 22 -19.29 -10.36 -37.81
C GLN L 22 -18.19 -9.30 -37.66
N TYR L 23 -16.97 -9.74 -37.42
CA TYR L 23 -15.84 -8.84 -37.20
C TYR L 23 -14.88 -8.79 -38.38
N ARG L 24 -15.29 -9.35 -39.52
CA ARG L 24 -14.42 -9.42 -40.69
C ARG L 24 -13.96 -8.04 -41.15
N SER L 25 -14.85 -7.06 -41.02
CA SER L 25 -14.55 -5.66 -41.35
C SER L 25 -15.73 -4.77 -40.96
N LEU L 26 -16.86 -5.00 -41.60
CA LEU L 26 -18.07 -4.22 -41.34
C LEU L 26 -19.12 -5.07 -40.64
N GLU M 1 -60.44 -28.36 4.30
CA GLU M 1 -60.60 -29.26 3.16
C GLU M 1 -59.26 -29.48 2.47
N ASP M 2 -59.29 -30.16 1.31
CA ASP M 2 -58.09 -30.57 0.59
C ASP M 2 -57.19 -31.45 1.47
N GLU M 3 -57.58 -32.70 1.61
CA GLU M 3 -56.85 -33.67 2.42
C GLU M 3 -55.46 -33.93 1.86
N LEU M 4 -55.36 -33.92 0.53
CA LEU M 4 -54.09 -34.15 -0.16
C LEU M 4 -53.06 -33.08 0.19
N TYR M 5 -53.49 -31.83 0.28
CA TYR M 5 -52.58 -30.74 0.62
C TYR M 5 -52.09 -30.88 2.06
N ARG M 6 -53.03 -31.13 2.96
CA ARG M 6 -52.71 -31.27 4.38
C ARG M 6 -51.74 -32.43 4.61
N GLN M 7 -52.01 -33.57 3.96
CA GLN M 7 -51.16 -34.74 4.13
C GLN M 7 -49.77 -34.49 3.55
N SER M 8 -49.74 -33.86 2.38
CA SER M 8 -48.48 -33.55 1.71
C SER M 8 -47.62 -32.62 2.54
N LEU M 9 -48.24 -31.58 3.11
CA LEU M 9 -47.53 -30.62 3.94
C LEU M 9 -46.97 -31.28 5.19
N GLU M 10 -47.78 -32.14 5.81
CA GLU M 10 -47.36 -32.84 7.02
C GLU M 10 -46.14 -33.73 6.76
N ILE M 11 -46.18 -34.50 5.69
CA ILE M 11 -45.07 -35.38 5.35
C ILE M 11 -43.79 -34.61 5.02
N ILE M 12 -43.94 -33.56 4.21
CA ILE M 12 -42.81 -32.75 3.79
C ILE M 12 -42.26 -31.92 4.95
N SER M 13 -43.14 -31.35 5.77
CA SER M 13 -42.68 -30.62 6.96
C SER M 13 -41.94 -31.51 7.94
N ARG M 14 -42.50 -32.68 8.22
CA ARG M 14 -41.87 -33.64 9.12
C ARG M 14 -40.48 -34.02 8.64
N TYR M 15 -40.35 -34.28 7.35
CA TYR M 15 -39.07 -34.63 6.77
C TYR M 15 -38.05 -33.50 6.91
N LEU M 16 -38.40 -32.31 6.41
CA LEU M 16 -37.50 -31.16 6.45
C LEU M 16 -37.08 -30.79 7.88
N ARG M 17 -38.05 -30.82 8.80
CA ARG M 17 -37.77 -30.45 10.18
C ARG M 17 -36.82 -31.44 10.88
N GLU M 18 -37.03 -32.72 10.63
CA GLU M 18 -36.18 -33.75 11.23
C GLU M 18 -34.82 -33.83 10.53
N GLN M 19 -34.78 -33.44 9.26
CA GLN M 19 -33.53 -33.39 8.51
C GLN M 19 -32.63 -32.29 9.07
N ALA M 20 -33.23 -31.13 9.33
CA ALA M 20 -32.50 -30.00 9.92
C ALA M 20 -32.08 -30.35 11.34
N THR M 21 -32.99 -30.97 12.09
CA THR M 21 -32.71 -31.36 13.47
C THR M 21 -31.54 -32.33 13.57
N GLY M 22 -31.54 -33.34 12.69
CA GLY M 22 -30.50 -34.35 12.71
C GLY M 22 -30.92 -35.55 13.52
N ALA M 23 -32.23 -35.74 13.64
CA ALA M 23 -32.80 -36.87 14.37
C ALA M 23 -34.19 -37.20 13.86
N LYS M 24 -34.52 -38.49 13.83
CA LYS M 24 -35.79 -38.97 13.28
C LYS M 24 -36.96 -38.82 14.26
N ASP M 25 -36.68 -38.24 15.43
CA ASP M 25 -37.62 -38.27 16.56
C ASP M 25 -39.04 -37.75 16.28
N THR M 26 -39.93 -37.98 17.25
CA THR M 26 -41.38 -37.77 17.12
C THR M 26 -42.01 -38.75 16.13
N LYS M 27 -43.18 -39.30 16.47
CA LYS M 27 -43.72 -40.42 15.70
C LYS M 27 -45.09 -40.21 15.01
N PRO M 28 -46.20 -40.41 15.74
CA PRO M 28 -47.43 -40.76 15.01
C PRO M 28 -48.10 -39.60 14.29
N MET M 29 -48.62 -39.89 13.10
CA MET M 29 -49.42 -38.92 12.34
C MET M 29 -50.86 -39.02 12.79
N GLY M 30 -51.47 -37.89 13.12
CA GLY M 30 -52.88 -37.87 13.48
C GLY M 30 -53.75 -37.90 12.24
N ARG M 31 -54.26 -39.08 11.90
CA ARG M 31 -55.02 -39.23 10.66
C ARG M 31 -56.13 -40.31 10.64
N SER M 32 -55.89 -41.57 11.00
CA SER M 32 -54.59 -42.12 11.40
C SER M 32 -53.77 -42.49 10.17
N GLY M 33 -52.50 -42.08 10.18
CA GLY M 33 -51.68 -42.16 8.99
C GLY M 33 -50.74 -43.35 8.92
N ALA M 34 -51.24 -44.46 8.38
CA ALA M 34 -50.38 -45.57 8.01
C ALA M 34 -49.64 -45.19 6.74
N THR M 35 -50.39 -44.66 5.78
CA THR M 35 -49.84 -44.19 4.52
C THR M 35 -48.82 -43.07 4.74
N SER M 36 -49.17 -42.11 5.58
CA SER M 36 -48.28 -40.98 5.88
C SER M 36 -46.97 -41.45 6.51
N ARG M 37 -47.07 -42.40 7.43
CA ARG M 37 -45.88 -42.98 8.06
C ARG M 37 -45.01 -43.67 7.03
N LYS M 38 -45.63 -44.51 6.20
CA LYS M 38 -44.93 -45.23 5.14
C LYS M 38 -44.29 -44.26 4.16
N ALA M 39 -44.98 -43.15 3.88
CA ALA M 39 -44.48 -42.13 2.97
C ALA M 39 -43.25 -41.44 3.55
N LEU M 40 -43.29 -41.18 4.85
CA LEU M 40 -42.15 -40.55 5.52
C LEU M 40 -40.95 -41.50 5.61
N GLU M 41 -41.22 -42.76 5.92
CA GLU M 41 -40.19 -43.79 5.96
C GLU M 41 -39.52 -43.93 4.59
N THR M 42 -40.36 -43.91 3.55
CA THR M 42 -39.88 -44.01 2.18
C THR M 42 -39.08 -42.75 1.80
N LEU M 43 -39.61 -41.59 2.18
CA LEU M 43 -38.94 -40.32 1.90
C LEU M 43 -37.58 -40.29 2.60
N ARG M 44 -37.52 -40.81 3.82
CA ARG M 44 -36.26 -40.91 4.55
C ARG M 44 -35.24 -41.72 3.77
N ARG M 45 -35.60 -42.93 3.39
CA ARG M 45 -34.68 -43.82 2.67
C ARG M 45 -34.20 -43.23 1.35
N VAL M 46 -35.15 -42.95 0.45
CA VAL M 46 -34.82 -42.44 -0.87
C VAL M 46 -34.17 -41.06 -0.80
N GLY M 47 -34.79 -40.15 -0.04
CA GLY M 47 -34.30 -38.79 0.09
C GLY M 47 -32.89 -38.65 0.64
N ASP M 48 -32.58 -39.41 1.68
CA ASP M 48 -31.23 -39.41 2.25
C ASP M 48 -30.24 -39.94 1.22
N GLY M 49 -30.67 -40.94 0.45
CA GLY M 49 -29.84 -41.51 -0.59
C GLY M 49 -29.54 -40.51 -1.69
N VAL M 50 -30.56 -39.74 -2.09
CA VAL M 50 -30.39 -38.71 -3.11
C VAL M 50 -29.43 -37.62 -2.61
N GLN M 51 -29.56 -37.26 -1.33
CA GLN M 51 -28.70 -36.25 -0.73
C GLN M 51 -27.25 -36.72 -0.62
N ARG M 52 -27.05 -38.01 -0.34
CA ARG M 52 -25.70 -38.56 -0.26
C ARG M 52 -25.05 -38.59 -1.64
N ASN M 53 -25.86 -38.92 -2.65
CA ASN M 53 -25.36 -39.01 -4.03
C ASN M 53 -24.98 -37.64 -4.61
N HIS M 54 -25.79 -36.63 -4.33
CA HIS M 54 -25.57 -35.30 -4.92
C HIS M 54 -25.27 -34.22 -3.89
N GLU M 55 -24.59 -34.59 -2.81
CA GLU M 55 -24.27 -33.63 -1.75
C GLU M 55 -23.41 -32.47 -2.24
N THR M 56 -22.37 -32.78 -3.00
CA THR M 56 -21.44 -31.77 -3.47
C THR M 56 -22.12 -30.79 -4.41
N ALA M 57 -22.88 -31.32 -5.35
CA ALA M 57 -23.60 -30.49 -6.32
C ALA M 57 -24.64 -29.59 -5.65
N PHE M 58 -25.40 -30.17 -4.72
CA PHE M 58 -26.40 -29.41 -3.97
C PHE M 58 -25.81 -28.19 -3.26
N GLN M 59 -24.64 -28.38 -2.65
CA GLN M 59 -23.96 -27.31 -1.94
C GLN M 59 -23.71 -26.10 -2.85
N GLY M 60 -23.25 -26.37 -4.05
CA GLY M 60 -23.00 -25.30 -5.02
C GLY M 60 -24.28 -24.68 -5.56
N MET M 61 -25.27 -25.54 -5.83
CA MET M 61 -26.54 -25.09 -6.39
C MET M 61 -27.29 -24.17 -5.43
N LEU M 62 -27.28 -24.51 -4.15
CA LEU M 62 -27.94 -23.69 -3.13
C LEU M 62 -27.17 -22.39 -2.88
N ARG M 63 -25.84 -22.47 -2.90
CA ARG M 63 -24.98 -21.31 -2.72
C ARG M 63 -25.24 -20.28 -3.81
N LYS M 64 -25.53 -20.77 -5.01
CA LYS M 64 -25.86 -19.91 -6.14
C LYS M 64 -27.21 -19.22 -5.93
N LEU M 65 -28.14 -19.93 -5.31
CA LEU M 65 -29.47 -19.39 -5.04
C LEU M 65 -29.42 -18.29 -3.98
N ASP M 66 -28.38 -18.30 -3.17
CA ASP M 66 -28.15 -17.27 -2.16
C ASP M 66 -29.34 -17.05 -1.24
N ILE M 67 -29.71 -18.09 -0.49
CA ILE M 67 -30.84 -18.01 0.42
C ILE M 67 -30.36 -17.58 1.81
N LYS M 68 -30.86 -16.44 2.27
CA LYS M 68 -30.45 -15.88 3.55
C LYS M 68 -31.59 -15.80 4.57
N ASN M 69 -32.79 -15.51 4.09
CA ASN M 69 -33.97 -15.45 4.96
C ASN M 69 -35.29 -15.71 4.22
N GLU M 70 -36.39 -15.35 4.87
CA GLU M 70 -37.73 -15.64 4.37
C GLU M 70 -38.00 -15.05 2.98
N ASP M 71 -37.45 -13.88 2.71
CA ASP M 71 -37.68 -13.20 1.43
C ASP M 71 -36.99 -13.91 0.26
N ASP M 72 -36.07 -14.81 0.56
CA ASP M 72 -35.34 -15.55 -0.46
C ASP M 72 -36.06 -16.83 -0.87
N VAL M 73 -37.11 -17.18 -0.13
CA VAL M 73 -37.88 -18.38 -0.39
C VAL M 73 -38.50 -18.39 -1.79
N LYS M 74 -38.93 -17.22 -2.26
CA LYS M 74 -39.59 -17.10 -3.56
C LYS M 74 -38.69 -17.54 -4.70
N SER M 75 -37.37 -17.38 -4.52
CA SER M 75 -36.40 -17.81 -5.51
C SER M 75 -36.43 -19.33 -5.66
N LEU M 76 -36.85 -20.02 -4.60
CA LEU M 76 -36.88 -21.47 -4.61
C LEU M 76 -38.09 -22.00 -5.39
N SER M 77 -39.25 -21.37 -5.19
CA SER M 77 -40.47 -21.80 -5.87
C SER M 77 -40.31 -21.66 -7.38
N ARG M 78 -39.56 -20.65 -7.80
CA ARG M 78 -39.26 -20.45 -9.21
C ARG M 78 -38.45 -21.63 -9.76
N VAL M 79 -37.54 -22.14 -8.94
CA VAL M 79 -36.74 -23.31 -9.31
C VAL M 79 -37.64 -24.54 -9.47
N MET M 80 -38.54 -24.74 -8.50
CA MET M 80 -39.43 -25.89 -8.50
C MET M 80 -40.32 -25.92 -9.74
N ILE M 81 -40.79 -24.74 -10.15
CA ILE M 81 -41.59 -24.62 -11.35
C ILE M 81 -40.78 -24.99 -12.60
N HIS M 82 -39.52 -24.58 -12.61
CA HIS M 82 -38.64 -24.87 -13.75
C HIS M 82 -38.40 -26.36 -13.92
N VAL M 83 -38.49 -27.11 -12.83
CA VAL M 83 -38.32 -28.56 -12.86
C VAL M 83 -39.40 -29.23 -13.69
N PHE M 84 -40.60 -28.68 -13.68
CA PHE M 84 -41.74 -29.27 -14.39
C PHE M 84 -42.12 -28.53 -15.66
N SER M 85 -41.27 -27.60 -16.09
CA SER M 85 -41.58 -26.75 -17.24
C SER M 85 -41.56 -27.49 -18.58
N ASP M 86 -40.94 -28.66 -18.61
CA ASP M 86 -40.86 -29.46 -19.84
C ASP M 86 -42.07 -30.38 -20.01
N GLY M 87 -43.01 -30.30 -19.07
CA GLY M 87 -44.28 -31.00 -19.18
C GLY M 87 -44.33 -32.37 -18.53
N VAL M 88 -43.18 -32.96 -18.26
CA VAL M 88 -43.15 -34.31 -17.71
C VAL M 88 -43.06 -34.33 -16.18
N THR M 89 -43.80 -35.25 -15.57
CA THR M 89 -43.81 -35.40 -14.13
C THR M 89 -43.59 -36.85 -13.75
N ASN M 90 -42.71 -37.07 -12.76
CA ASN M 90 -42.49 -38.41 -12.22
C ASN M 90 -42.02 -38.35 -10.76
N TRP M 91 -42.13 -39.47 -10.06
CA TRP M 91 -41.78 -39.52 -8.64
C TRP M 91 -40.30 -39.23 -8.40
N GLY M 92 -39.48 -39.49 -9.42
CA GLY M 92 -38.06 -39.19 -9.33
C GLY M 92 -37.78 -37.70 -9.16
N ARG M 93 -38.47 -36.90 -9.97
CA ARG M 93 -38.30 -35.45 -9.92
C ARG M 93 -38.92 -34.88 -8.64
N ILE M 94 -40.07 -35.42 -8.25
CA ILE M 94 -40.78 -34.95 -7.06
C ILE M 94 -39.96 -35.19 -5.80
N VAL M 95 -39.38 -36.36 -5.67
CA VAL M 95 -38.60 -36.71 -4.49
C VAL M 95 -37.24 -36.00 -4.45
N THR M 96 -36.70 -35.67 -5.62
CA THR M 96 -35.44 -34.94 -5.68
C THR M 96 -35.65 -33.50 -5.26
N LEU M 97 -36.84 -32.97 -5.56
CA LEU M 97 -37.22 -31.63 -5.14
C LEU M 97 -37.34 -31.54 -3.62
N ILE M 98 -37.96 -32.56 -3.02
CA ILE M 98 -38.11 -32.63 -1.57
C ILE M 98 -36.76 -32.85 -0.90
N SER M 99 -35.92 -33.67 -1.52
CA SER M 99 -34.58 -33.92 -1.00
C SER M 99 -33.74 -32.65 -0.99
N PHE M 100 -33.81 -31.89 -2.09
CA PHE M 100 -33.11 -30.62 -2.16
C PHE M 100 -33.66 -29.62 -1.15
N GLY M 101 -34.97 -29.67 -0.94
CA GLY M 101 -35.61 -28.83 0.06
C GLY M 101 -35.12 -29.17 1.45
N ALA M 102 -34.84 -30.45 1.69
CA ALA M 102 -34.29 -30.90 2.97
C ALA M 102 -32.87 -30.39 3.13
N PHE M 103 -32.14 -30.30 2.02
CA PHE M 103 -30.79 -29.78 2.03
C PHE M 103 -30.81 -28.29 2.36
N VAL M 104 -31.83 -27.59 1.87
CA VAL M 104 -31.99 -26.18 2.17
C VAL M 104 -32.35 -25.96 3.63
N ALA M 105 -33.19 -26.84 4.16
CA ALA M 105 -33.61 -26.78 5.56
C ALA M 105 -32.41 -26.90 6.50
N LYS M 106 -31.49 -27.80 6.16
CA LYS M 106 -30.26 -27.96 6.94
C LYS M 106 -29.45 -26.67 6.90
N HIS M 107 -29.39 -26.07 5.71
CA HIS M 107 -28.69 -24.81 5.53
C HIS M 107 -29.34 -23.69 6.34
N LEU M 108 -30.66 -23.69 6.41
CA LEU M 108 -31.39 -22.69 7.18
C LEU M 108 -31.05 -22.80 8.67
N LYS M 109 -30.83 -24.02 9.14
CA LYS M 109 -30.41 -24.24 10.53
C LYS M 109 -28.98 -23.78 10.73
N THR M 110 -28.15 -23.98 9.70
CA THR M 110 -26.75 -23.59 9.74
C THR M 110 -26.59 -22.08 9.88
N ILE M 111 -27.46 -21.32 9.21
CA ILE M 111 -27.38 -19.87 9.26
C ILE M 111 -28.36 -19.28 10.27
N ASN M 112 -28.86 -20.12 11.17
CA ASN M 112 -29.74 -19.69 12.27
C ASN M 112 -31.03 -19.04 11.76
N GLN M 113 -31.60 -19.59 10.71
CA GLN M 113 -32.85 -19.09 10.15
C GLN M 113 -33.88 -20.22 10.10
N GLU M 114 -34.02 -20.93 11.21
CA GLU M 114 -34.90 -22.09 11.29
C GLU M 114 -36.37 -21.74 11.14
N SER M 115 -36.71 -20.48 11.35
CA SER M 115 -38.09 -20.03 11.20
C SER M 115 -38.56 -20.08 9.74
N CYS M 116 -37.62 -20.23 8.82
CA CYS M 116 -37.93 -20.25 7.40
C CYS M 116 -38.17 -21.67 6.88
N ILE M 117 -37.97 -22.66 7.73
CA ILE M 117 -38.16 -24.06 7.34
C ILE M 117 -39.63 -24.35 7.03
N GLU M 118 -40.53 -23.81 7.85
CA GLU M 118 -41.97 -24.01 7.64
C GLU M 118 -42.53 -23.34 6.38
N PRO M 119 -42.17 -22.06 6.12
CA PRO M 119 -42.55 -21.49 4.83
C PRO M 119 -41.89 -22.21 3.66
N LEU M 120 -40.74 -22.84 3.90
CA LEU M 120 -40.08 -23.62 2.85
C LEU M 120 -40.88 -24.86 2.51
N ALA M 121 -41.34 -25.59 3.53
CA ALA M 121 -42.15 -26.78 3.30
C ALA M 121 -43.47 -26.41 2.64
N GLU M 122 -44.04 -25.29 3.07
CA GLU M 122 -45.28 -24.78 2.51
C GLU M 122 -45.13 -24.44 1.03
N SER M 123 -43.99 -23.85 0.68
CA SER M 123 -43.72 -23.48 -0.70
C SER M 123 -43.59 -24.69 -1.61
N ILE M 124 -42.92 -25.74 -1.13
CA ILE M 124 -42.76 -26.98 -1.88
C ILE M 124 -44.12 -27.64 -2.08
N THR M 125 -44.89 -27.71 -1.01
CA THR M 125 -46.22 -28.29 -1.06
C THR M 125 -47.13 -27.50 -2.01
N ASP M 126 -47.03 -26.18 -1.96
CA ASP M 126 -47.83 -25.30 -2.80
C ASP M 126 -47.65 -25.62 -4.27
N VAL M 127 -46.41 -25.58 -4.75
CA VAL M 127 -46.11 -25.89 -6.14
C VAL M 127 -46.67 -27.23 -6.56
N LEU M 128 -46.34 -28.27 -5.80
CA LEU M 128 -46.80 -29.63 -6.12
C LEU M 128 -48.32 -29.73 -6.23
N VAL M 129 -49.03 -29.20 -5.24
CA VAL M 129 -50.49 -29.29 -5.21
C VAL M 129 -51.13 -28.33 -6.22
N ARG M 130 -50.63 -27.10 -6.29
CA ARG M 130 -51.19 -26.10 -7.18
C ARG M 130 -51.06 -26.48 -8.66
N THR M 131 -49.92 -27.06 -9.03
CA THR M 131 -49.66 -27.32 -10.45
C THR M 131 -49.74 -28.78 -10.86
N LYS M 132 -49.71 -29.70 -9.89
CA LYS M 132 -49.72 -31.13 -10.21
C LYS M 132 -50.76 -31.92 -9.43
N ARG M 133 -51.86 -31.29 -9.05
CA ARG M 133 -52.90 -31.99 -8.29
C ARG M 133 -53.54 -33.12 -9.10
N ASP M 134 -53.67 -32.91 -10.41
CA ASP M 134 -54.29 -33.88 -11.29
C ASP M 134 -53.41 -35.12 -11.42
N TRP M 135 -52.10 -34.89 -11.54
CA TRP M 135 -51.15 -35.99 -11.62
C TRP M 135 -51.09 -36.76 -10.31
N LEU M 136 -51.12 -36.03 -9.20
CA LEU M 136 -51.05 -36.67 -7.88
C LEU M 136 -52.22 -37.61 -7.60
N VAL M 137 -53.45 -37.15 -7.88
CA VAL M 137 -54.63 -37.95 -7.61
C VAL M 137 -54.72 -39.16 -8.54
N LYS M 138 -54.19 -39.03 -9.75
CA LYS M 138 -54.20 -40.13 -10.71
C LYS M 138 -53.22 -41.22 -10.32
N GLN M 139 -52.16 -40.83 -9.61
CA GLN M 139 -51.15 -41.79 -9.16
C GLN M 139 -51.42 -42.23 -7.74
N ARG M 140 -52.66 -42.08 -7.29
CA ARG M 140 -53.09 -42.50 -5.96
C ARG M 140 -52.34 -41.79 -4.83
N GLY M 141 -51.86 -40.59 -5.13
CA GLY M 141 -51.21 -39.76 -4.13
C GLY M 141 -50.00 -40.40 -3.47
N TRP M 142 -49.96 -40.33 -2.15
CA TRP M 142 -48.80 -40.84 -1.40
C TRP M 142 -48.75 -42.37 -1.37
N ASP M 143 -49.88 -43.01 -1.61
CA ASP M 143 -49.91 -44.46 -1.76
C ASP M 143 -49.09 -44.85 -2.99
N GLY M 144 -49.20 -44.05 -4.04
CA GLY M 144 -48.43 -44.26 -5.25
C GLY M 144 -46.95 -43.97 -5.03
N PHE M 145 -46.67 -42.93 -4.25
CA PHE M 145 -45.30 -42.59 -3.88
C PHE M 145 -44.64 -43.77 -3.17
N VAL M 146 -45.37 -44.37 -2.24
CA VAL M 146 -44.88 -45.52 -1.49
C VAL M 146 -44.65 -46.73 -2.39
N GLU M 147 -45.62 -47.02 -3.26
CA GLU M 147 -45.53 -48.17 -4.16
C GLU M 147 -44.37 -48.05 -5.14
N PHE M 148 -44.17 -46.84 -5.66
CA PHE M 148 -43.12 -46.62 -6.66
C PHE M 148 -41.71 -46.93 -6.12
N PHE M 149 -41.41 -46.42 -4.93
CA PHE M 149 -40.08 -46.60 -4.36
C PHE M 149 -39.98 -47.87 -3.53
N HIS M 150 -41.03 -48.68 -3.56
CA HIS M 150 -41.00 -49.99 -2.91
C HIS M 150 -39.99 -50.88 -3.61
N VAL M 151 -39.01 -51.38 -2.86
CA VAL M 151 -37.95 -52.21 -3.44
C VAL M 151 -38.20 -53.70 -3.20
N GLU M 152 -37.69 -54.53 -4.10
CA GLU M 152 -37.90 -55.96 -4.04
C GLU M 152 -37.26 -56.62 -2.81
N ASP M 153 -38.11 -56.92 -1.83
CA ASP M 153 -37.71 -57.71 -0.67
C ASP M 153 -38.73 -58.82 -0.48
N LEU M 154 -38.58 -59.58 0.59
CA LEU M 154 -39.53 -60.63 0.97
C LEU M 154 -39.87 -61.58 -0.19
N GLU M 155 -38.91 -62.40 -0.64
CA GLU M 155 -37.54 -62.42 -0.12
C GLU M 155 -36.57 -61.76 -1.10
N PRO N 1 -35.15 -11.29 -4.33
CA PRO N 1 -34.95 -12.49 -5.14
C PRO N 1 -34.30 -12.17 -6.48
N GLY N 2 -33.24 -12.90 -6.82
CA GLY N 2 -32.54 -12.67 -8.08
C GLY N 2 -31.84 -13.91 -8.60
N VAL N 3 -30.68 -13.72 -9.21
CA VAL N 3 -29.89 -14.80 -9.79
C VAL N 3 -30.65 -15.58 -10.86
N MET N 4 -30.07 -16.69 -11.31
CA MET N 4 -30.69 -17.51 -12.33
C MET N 4 -31.13 -18.86 -11.76
N THR N 5 -32.33 -19.29 -12.14
CA THR N 5 -32.94 -20.49 -11.56
C THR N 5 -33.19 -21.59 -12.59
N GLN N 6 -33.12 -21.24 -13.87
CA GLN N 6 -33.29 -22.22 -14.94
C GLN N 6 -32.13 -23.22 -14.90
N GLU N 7 -30.98 -22.76 -14.44
CA GLU N 7 -29.79 -23.59 -14.36
C GLU N 7 -29.89 -24.66 -13.28
N VAL N 8 -30.31 -24.25 -12.08
CA VAL N 8 -30.48 -25.17 -10.97
C VAL N 8 -31.61 -26.14 -11.25
N GLY N 9 -32.67 -25.64 -11.88
CA GLY N 9 -33.81 -26.46 -12.25
C GLY N 9 -33.48 -27.59 -13.21
N GLN N 10 -32.67 -27.30 -14.22
CA GLN N 10 -32.31 -28.31 -15.20
C GLN N 10 -31.38 -29.36 -14.61
N LEU N 11 -30.60 -28.95 -13.61
CA LEU N 11 -29.76 -29.89 -12.87
C LEU N 11 -30.63 -30.82 -12.03
N LEU N 12 -31.62 -30.23 -11.35
CA LEU N 12 -32.57 -31.00 -10.54
C LEU N 12 -33.43 -31.90 -11.43
N GLN N 13 -33.68 -31.46 -12.66
CA GLN N 13 -34.44 -32.28 -13.60
C GLN N 13 -33.69 -33.57 -13.94
N ASP N 14 -32.42 -33.42 -14.28
CA ASP N 14 -31.59 -34.56 -14.65
C ASP N 14 -31.40 -35.54 -13.49
N MET N 15 -31.13 -35.00 -12.31
CA MET N 15 -30.97 -35.81 -11.11
C MET N 15 -32.25 -36.59 -10.83
N GLY N 16 -33.38 -35.89 -10.93
CA GLY N 16 -34.68 -36.51 -10.69
C GLY N 16 -35.00 -37.62 -11.68
N ASP N 17 -34.61 -37.44 -12.94
CA ASP N 17 -34.85 -38.45 -13.95
C ASP N 17 -33.97 -39.68 -13.76
N ASP N 18 -32.76 -39.48 -13.24
CA ASP N 18 -31.88 -40.60 -12.94
C ASP N 18 -32.46 -41.41 -11.77
N VAL N 19 -33.03 -40.71 -10.81
CA VAL N 19 -33.70 -41.35 -9.68
C VAL N 19 -34.89 -42.17 -10.17
N TYR N 20 -35.64 -41.60 -11.12
CA TYR N 20 -36.76 -42.31 -11.72
C TYR N 20 -36.27 -43.59 -12.40
N GLN N 21 -35.14 -43.49 -13.09
CA GLN N 21 -34.53 -44.65 -13.75
C GLN N 21 -34.09 -45.72 -12.77
N GLN N 22 -33.60 -45.28 -11.61
CA GLN N 22 -33.10 -46.20 -10.60
C GLN N 22 -34.20 -47.09 -10.01
N TYR N 23 -35.40 -46.52 -9.82
CA TYR N 23 -36.46 -47.21 -9.09
C TYR N 23 -37.57 -47.77 -9.96
N ARG N 24 -37.65 -47.33 -11.22
CA ARG N 24 -38.74 -47.74 -12.10
C ARG N 24 -38.69 -49.24 -12.39
N SER N 25 -39.86 -49.85 -12.42
CA SER N 25 -40.01 -51.28 -12.69
C SER N 25 -39.86 -51.56 -14.19
N LEU N 26 -38.85 -52.35 -14.56
CA LEU N 26 -37.88 -52.89 -13.60
C LEU N 26 -36.45 -52.49 -13.98
N GLU O 1 15.75 -11.33 53.40
CA GLU O 1 16.39 -11.54 52.11
C GLU O 1 15.44 -11.18 50.97
N ASP O 2 14.14 -11.39 51.19
CA ASP O 2 13.14 -10.96 50.22
C ASP O 2 12.38 -9.77 50.77
N GLU O 3 12.86 -8.57 50.48
CA GLU O 3 12.26 -7.35 51.04
C GLU O 3 10.86 -7.12 50.49
N LEU O 4 10.63 -7.53 49.25
CA LEU O 4 9.30 -7.44 48.65
C LEU O 4 8.32 -8.32 49.43
N TYR O 5 8.80 -9.47 49.89
CA TYR O 5 7.98 -10.40 50.66
C TYR O 5 7.66 -9.84 52.05
N ARG O 6 8.71 -9.42 52.76
CA ARG O 6 8.53 -8.97 54.14
C ARG O 6 7.72 -7.68 54.19
N GLN O 7 7.79 -6.88 53.13
CA GLN O 7 7.00 -5.66 53.07
C GLN O 7 5.54 -5.99 52.75
N SER O 8 5.36 -6.94 51.85
CA SER O 8 4.02 -7.41 51.48
C SER O 8 3.35 -8.02 52.70
N LEU O 9 4.07 -8.85 53.43
CA LEU O 9 3.54 -9.48 54.63
C LEU O 9 3.17 -8.43 55.67
N GLU O 10 4.03 -7.45 55.87
CA GLU O 10 3.79 -6.40 56.86
C GLU O 10 2.51 -5.62 56.55
N ILE O 11 2.36 -5.21 55.31
CA ILE O 11 1.19 -4.45 54.89
C ILE O 11 -0.08 -5.28 55.00
N ILE O 12 -0.04 -6.50 54.48
CA ILE O 12 -1.19 -7.40 54.52
C ILE O 12 -1.53 -7.84 55.93
N SER O 13 -0.51 -8.17 56.72
CA SER O 13 -0.73 -8.57 58.12
C SER O 13 -1.34 -7.42 58.92
N ARG O 14 -0.80 -6.22 58.75
CA ARG O 14 -1.28 -5.04 59.48
C ARG O 14 -2.74 -4.76 59.18
N TYR O 15 -3.11 -4.89 57.91
CA TYR O 15 -4.49 -4.62 57.50
C TYR O 15 -5.49 -5.64 58.06
N LEU O 16 -5.23 -6.92 57.84
CA LEU O 16 -6.08 -7.99 58.37
C LEU O 16 -6.19 -7.91 59.89
N ARG O 17 -5.07 -7.60 60.54
CA ARG O 17 -5.01 -7.53 62.00
C ARG O 17 -5.91 -6.43 62.55
N GLU O 18 -5.86 -5.25 61.94
CA GLU O 18 -6.65 -4.13 62.42
C GLU O 18 -8.11 -4.21 61.97
N GLN O 19 -8.35 -4.90 60.85
CA GLN O 19 -9.72 -5.12 60.38
C GLN O 19 -10.46 -6.05 61.34
N ALA O 20 -9.74 -7.04 61.84
CA ALA O 20 -10.29 -7.94 62.85
C ALA O 20 -10.44 -7.20 64.18
N THR O 21 -9.46 -6.37 64.50
CA THR O 21 -9.46 -5.60 65.74
C THR O 21 -10.67 -4.66 65.80
N GLY O 22 -10.97 -4.00 64.68
CA GLY O 22 -12.10 -3.09 64.62
C GLY O 22 -11.70 -1.65 64.81
N ALA O 23 -10.39 -1.40 64.75
CA ALA O 23 -9.84 -0.06 64.90
C ALA O 23 -8.45 0.00 64.27
N LYS O 24 -8.16 1.11 63.60
CA LYS O 24 -6.90 1.23 62.87
C LYS O 24 -5.68 1.37 63.78
N ASP O 25 -4.54 0.89 63.30
CA ASP O 25 -3.28 1.00 64.03
C ASP O 25 -2.28 1.77 63.18
N THR O 26 -2.02 3.02 63.56
CA THR O 26 -1.17 3.90 62.77
C THR O 26 0.28 3.93 63.26
N LYS O 27 0.71 2.84 63.88
CA LYS O 27 2.10 2.71 64.31
C LYS O 27 3.00 2.72 63.08
N PRO O 28 4.06 3.55 63.11
CA PRO O 28 4.97 3.69 61.97
C PRO O 28 5.56 2.36 61.51
N MET O 29 5.62 2.16 60.20
CA MET O 29 6.06 0.89 59.63
C MET O 29 7.56 0.68 59.80
N GLY O 30 8.01 -0.56 59.58
CA GLY O 30 9.41 -0.90 59.76
C GLY O 30 10.33 -0.28 58.72
N ARG O 31 10.78 -1.10 57.77
CA ARG O 31 11.59 -0.61 56.66
C ARG O 31 10.70 0.09 55.66
N SER O 32 11.24 1.14 55.02
CA SER O 32 10.48 1.93 54.04
C SER O 32 9.17 2.41 54.64
N GLY O 33 9.27 3.22 55.69
CA GLY O 33 8.12 3.68 56.43
C GLY O 33 7.06 4.39 55.59
N ALA O 34 7.51 5.26 54.69
CA ALA O 34 6.60 6.06 53.89
C ALA O 34 5.75 5.23 52.93
N THR O 35 6.42 4.47 52.06
CA THR O 35 5.74 3.65 51.07
C THR O 35 4.76 2.66 51.70
N SER O 36 5.19 1.98 52.76
CA SER O 36 4.33 1.02 53.44
C SER O 36 3.14 1.70 54.12
N ARG O 37 3.38 2.93 54.60
CA ARG O 37 2.32 3.70 55.25
C ARG O 37 1.25 4.06 54.24
N LYS O 38 1.69 4.60 53.11
CA LYS O 38 0.78 4.97 52.03
C LYS O 38 0.05 3.76 51.47
N ALA O 39 0.74 2.61 51.43
CA ALA O 39 0.11 1.39 50.93
C ALA O 39 -1.01 0.91 51.85
N LEU O 40 -0.77 0.98 53.16
CA LEU O 40 -1.77 0.57 54.14
C LEU O 40 -2.96 1.53 54.18
N GLU O 41 -2.69 2.83 54.05
CA GLU O 41 -3.74 3.84 53.98
C GLU O 41 -4.61 3.58 52.77
N THR O 42 -3.96 3.30 51.64
CA THR O 42 -4.65 3.04 50.39
C THR O 42 -5.47 1.76 50.50
N LEU O 43 -4.89 0.75 51.13
CA LEU O 43 -5.55 -0.53 51.29
C LEU O 43 -6.77 -0.40 52.19
N ARG O 44 -6.65 0.44 53.23
CA ARG O 44 -7.80 0.77 54.07
C ARG O 44 -8.93 1.38 53.27
N ARG O 45 -8.62 2.43 52.51
CA ARG O 45 -9.61 3.14 51.71
C ARG O 45 -10.30 2.24 50.69
N VAL O 46 -9.51 1.65 49.80
CA VAL O 46 -10.06 0.81 48.75
C VAL O 46 -10.66 -0.46 49.33
N GLY O 47 -9.91 -1.14 50.18
CA GLY O 47 -10.32 -2.39 50.78
C GLY O 47 -11.63 -2.35 51.53
N ASP O 48 -11.84 -1.32 52.35
CA ASP O 48 -13.10 -1.16 53.07
C ASP O 48 -14.21 -0.91 52.07
N GLY O 49 -13.88 -0.27 50.95
CA GLY O 49 -14.85 0.03 49.92
C GLY O 49 -15.40 -1.21 49.23
N VAL O 50 -14.53 -2.13 48.84
CA VAL O 50 -15.00 -3.37 48.22
C VAL O 50 -15.76 -4.25 49.23
N GLN O 51 -15.33 -4.23 50.49
CA GLN O 51 -16.01 -4.97 51.54
C GLN O 51 -17.42 -4.45 51.75
N ARG O 52 -17.60 -3.13 51.76
CA ARG O 52 -18.92 -2.56 51.90
C ARG O 52 -19.81 -2.93 50.71
N ASN O 53 -19.20 -2.96 49.53
CA ASN O 53 -19.91 -3.23 48.29
C ASN O 53 -20.34 -4.69 48.14
N HIS O 54 -19.45 -5.61 48.52
CA HIS O 54 -19.69 -7.04 48.33
C HIS O 54 -19.86 -7.80 49.63
N GLU O 55 -20.30 -7.11 50.69
CA GLU O 55 -20.42 -7.72 52.01
C GLU O 55 -21.33 -8.95 52.04
N THR O 56 -22.51 -8.81 51.44
CA THR O 56 -23.49 -9.89 51.42
C THR O 56 -22.92 -11.12 50.73
N ALA O 57 -22.27 -10.90 49.59
CA ALA O 57 -21.70 -11.99 48.80
C ALA O 57 -20.55 -12.70 49.53
N PHE O 58 -19.66 -11.93 50.14
CA PHE O 58 -18.56 -12.47 50.92
C PHE O 58 -19.04 -13.40 52.03
N GLN O 59 -20.09 -12.98 52.73
CA GLN O 59 -20.68 -13.78 53.80
C GLN O 59 -21.05 -15.18 53.32
N GLY O 60 -21.70 -15.25 52.16
CA GLY O 60 -22.07 -16.52 51.60
C GLY O 60 -20.88 -17.29 51.04
N MET O 61 -19.96 -16.57 50.39
CA MET O 61 -18.81 -17.21 49.77
C MET O 61 -17.90 -17.85 50.83
N LEU O 62 -17.74 -17.15 51.95
CA LEU O 62 -16.93 -17.64 53.05
C LEU O 62 -17.63 -18.79 53.78
N ARG O 63 -18.94 -18.67 53.94
CA ARG O 63 -19.74 -19.70 54.58
C ARG O 63 -19.58 -21.04 53.85
N LYS O 64 -19.45 -20.98 52.52
CA LYS O 64 -19.27 -22.17 51.72
C LYS O 64 -17.88 -22.77 51.87
N LEU O 65 -16.89 -21.91 52.09
CA LEU O 65 -15.53 -22.38 52.28
C LEU O 65 -15.40 -23.13 53.61
N ASP O 66 -16.29 -22.83 54.55
CA ASP O 66 -16.35 -23.49 55.84
C ASP O 66 -15.00 -23.46 56.58
N ILE O 67 -14.55 -22.28 56.93
CA ILE O 67 -13.28 -22.13 57.63
C ILE O 67 -13.53 -22.18 59.12
N LYS O 68 -12.95 -23.19 59.77
CA LYS O 68 -13.19 -23.42 61.20
C LYS O 68 -11.90 -23.25 62.01
N ASN O 69 -10.77 -23.63 61.43
CA ASN O 69 -9.49 -23.49 62.11
C ASN O 69 -8.30 -23.45 61.15
N GLU O 70 -7.11 -23.67 61.69
CA GLU O 70 -5.87 -23.51 60.92
C GLU O 70 -5.77 -24.49 59.75
N ASP O 71 -6.36 -25.67 59.91
CA ASP O 71 -6.29 -26.70 58.87
C ASP O 71 -7.12 -26.35 57.64
N ASP O 72 -7.95 -25.32 57.74
CA ASP O 72 -8.80 -24.90 56.62
C ASP O 72 -8.20 -23.72 55.85
N VAL O 73 -6.98 -23.34 56.22
CA VAL O 73 -6.32 -22.19 55.59
C VAL O 73 -5.95 -22.44 54.13
N LYS O 74 -5.45 -23.64 53.83
CA LYS O 74 -5.06 -23.97 52.46
C LYS O 74 -6.26 -23.98 51.51
N SER O 75 -7.45 -24.18 52.08
CA SER O 75 -8.68 -24.09 51.33
C SER O 75 -8.86 -22.67 50.76
N LEU O 76 -8.28 -21.70 51.45
CA LEU O 76 -8.29 -20.31 50.98
C LEU O 76 -7.21 -20.12 49.93
N SER O 77 -6.09 -20.81 50.10
CA SER O 77 -4.96 -20.73 49.19
C SER O 77 -5.34 -21.22 47.79
N ARG O 78 -6.20 -22.23 47.74
CA ARG O 78 -6.66 -22.78 46.48
C ARG O 78 -7.53 -21.79 45.71
N VAL O 79 -8.35 -21.04 46.45
CA VAL O 79 -9.19 -20.02 45.86
C VAL O 79 -8.35 -18.91 45.26
N MET O 80 -7.35 -18.46 46.02
CA MET O 80 -6.49 -17.36 45.60
C MET O 80 -5.70 -17.70 44.35
N ILE O 81 -5.28 -18.96 44.25
CA ILE O 81 -4.61 -19.45 43.06
C ILE O 81 -5.56 -19.45 41.86
N HIS O 82 -6.82 -19.76 42.12
CA HIS O 82 -7.83 -19.84 41.07
C HIS O 82 -8.19 -18.47 40.50
N VAL O 83 -8.00 -17.44 41.31
CA VAL O 83 -8.27 -16.06 40.87
C VAL O 83 -7.37 -15.69 39.69
N PHE O 84 -6.17 -16.25 39.66
CA PHE O 84 -5.22 -15.93 38.61
C PHE O 84 -5.07 -17.07 37.59
N SER O 85 -6.03 -17.99 37.57
CA SER O 85 -5.95 -19.16 36.71
C SER O 85 -6.19 -18.84 35.23
N ASP O 86 -6.74 -17.66 34.96
CA ASP O 86 -7.01 -17.26 33.58
C ASP O 86 -5.87 -16.45 32.98
N GLY O 87 -4.80 -16.30 33.75
CA GLY O 87 -3.61 -15.60 33.27
C GLY O 87 -3.65 -14.10 33.47
N VAL O 88 -4.78 -13.60 33.96
CA VAL O 88 -4.96 -12.16 34.15
C VAL O 88 -4.55 -11.72 35.55
N THR O 89 -3.63 -10.76 35.60
CA THR O 89 -3.20 -10.17 36.86
C THR O 89 -3.36 -8.66 36.81
N ASN O 90 -4.11 -8.11 37.75
CA ASN O 90 -4.23 -6.66 37.89
C ASN O 90 -4.43 -6.25 39.35
N TRP O 91 -4.35 -4.95 39.63
CA TRP O 91 -4.43 -4.46 40.99
C TRP O 91 -5.82 -4.64 41.59
N GLY O 92 -6.82 -4.68 40.71
CA GLY O 92 -8.19 -4.92 41.14
C GLY O 92 -8.36 -6.27 41.78
N ARG O 93 -7.85 -7.31 41.12
CA ARG O 93 -7.97 -8.68 41.63
C ARG O 93 -7.15 -8.88 42.90
N ILE O 94 -5.98 -8.23 42.96
CA ILE O 94 -5.10 -8.36 44.11
C ILE O 94 -5.71 -7.72 45.36
N VAL O 95 -6.28 -6.53 45.21
CA VAL O 95 -6.85 -5.80 46.33
C VAL O 95 -8.16 -6.44 46.83
N THR O 96 -8.89 -7.07 45.92
CA THR O 96 -10.14 -7.74 46.28
C THR O 96 -9.80 -9.00 47.06
N LEU O 97 -8.68 -9.61 46.69
CA LEU O 97 -8.20 -10.82 47.34
C LEU O 97 -7.76 -10.52 48.77
N ILE O 98 -7.16 -9.36 48.96
CA ILE O 98 -6.72 -8.94 50.28
C ILE O 98 -7.94 -8.46 51.05
N SER O 99 -8.92 -7.90 50.35
CA SER O 99 -10.16 -7.45 50.99
C SER O 99 -10.94 -8.65 51.49
N PHE O 100 -11.06 -9.68 50.66
CA PHE O 100 -11.71 -10.92 51.09
C PHE O 100 -11.00 -11.57 52.28
N GLY O 101 -9.67 -11.50 52.28
CA GLY O 101 -8.85 -12.00 53.37
C GLY O 101 -9.10 -11.28 54.68
N ALA O 102 -9.33 -9.99 54.59
CA ALA O 102 -9.67 -9.17 55.76
C ALA O 102 -11.04 -9.57 56.28
N PHE O 103 -11.95 -9.91 55.36
CA PHE O 103 -13.29 -10.38 55.72
C PHE O 103 -13.20 -11.72 56.42
N VAL O 104 -12.23 -12.53 56.01
CA VAL O 104 -12.01 -13.83 56.63
C VAL O 104 -11.44 -13.62 58.04
N ALA O 105 -10.57 -12.61 58.17
CA ALA O 105 -9.95 -12.29 59.45
C ALA O 105 -10.98 -11.92 60.51
N LYS O 106 -11.99 -11.15 60.11
CA LYS O 106 -13.08 -10.78 61.01
C LYS O 106 -13.83 -12.02 61.44
N HIS O 107 -14.08 -12.91 60.49
CA HIS O 107 -14.75 -14.18 60.76
C HIS O 107 -13.96 -15.02 61.76
N LEU O 108 -12.63 -15.04 61.61
CA LEU O 108 -11.76 -15.79 62.52
C LEU O 108 -11.83 -15.27 63.96
N LYS O 109 -12.00 -13.97 64.12
CA LYS O 109 -12.11 -13.38 65.44
C LYS O 109 -13.49 -13.70 66.01
N THR O 110 -14.47 -13.76 65.12
CA THR O 110 -15.85 -14.07 65.50
C THR O 110 -15.96 -15.49 66.06
N ILE O 111 -15.22 -16.43 65.49
CA ILE O 111 -15.26 -17.80 65.98
C ILE O 111 -14.11 -18.08 66.94
N ASN O 112 -13.51 -17.03 67.47
CA ASN O 112 -12.42 -17.14 68.47
C ASN O 112 -11.22 -17.93 67.96
N GLN O 113 -10.85 -17.69 66.71
CA GLN O 113 -9.69 -18.34 66.11
C GLN O 113 -8.73 -17.29 65.55
N GLU O 114 -8.44 -16.28 66.37
CA GLU O 114 -7.55 -15.18 65.97
C GLU O 114 -6.14 -15.62 65.66
N SER O 115 -5.72 -16.76 66.19
CA SER O 115 -4.37 -17.27 65.97
C SER O 115 -4.15 -17.67 64.51
N CYS O 116 -5.23 -17.82 63.75
CA CYS O 116 -5.12 -18.22 62.35
C CYS O 116 -4.95 -17.03 61.41
N ILE O 117 -5.15 -15.83 61.94
CA ILE O 117 -5.06 -14.61 61.12
C ILE O 117 -3.65 -14.41 60.57
N GLU O 118 -2.64 -14.66 61.40
CA GLU O 118 -1.25 -14.52 60.98
C GLU O 118 -0.84 -15.55 59.91
N PRO O 119 -1.20 -16.84 60.08
CA PRO O 119 -0.98 -17.75 58.96
C PRO O 119 -1.82 -17.40 57.73
N LEU O 120 -2.98 -16.78 57.95
CA LEU O 120 -3.83 -16.34 56.86
C LEU O 120 -3.14 -15.29 56.00
N ALA O 121 -2.58 -14.27 56.64
CA ALA O 121 -1.86 -13.21 55.92
C ALA O 121 -0.63 -13.78 55.21
N GLU O 122 -0.05 -14.82 55.82
CA GLU O 122 1.12 -15.47 55.27
C GLU O 122 0.79 -16.18 53.96
N SER O 123 -0.32 -16.92 53.95
CA SER O 123 -0.75 -17.65 52.76
C SER O 123 -1.12 -16.70 51.62
N ILE O 124 -1.74 -15.58 51.97
CA ILE O 124 -2.08 -14.55 51.00
C ILE O 124 -0.81 -13.98 50.37
N THR O 125 0.16 -13.68 51.23
CA THR O 125 1.44 -13.17 50.79
C THR O 125 2.21 -14.21 49.97
N ASP O 126 2.12 -15.46 50.40
CA ASP O 126 2.79 -16.55 49.69
C ASP O 126 2.34 -16.65 48.24
N VAL O 127 1.03 -16.74 48.02
CA VAL O 127 0.47 -16.83 46.67
C VAL O 127 0.94 -15.68 45.78
N LEU O 128 0.83 -14.47 46.29
CA LEU O 128 1.20 -13.28 45.51
C LEU O 128 2.69 -13.26 45.15
N VAL O 129 3.55 -13.57 46.12
CA VAL O 129 4.99 -13.49 45.91
C VAL O 129 5.54 -14.73 45.17
N ARG O 130 5.02 -15.91 45.51
CA ARG O 130 5.48 -17.14 44.89
C ARG O 130 5.11 -17.21 43.41
N THR O 131 3.93 -16.71 43.07
CA THR O 131 3.39 -16.90 41.72
C THR O 131 3.34 -15.63 40.86
N LYS O 132 3.43 -14.47 41.50
CA LYS O 132 3.28 -13.20 40.77
C LYS O 132 4.37 -12.19 41.07
N ARG O 133 5.57 -12.66 41.40
CA ARG O 133 6.65 -11.76 41.77
C ARG O 133 7.14 -10.90 40.60
N ASP O 134 7.15 -11.48 39.40
CA ASP O 134 7.63 -10.76 38.23
C ASP O 134 6.67 -9.64 37.87
N TRP O 135 5.37 -9.89 38.05
CA TRP O 135 4.36 -8.87 37.83
C TRP O 135 4.49 -7.74 38.85
N LEU O 136 4.70 -8.09 40.11
CA LEU O 136 4.82 -7.10 41.18
C LEU O 136 6.03 -6.16 40.99
N VAL O 137 7.17 -6.73 40.63
CA VAL O 137 8.36 -5.93 40.40
C VAL O 137 8.18 -4.95 39.23
N LYS O 138 7.62 -5.46 38.14
CA LYS O 138 7.45 -4.64 36.93
C LYS O 138 6.37 -3.56 37.11
N GLN O 139 5.46 -3.77 38.06
CA GLN O 139 4.47 -2.75 38.40
C GLN O 139 5.00 -1.89 39.54
N ARG O 140 6.27 -2.07 39.85
CA ARG O 140 6.97 -1.31 40.90
C ARG O 140 6.42 -1.55 42.31
N GLY O 141 5.99 -2.78 42.57
CA GLY O 141 5.57 -3.20 43.89
C GLY O 141 4.47 -2.37 44.51
N TRP O 142 4.67 -1.98 45.78
CA TRP O 142 3.64 -1.25 46.51
C TRP O 142 3.55 0.22 46.11
N ASP O 143 4.60 0.73 45.47
CA ASP O 143 4.57 2.08 44.91
C ASP O 143 3.56 2.14 43.77
N GLY O 144 3.52 1.09 42.96
CA GLY O 144 2.57 1.00 41.87
C GLY O 144 1.16 0.81 42.42
N PHE O 145 1.06 0.06 43.51
CA PHE O 145 -0.21 -0.15 44.19
C PHE O 145 -0.82 1.20 44.60
N VAL O 146 -0.03 2.02 45.29
CA VAL O 146 -0.46 3.35 45.70
C VAL O 146 -0.80 4.22 44.49
N GLU O 147 0.05 4.17 43.48
CA GLU O 147 -0.18 4.91 42.24
C GLU O 147 -1.49 4.57 41.54
N PHE O 148 -1.81 3.27 41.46
CA PHE O 148 -2.97 2.82 40.70
C PHE O 148 -4.30 3.31 41.31
N PHE O 149 -4.43 3.18 42.62
CA PHE O 149 -5.65 3.58 43.31
C PHE O 149 -5.56 5.02 43.80
N HIS O 150 -4.74 5.82 43.14
CA HIS O 150 -4.42 7.14 43.67
C HIS O 150 -5.43 8.27 43.48
N VAL O 151 -5.88 8.76 44.63
CA VAL O 151 -6.12 10.17 44.88
C VAL O 151 -5.69 10.24 46.34
N GLU O 152 -5.01 11.30 46.75
CA GLU O 152 -4.41 11.29 48.09
C GLU O 152 -4.61 12.59 48.89
N ASP O 153 -4.72 12.44 50.21
CA ASP O 153 -4.93 13.57 51.09
C ASP O 153 -3.96 13.57 52.27
N LEU O 154 -4.45 13.14 53.43
CA LEU O 154 -3.65 13.18 54.66
C LEU O 154 -3.36 11.79 55.23
N GLU O 155 -4.25 11.32 56.11
CA GLU O 155 -4.04 10.06 56.81
C GLU O 155 -4.76 8.91 56.12
N PRO P 1 -16.79 -28.36 44.67
CA PRO P 1 -17.10 -29.77 44.89
C PRO P 1 -17.24 -30.06 46.39
N GLY P 2 -16.14 -30.45 47.02
CA GLY P 2 -16.09 -30.56 48.47
C GLY P 2 -15.72 -29.21 49.04
N VAL P 3 -15.20 -28.36 48.15
CA VAL P 3 -14.89 -26.98 48.47
C VAL P 3 -14.81 -26.19 47.16
N MET P 4 -15.89 -25.45 46.87
CA MET P 4 -16.04 -24.80 45.57
C MET P 4 -15.07 -23.65 45.36
N THR P 5 -13.78 -23.97 45.25
CA THR P 5 -12.75 -22.96 45.06
C THR P 5 -12.87 -22.30 43.69
N GLN P 6 -13.40 -23.03 42.73
CA GLN P 6 -13.59 -22.51 41.37
C GLN P 6 -14.70 -21.47 41.34
N GLU P 7 -15.81 -21.78 42.03
CA GLU P 7 -16.96 -20.89 42.07
C GLU P 7 -16.63 -19.59 42.79
N VAL P 8 -16.11 -19.71 44.02
CA VAL P 8 -15.72 -18.54 44.79
C VAL P 8 -14.60 -17.78 44.10
N GLY P 9 -13.69 -18.52 43.47
CA GLY P 9 -12.59 -17.94 42.72
C GLY P 9 -13.06 -17.09 41.56
N GLN P 10 -13.99 -17.62 40.77
CA GLN P 10 -14.53 -16.89 39.63
C GLN P 10 -15.34 -15.67 40.05
N LEU P 11 -15.99 -15.77 41.21
CA LEU P 11 -16.74 -14.66 41.77
C LEU P 11 -15.80 -13.51 42.14
N LEU P 12 -14.69 -13.87 42.78
CA LEU P 12 -13.67 -12.90 43.16
C LEU P 12 -13.01 -12.26 41.94
N GLN P 13 -12.87 -13.05 40.87
CA GLN P 13 -12.30 -12.58 39.60
C GLN P 13 -13.10 -11.42 39.03
N ASP P 14 -14.41 -11.59 38.93
CA ASP P 14 -15.26 -10.56 38.36
C ASP P 14 -15.34 -9.30 39.24
N MET P 15 -15.45 -9.51 40.54
CA MET P 15 -15.40 -8.44 41.53
C MET P 15 -14.11 -7.64 41.40
N GLY P 16 -13.00 -8.36 41.28
CA GLY P 16 -11.70 -7.73 41.15
C GLY P 16 -11.56 -6.98 39.86
N ASP P 17 -12.19 -7.47 38.80
CA ASP P 17 -12.13 -6.83 37.49
C ASP P 17 -12.98 -5.58 37.47
N ASP P 18 -14.06 -5.58 38.24
CA ASP P 18 -14.92 -4.40 38.36
C ASP P 18 -14.21 -3.30 39.15
N VAL P 19 -13.42 -3.71 40.15
CA VAL P 19 -12.60 -2.78 40.91
C VAL P 19 -11.53 -2.20 40.00
N TYR P 20 -10.96 -3.05 39.15
CA TYR P 20 -9.99 -2.60 38.16
C TYR P 20 -10.58 -1.55 37.23
N GLN P 21 -11.80 -1.79 36.76
CA GLN P 21 -12.50 -0.84 35.90
C GLN P 21 -12.79 0.46 36.62
N GLN P 22 -13.03 0.37 37.92
CA GLN P 22 -13.39 1.54 38.73
C GLN P 22 -12.25 2.53 38.87
N TYR P 23 -11.02 2.02 39.02
CA TYR P 23 -9.88 2.85 39.35
C TYR P 23 -8.92 3.11 38.18
N ARG P 24 -9.06 2.33 37.12
CA ARG P 24 -8.16 2.44 35.97
C ARG P 24 -8.24 3.83 35.34
N SER P 25 -7.13 4.28 34.77
CA SER P 25 -7.06 5.59 34.14
C SER P 25 -7.92 5.63 32.88
N LEU P 26 -8.77 6.64 32.76
CA LEU P 26 -9.70 6.75 31.64
C LEU P 26 -8.95 6.88 30.31
N GLU Q 1 13.69 -17.35 14.00
CA GLU Q 1 12.51 -16.68 14.53
C GLU Q 1 11.66 -16.06 13.43
N ASP Q 2 10.35 -16.09 13.63
CA ASP Q 2 9.41 -15.57 12.63
C ASP Q 2 8.73 -14.32 13.16
N GLU Q 3 9.23 -13.16 12.76
CA GLU Q 3 8.68 -11.87 13.18
C GLU Q 3 7.21 -11.73 12.80
N LEU Q 4 6.88 -12.15 11.58
CA LEU Q 4 5.52 -12.08 11.09
C LEU Q 4 4.57 -12.93 11.93
N TYR Q 5 5.02 -14.14 12.29
CA TYR Q 5 4.23 -15.04 13.11
C TYR Q 5 3.97 -14.43 14.48
N ARG Q 6 5.05 -13.99 15.13
CA ARG Q 6 4.98 -13.45 16.48
C ARG Q 6 4.03 -12.26 16.54
N GLN Q 7 4.15 -11.35 15.58
CA GLN Q 7 3.29 -10.17 15.52
C GLN Q 7 1.84 -10.56 15.25
N SER Q 8 1.64 -11.45 14.28
CA SER Q 8 0.31 -11.96 13.95
C SER Q 8 -0.33 -12.64 15.15
N LEU Q 9 0.46 -13.43 15.88
CA LEU Q 9 -0.05 -14.12 17.05
C LEU Q 9 -0.43 -13.13 18.14
N GLU Q 10 0.41 -12.12 18.34
CA GLU Q 10 0.15 -11.10 19.34
C GLU Q 10 -1.16 -10.37 19.08
N ILE Q 11 -1.33 -9.89 17.84
CA ILE Q 11 -2.52 -9.13 17.46
C ILE Q 11 -3.81 -9.96 17.55
N ILE Q 12 -3.78 -11.14 16.94
CA ILE Q 12 -4.96 -12.00 16.89
C ILE Q 12 -5.36 -12.50 18.28
N SER Q 13 -4.38 -12.85 19.11
CA SER Q 13 -4.67 -13.28 20.47
C SER Q 13 -5.13 -12.13 21.36
N ARG Q 14 -4.62 -10.93 21.10
CA ARG Q 14 -5.07 -9.76 21.85
C ARG Q 14 -6.53 -9.46 21.57
N TYR Q 15 -6.91 -9.53 20.29
CA TYR Q 15 -8.28 -9.28 19.89
C TYR Q 15 -9.23 -10.33 20.47
N LEU Q 16 -8.89 -11.60 20.29
CA LEU Q 16 -9.71 -12.70 20.79
C LEU Q 16 -9.88 -12.67 22.31
N ARG Q 17 -8.82 -12.30 23.02
CA ARG Q 17 -8.89 -12.24 24.47
C ARG Q 17 -9.73 -11.07 24.99
N GLU Q 18 -9.58 -9.89 24.38
CA GLU Q 18 -10.33 -8.73 24.84
C GLU Q 18 -11.79 -8.80 24.41
N GLN Q 19 -12.05 -9.49 23.30
CA GLN Q 19 -13.43 -9.74 22.86
C GLN Q 19 -14.11 -10.68 23.84
N ALA Q 20 -13.34 -11.62 24.37
CA ALA Q 20 -13.86 -12.59 25.33
C ALA Q 20 -14.17 -11.95 26.68
N THR Q 21 -13.24 -11.14 27.18
CA THR Q 21 -13.40 -10.50 28.48
C THR Q 21 -14.54 -9.49 28.47
N GLY Q 22 -14.74 -8.84 27.33
CA GLY Q 22 -15.79 -7.85 27.19
C GLY Q 22 -15.32 -6.47 27.59
N ALA Q 23 -14.01 -6.29 27.61
CA ALA Q 23 -13.42 -5.00 27.97
C ALA Q 23 -12.08 -4.83 27.28
N LYS Q 24 -11.78 -3.61 26.84
CA LYS Q 24 -10.55 -3.33 26.10
C LYS Q 24 -9.30 -3.44 26.98
N ASP Q 25 -8.27 -4.09 26.44
CA ASP Q 25 -6.95 -4.04 27.04
C ASP Q 25 -6.09 -3.15 26.16
N THR Q 26 -5.72 -1.98 26.68
CA THR Q 26 -4.97 -1.00 25.91
C THR Q 26 -3.48 -1.04 26.24
N LYS Q 27 -3.01 -2.20 26.69
CA LYS Q 27 -1.60 -2.41 26.98
C LYS Q 27 -0.75 -2.17 25.74
N PRO Q 28 0.29 -1.34 25.87
CA PRO Q 28 1.26 -1.12 24.79
C PRO Q 28 1.82 -2.45 24.29
N MET Q 29 2.05 -2.56 22.98
CA MET Q 29 2.41 -3.84 22.37
C MET Q 29 3.82 -4.35 22.68
N GLY Q 30 4.39 -5.10 21.74
CA GLY Q 30 5.65 -5.77 21.96
C GLY Q 30 6.85 -5.21 21.23
N ARG Q 31 7.35 -5.99 20.27
CA ARG Q 31 8.63 -5.70 19.60
C ARG Q 31 8.68 -4.32 18.93
N SER Q 32 7.56 -3.89 18.37
CA SER Q 32 7.53 -2.62 17.64
C SER Q 32 6.22 -1.88 17.82
N GLY Q 33 6.27 -0.77 18.58
CA GLY Q 33 5.15 0.13 18.82
C GLY Q 33 3.77 -0.48 18.66
N ALA Q 34 3.09 -0.32 17.52
CA ALA Q 34 3.38 0.58 16.38
C ALA Q 34 2.26 0.32 15.39
N THR Q 35 2.61 -0.47 14.37
CA THR Q 35 1.66 -1.02 13.43
C THR Q 35 0.73 -1.99 14.17
N SER Q 36 1.30 -2.72 15.11
CA SER Q 36 0.56 -3.73 15.87
C SER Q 36 -0.61 -3.13 16.65
N ARG Q 37 -0.39 -1.96 17.25
CA ARG Q 37 -1.46 -1.26 17.94
C ARG Q 37 -2.49 -0.77 16.94
N LYS Q 38 -2.02 -0.24 15.82
CA LYS Q 38 -2.90 0.22 14.75
C LYS Q 38 -3.64 -0.96 14.12
N ALA Q 39 -3.02 -2.13 14.15
CA ALA Q 39 -3.66 -3.33 13.63
C ALA Q 39 -4.81 -3.74 14.54
N LEU Q 40 -4.56 -3.73 15.84
CA LEU Q 40 -5.59 -4.07 16.82
C LEU Q 40 -6.74 -3.07 16.81
N GLU Q 41 -6.41 -1.79 16.64
CA GLU Q 41 -7.44 -0.75 16.55
C GLU Q 41 -8.29 -0.93 15.30
N THR Q 42 -7.63 -1.18 14.17
CA THR Q 42 -8.32 -1.43 12.91
C THR Q 42 -9.12 -2.74 12.99
N LEU Q 43 -8.52 -3.76 13.59
CA LEU Q 43 -9.19 -5.04 13.80
C LEU Q 43 -10.41 -4.88 14.69
N ARG Q 44 -10.33 -3.95 15.65
CA ARG Q 44 -11.46 -3.67 16.52
C ARG Q 44 -12.64 -3.09 15.74
N ARG Q 45 -12.35 -2.13 14.88
CA ARG Q 45 -13.39 -1.44 14.14
C ARG Q 45 -14.07 -2.32 13.10
N VAL Q 46 -13.29 -2.84 12.16
CA VAL Q 46 -13.82 -3.70 11.10
C VAL Q 46 -14.34 -5.01 11.69
N GLY Q 47 -13.60 -5.57 12.64
CA GLY Q 47 -13.95 -6.84 13.24
C GLY Q 47 -15.26 -6.81 14.00
N ASP Q 48 -15.49 -5.76 14.80
CA ASP Q 48 -16.76 -5.62 15.51
C ASP Q 48 -17.91 -5.42 14.52
N GLY Q 49 -17.62 -4.72 13.44
CA GLY Q 49 -18.61 -4.49 12.39
C GLY Q 49 -19.04 -5.79 11.73
N VAL Q 50 -18.07 -6.63 11.40
CA VAL Q 50 -18.34 -7.92 10.78
C VAL Q 50 -19.21 -8.79 11.69
N GLN Q 51 -18.87 -8.81 12.98
CA GLN Q 51 -19.65 -9.58 13.96
C GLN Q 51 -21.06 -9.03 14.12
N ARG Q 52 -21.21 -7.72 14.05
CA ARG Q 52 -22.53 -7.11 14.16
C ARG Q 52 -23.40 -7.42 12.94
N ASN Q 53 -22.77 -7.50 11.78
CA ASN Q 53 -23.49 -7.77 10.54
C ASN Q 53 -23.97 -9.21 10.44
N HIS Q 54 -23.11 -10.15 10.82
CA HIS Q 54 -23.41 -11.57 10.63
C HIS Q 54 -23.61 -12.33 11.94
N GLU Q 55 -23.98 -11.62 13.01
CA GLU Q 55 -24.13 -12.23 14.33
C GLU Q 55 -25.06 -13.44 14.32
N THR Q 56 -26.21 -13.29 13.68
CA THR Q 56 -27.20 -14.37 13.63
C THR Q 56 -26.62 -15.59 12.95
N ALA Q 57 -26.03 -15.39 11.77
CA ALA Q 57 -25.39 -16.46 11.02
C ALA Q 57 -24.24 -17.10 11.78
N PHE Q 58 -23.38 -16.27 12.38
CA PHE Q 58 -22.25 -16.76 13.16
C PHE Q 58 -22.72 -17.69 14.27
N GLN Q 59 -23.79 -17.30 14.95
CA GLN Q 59 -24.38 -18.09 16.02
C GLN Q 59 -24.80 -19.47 15.52
N GLY Q 60 -25.36 -19.52 14.31
CA GLY Q 60 -25.79 -20.77 13.74
C GLY Q 60 -24.63 -21.62 13.25
N MET Q 61 -23.64 -20.96 12.66
CA MET Q 61 -22.49 -21.66 12.08
C MET Q 61 -21.63 -22.34 13.15
N LEU Q 62 -21.36 -21.60 14.22
CA LEU Q 62 -20.58 -22.14 15.33
C LEU Q 62 -21.32 -23.26 16.04
N ARG Q 63 -22.64 -23.14 16.10
CA ARG Q 63 -23.49 -24.15 16.69
C ARG Q 63 -23.35 -25.46 15.92
N LYS Q 64 -23.28 -25.36 14.60
CA LYS Q 64 -23.14 -26.51 13.72
C LYS Q 64 -21.80 -27.21 13.94
N LEU Q 65 -20.75 -26.42 14.17
CA LEU Q 65 -19.40 -26.94 14.36
C LEU Q 65 -19.26 -27.73 15.67
N ASP Q 66 -20.16 -27.45 16.61
CA ASP Q 66 -20.19 -28.13 17.90
C ASP Q 66 -18.85 -28.07 18.63
N ILE Q 67 -18.41 -26.86 18.94
CA ILE Q 67 -17.16 -26.65 19.64
C ILE Q 67 -17.37 -26.69 21.14
N LYS Q 68 -16.73 -27.65 21.80
CA LYS Q 68 -17.00 -27.90 23.21
C LYS Q 68 -15.72 -27.86 24.06
N ASN Q 69 -14.60 -28.18 23.45
CA ASN Q 69 -13.31 -28.18 24.15
C ASN Q 69 -12.12 -27.98 23.21
N GLU Q 70 -10.91 -28.14 23.75
CA GLU Q 70 -9.69 -27.86 23.00
C GLU Q 70 -9.49 -28.81 21.83
N ASP Q 71 -10.00 -30.03 21.96
CA ASP Q 71 -9.91 -31.02 20.89
C ASP Q 71 -10.73 -30.59 19.67
N ASP Q 72 -11.78 -29.79 19.91
CA ASP Q 72 -12.65 -29.32 18.83
C ASP Q 72 -12.04 -28.12 18.09
N VAL Q 73 -11.10 -27.43 18.72
CA VAL Q 73 -10.37 -26.35 18.08
C VAL Q 73 -9.63 -26.89 16.86
N LYS Q 74 -9.15 -28.12 16.99
CA LYS Q 74 -8.50 -28.82 15.89
C LYS Q 74 -9.42 -28.92 14.67
N SER Q 75 -10.71 -29.05 14.92
CA SER Q 75 -11.69 -29.16 13.84
C SER Q 75 -11.99 -27.79 13.22
N LEU Q 76 -11.51 -26.73 13.85
CA LEU Q 76 -11.73 -25.38 13.33
C LEU Q 76 -10.67 -25.00 12.31
N SER Q 77 -9.50 -25.63 12.40
CA SER Q 77 -8.43 -25.41 11.44
C SER Q 77 -8.86 -25.88 10.05
N ARG Q 78 -9.68 -26.92 10.01
CA ARG Q 78 -10.19 -27.47 8.76
C ARG Q 78 -11.09 -26.46 8.04
N VAL Q 79 -11.86 -25.71 8.83
CA VAL Q 79 -12.70 -24.64 8.29
C VAL Q 79 -11.85 -23.51 7.71
N MET Q 80 -10.83 -23.10 8.45
CA MET Q 80 -9.94 -22.01 8.02
C MET Q 80 -9.30 -22.30 6.68
N ILE Q 81 -8.83 -23.53 6.51
CA ILE Q 81 -8.21 -23.96 5.27
C ILE Q 81 -9.21 -23.96 4.11
N HIS Q 82 -10.46 -24.31 4.41
CA HIS Q 82 -11.51 -24.33 3.40
C HIS Q 82 -11.83 -22.92 2.87
N VAL Q 83 -11.54 -21.91 3.67
CA VAL Q 83 -11.80 -20.53 3.28
C VAL Q 83 -10.92 -20.11 2.09
N PHE Q 84 -9.72 -20.68 2.01
CA PHE Q 84 -8.78 -20.33 0.94
C PHE Q 84 -8.67 -21.42 -0.12
N SER Q 85 -9.57 -22.40 -0.06
CA SER Q 85 -9.45 -23.59 -0.91
C SER Q 85 -9.67 -23.34 -2.40
N ASP Q 86 -10.18 -22.15 -2.75
CA ASP Q 86 -10.42 -21.83 -4.15
C ASP Q 86 -9.24 -21.09 -4.76
N GLY Q 87 -8.23 -20.79 -3.95
CA GLY Q 87 -7.02 -20.13 -4.42
C GLY Q 87 -7.05 -18.62 -4.25
N VAL Q 88 -8.20 -18.08 -3.90
CA VAL Q 88 -8.36 -16.65 -3.72
C VAL Q 88 -8.00 -16.20 -2.31
N THR Q 89 -7.12 -15.21 -2.20
CA THR Q 89 -6.74 -14.67 -0.91
C THR Q 89 -6.85 -13.15 -0.90
N ASN Q 90 -7.66 -12.62 0.01
CA ASN Q 90 -7.78 -11.18 0.18
C ASN Q 90 -7.97 -10.79 1.65
N TRP Q 91 -7.88 -9.50 1.95
CA TRP Q 91 -7.99 -9.02 3.31
C TRP Q 91 -9.38 -9.25 3.90
N GLY Q 92 -10.39 -9.28 3.04
CA GLY Q 92 -11.76 -9.49 3.46
C GLY Q 92 -11.97 -10.85 4.08
N ARG Q 93 -11.45 -11.88 3.43
CA ARG Q 93 -11.53 -13.24 3.96
C ARG Q 93 -10.76 -13.37 5.26
N ILE Q 94 -9.58 -12.74 5.31
CA ILE Q 94 -8.70 -12.87 6.47
C ILE Q 94 -9.31 -12.25 7.71
N VAL Q 95 -9.88 -11.06 7.55
CA VAL Q 95 -10.49 -10.35 8.67
C VAL Q 95 -11.78 -11.04 9.14
N THR Q 96 -12.50 -11.67 8.21
CA THR Q 96 -13.74 -12.35 8.56
C THR Q 96 -13.42 -13.62 9.33
N LEU Q 97 -12.32 -14.27 8.95
CA LEU Q 97 -11.81 -15.45 9.63
C LEU Q 97 -11.44 -15.12 11.08
N ILE Q 98 -10.75 -14.00 11.27
CA ILE Q 98 -10.39 -13.54 12.60
C ILE Q 98 -11.64 -13.12 13.39
N SER Q 99 -12.59 -12.48 12.73
CA SER Q 99 -13.82 -12.04 13.36
C SER Q 99 -14.68 -13.21 13.84
N PHE Q 100 -14.69 -14.28 13.07
CA PHE Q 100 -15.38 -15.49 13.47
C PHE Q 100 -14.65 -16.08 14.65
N GLY Q 101 -13.32 -15.93 14.65
CA GLY Q 101 -12.49 -16.44 15.72
C GLY Q 101 -12.77 -15.75 17.05
N ALA Q 102 -13.05 -14.47 16.99
CA ALA Q 102 -13.41 -13.69 18.17
C ALA Q 102 -14.78 -14.14 18.68
N PHE Q 103 -15.67 -14.46 17.75
CA PHE Q 103 -17.00 -14.94 18.11
C PHE Q 103 -16.90 -16.30 18.79
N VAL Q 104 -16.01 -17.15 18.29
CA VAL Q 104 -15.76 -18.45 18.90
C VAL Q 104 -15.15 -18.29 20.29
N ALA Q 105 -14.27 -17.30 20.43
CA ALA Q 105 -13.62 -17.02 21.72
C ALA Q 105 -14.64 -16.64 22.78
N LYS Q 106 -15.61 -15.83 22.39
CA LYS Q 106 -16.69 -15.44 23.29
C LYS Q 106 -17.46 -16.68 23.75
N HIS Q 107 -17.73 -17.57 22.81
CA HIS Q 107 -18.43 -18.83 23.08
C HIS Q 107 -17.67 -19.69 24.08
N LEU Q 108 -16.36 -19.75 23.92
CA LEU Q 108 -15.51 -20.53 24.80
C LEU Q 108 -15.60 -20.01 26.24
N LYS Q 109 -15.69 -18.69 26.36
CA LYS Q 109 -15.84 -18.06 27.67
C LYS Q 109 -17.20 -18.41 28.27
N THR Q 110 -18.22 -18.43 27.41
CA THR Q 110 -19.59 -18.74 27.82
C THR Q 110 -19.72 -20.17 28.37
N ILE Q 111 -19.01 -21.11 27.78
CA ILE Q 111 -19.09 -22.50 28.23
C ILE Q 111 -17.95 -22.84 29.17
N ASN Q 112 -17.31 -21.81 29.72
CA ASN Q 112 -16.25 -21.98 30.72
C ASN Q 112 -15.06 -22.77 30.19
N GLN Q 113 -14.57 -22.38 29.02
CA GLN Q 113 -13.44 -23.05 28.40
C GLN Q 113 -12.42 -22.01 27.92
N GLU Q 114 -12.05 -21.10 28.82
CA GLU Q 114 -11.18 -19.98 28.48
C GLU Q 114 -9.76 -20.41 28.11
N SER Q 115 -9.37 -21.60 28.57
CA SER Q 115 -8.04 -22.13 28.27
C SER Q 115 -7.88 -22.47 26.79
N CYS Q 116 -9.00 -22.57 26.08
CA CYS Q 116 -8.99 -22.91 24.66
C CYS Q 116 -8.80 -21.70 23.74
N ILE Q 117 -8.89 -20.50 24.31
CA ILE Q 117 -8.83 -19.28 23.51
C ILE Q 117 -7.45 -19.05 22.86
N GLU Q 118 -6.39 -19.26 23.62
CA GLU Q 118 -5.03 -19.11 23.09
C GLU Q 118 -4.68 -20.14 22.00
N PRO Q 119 -4.99 -21.44 22.21
CA PRO Q 119 -4.76 -22.37 21.10
C PRO Q 119 -5.61 -22.04 19.88
N LEU Q 120 -6.77 -21.43 20.10
CA LEU Q 120 -7.62 -20.98 19.00
C LEU Q 120 -6.92 -19.89 18.19
N ALA Q 121 -6.41 -18.87 18.88
CA ALA Q 121 -5.70 -17.79 18.20
C ALA Q 121 -4.42 -18.33 17.55
N GLU Q 122 -3.85 -19.37 18.15
CA GLU Q 122 -2.65 -20.00 17.64
C GLU Q 122 -2.92 -20.71 16.31
N SER Q 123 -4.02 -21.45 16.26
CA SER Q 123 -4.39 -22.20 15.06
C SER Q 123 -4.78 -21.28 13.91
N ILE Q 124 -5.45 -20.18 14.23
CA ILE Q 124 -5.77 -19.16 13.24
C ILE Q 124 -4.48 -18.58 12.68
N THR Q 125 -3.56 -18.24 13.56
CA THR Q 125 -2.26 -17.71 13.18
C THR Q 125 -1.49 -18.72 12.35
N ASP Q 126 -1.53 -19.99 12.76
CA ASP Q 126 -0.86 -21.06 12.04
C ASP Q 126 -1.29 -21.14 10.57
N VAL Q 127 -2.60 -21.26 10.35
CA VAL Q 127 -3.17 -21.36 9.02
C VAL Q 127 -2.75 -20.19 8.13
N LEU Q 128 -2.82 -18.99 8.67
CA LEU Q 128 -2.47 -17.77 7.94
C LEU Q 128 -1.02 -17.77 7.45
N VAL Q 129 -0.09 -18.14 8.32
CA VAL Q 129 1.33 -18.05 8.00
C VAL Q 129 1.85 -19.29 7.27
N ARG Q 130 1.35 -20.47 7.65
CA ARG Q 130 1.85 -21.72 7.09
C ARG Q 130 1.47 -21.85 5.63
N THR Q 131 0.31 -21.32 5.27
CA THR Q 131 -0.22 -21.49 3.93
C THR Q 131 -0.16 -20.21 3.08
N LYS Q 132 -0.05 -19.06 3.75
CA LYS Q 132 -0.13 -17.78 3.03
C LYS Q 132 0.94 -16.76 3.45
N ARG Q 133 2.15 -17.22 3.74
CA ARG Q 133 3.20 -16.30 4.17
C ARG Q 133 3.69 -15.41 3.04
N ASP Q 134 3.83 -15.98 1.85
CA ASP Q 134 4.31 -15.23 0.69
C ASP Q 134 3.32 -14.12 0.30
N TRP Q 135 2.03 -14.41 0.46
CA TRP Q 135 1.00 -13.44 0.16
C TRP Q 135 1.06 -12.29 1.15
N LEU Q 136 1.35 -12.61 2.40
CA LEU Q 136 1.39 -11.59 3.45
C LEU Q 136 2.55 -10.62 3.30
N VAL Q 137 3.72 -11.13 2.93
CA VAL Q 137 4.89 -10.28 2.77
C VAL Q 137 4.78 -9.41 1.52
N LYS Q 138 4.02 -9.90 0.54
CA LYS Q 138 3.73 -9.12 -0.66
C LYS Q 138 2.79 -7.98 -0.33
N GLN Q 139 1.87 -8.24 0.60
CA GLN Q 139 0.87 -7.26 1.00
C GLN Q 139 1.33 -6.46 2.22
N ARG Q 140 2.64 -6.47 2.47
CA ARG Q 140 3.24 -5.67 3.54
C ARG Q 140 2.70 -5.98 4.94
N GLY Q 141 2.26 -7.23 5.13
CA GLY Q 141 1.83 -7.70 6.44
C GLY Q 141 0.73 -6.89 7.10
N TRP Q 142 0.97 -6.49 8.34
CA TRP Q 142 -0.02 -5.76 9.11
C TRP Q 142 -0.05 -4.26 8.81
N ASP Q 143 0.99 -3.78 8.11
CA ASP Q 143 0.96 -2.42 7.60
C ASP Q 143 -0.07 -2.36 6.48
N GLY Q 144 -0.08 -3.41 5.66
CA GLY Q 144 -1.03 -3.52 4.57
C GLY Q 144 -2.45 -3.73 5.07
N PHE Q 145 -2.59 -4.41 6.19
CA PHE Q 145 -3.90 -4.63 6.79
C PHE Q 145 -4.50 -3.30 7.22
N VAL Q 146 -3.71 -2.50 7.92
CA VAL Q 146 -4.10 -1.16 8.32
C VAL Q 146 -4.42 -0.31 7.09
N GLU Q 147 -3.56 -0.39 6.09
CA GLU Q 147 -3.71 0.39 4.86
C GLU Q 147 -4.99 0.06 4.11
N PHE Q 148 -5.31 -1.23 4.03
CA PHE Q 148 -6.46 -1.66 3.24
C PHE Q 148 -7.79 -1.24 3.85
N PHE Q 149 -7.91 -1.33 5.17
CA PHE Q 149 -9.15 -0.99 5.87
C PHE Q 149 -9.20 0.46 6.34
N HIS Q 150 -8.17 1.23 6.00
CA HIS Q 150 -8.13 2.65 6.35
C HIS Q 150 -9.19 3.40 5.57
N VAL Q 151 -9.92 4.29 6.25
CA VAL Q 151 -11.00 5.03 5.61
C VAL Q 151 -10.69 6.53 5.46
N GLU Q 152 -10.84 7.28 6.55
CA GLU Q 152 -10.64 8.74 6.59
C GLU Q 152 -11.26 9.52 5.43
N ASP Q 153 -10.84 10.77 5.29
CA ASP Q 153 -11.15 11.58 4.11
C ASP Q 153 -10.13 12.70 3.96
N LEU Q 154 -8.91 12.43 4.42
CA LEU Q 154 -7.80 13.37 4.30
C LEU Q 154 -6.86 12.94 3.18
N PRO R 1 -19.16 -40.54 11.69
CA PRO R 1 -19.88 -39.28 11.88
C PRO R 1 -18.93 -38.11 12.13
N GLY R 2 -18.84 -37.20 11.17
CA GLY R 2 -17.94 -36.06 11.30
C GLY R 2 -18.63 -34.73 11.08
N VAL R 3 -18.13 -33.70 11.75
CA VAL R 3 -18.68 -32.35 11.63
C VAL R 3 -18.42 -31.82 10.23
N MET R 4 -19.34 -31.00 9.71
CA MET R 4 -19.18 -30.43 8.39
C MET R 4 -18.39 -29.13 8.44
N THR R 5 -17.28 -29.08 7.70
CA THR R 5 -16.39 -27.92 7.73
C THR R 5 -16.42 -27.12 6.44
N GLN R 6 -16.99 -27.70 5.38
CA GLN R 6 -17.01 -27.04 4.08
C GLN R 6 -18.13 -26.02 3.96
N GLU R 7 -19.28 -26.31 4.57
CA GLU R 7 -20.42 -25.41 4.53
C GLU R 7 -20.09 -24.08 5.20
N VAL R 8 -19.52 -24.16 6.39
CA VAL R 8 -19.13 -22.97 7.14
C VAL R 8 -17.97 -22.25 6.43
N GLY R 9 -17.09 -23.04 5.82
CA GLY R 9 -15.96 -22.50 5.09
C GLY R 9 -16.40 -21.61 3.93
N GLN R 10 -17.36 -22.10 3.15
CA GLN R 10 -17.88 -21.35 2.01
C GLN R 10 -18.72 -20.14 2.44
N LEU R 11 -19.45 -20.29 3.55
CA LEU R 11 -20.21 -19.17 4.10
C LEU R 11 -19.27 -18.04 4.48
N LEU R 12 -18.15 -18.39 5.10
CA LEU R 12 -17.15 -17.41 5.48
C LEU R 12 -16.47 -16.79 4.26
N GLN R 13 -16.32 -17.59 3.21
CA GLN R 13 -15.74 -17.10 1.96
C GLN R 13 -16.55 -15.95 1.38
N ASP R 14 -17.86 -16.17 1.28
CA ASP R 14 -18.76 -15.17 0.71
C ASP R 14 -18.86 -13.93 1.59
N MET R 15 -18.92 -14.14 2.90
CA MET R 15 -18.93 -13.02 3.84
C MET R 15 -17.62 -12.26 3.72
N GLY R 16 -16.52 -13.00 3.60
CA GLY R 16 -15.20 -12.41 3.44
C GLY R 16 -15.08 -11.58 2.17
N ASP R 17 -15.59 -12.13 1.06
CA ASP R 17 -15.53 -11.43 -0.21
C ASP R 17 -16.45 -10.21 -0.24
N ASP R 18 -17.51 -10.26 0.57
CA ASP R 18 -18.41 -9.12 0.73
C ASP R 18 -17.68 -7.97 1.43
N VAL R 19 -16.96 -8.31 2.49
CA VAL R 19 -16.13 -7.35 3.19
C VAL R 19 -15.08 -6.79 2.23
N TYR R 20 -14.62 -7.63 1.31
CA TYR R 20 -13.65 -7.19 0.32
C TYR R 20 -14.20 -6.10 -0.59
N GLN R 21 -15.46 -6.23 -0.99
CA GLN R 21 -16.07 -5.21 -1.85
C GLN R 21 -16.40 -3.95 -1.07
N GLN R 22 -16.71 -4.10 0.21
CA GLN R 22 -17.11 -2.99 1.06
C GLN R 22 -16.01 -1.95 1.23
N TYR R 23 -14.82 -2.41 1.61
CA TYR R 23 -13.69 -1.51 1.82
C TYR R 23 -12.81 -1.44 0.56
N ARG R 24 -13.44 -1.65 -0.59
CA ARG R 24 -12.78 -1.62 -1.90
C ARG R 24 -11.77 -2.75 -2.08
N GLU S 1 -55.24 -18.20 78.11
CA GLU S 1 -53.82 -18.42 78.40
C GLU S 1 -53.16 -19.28 77.33
N ASP S 2 -51.83 -19.23 77.27
CA ASP S 2 -51.08 -20.03 76.31
C ASP S 2 -50.24 -21.06 77.04
N GLU S 3 -50.69 -22.31 77.03
CA GLU S 3 -50.00 -23.38 77.74
C GLU S 3 -48.64 -23.70 77.15
N LEU S 4 -48.55 -23.69 75.82
CA LEU S 4 -47.29 -23.95 75.14
C LEU S 4 -46.25 -22.90 75.48
N TYR S 5 -46.68 -21.65 75.53
CA TYR S 5 -45.77 -20.56 75.88
C TYR S 5 -45.30 -20.70 77.33
N ARG S 6 -46.25 -20.91 78.24
CA ARG S 6 -45.94 -21.03 79.66
C ARG S 6 -44.98 -22.20 79.91
N GLN S 7 -45.25 -23.32 79.25
CA GLN S 7 -44.39 -24.49 79.39
C GLN S 7 -43.02 -24.25 78.77
N SER S 8 -43.00 -23.64 77.59
CA SER S 8 -41.75 -23.31 76.91
C SER S 8 -40.92 -22.35 77.76
N LEU S 9 -41.59 -21.36 78.33
CA LEU S 9 -40.92 -20.36 79.14
C LEU S 9 -40.29 -20.98 80.39
N GLU S 10 -41.04 -21.81 81.10
CA GLU S 10 -40.57 -22.45 82.32
C GLU S 10 -39.33 -23.31 82.06
N ILE S 11 -39.40 -24.14 81.03
CA ILE S 11 -38.30 -25.04 80.68
C ILE S 11 -37.03 -24.28 80.34
N ILE S 12 -37.14 -23.35 79.40
CA ILE S 12 -35.99 -22.56 78.95
C ILE S 12 -35.41 -21.69 80.06
N SER S 13 -36.29 -21.09 80.86
CA SER S 13 -35.85 -20.29 81.99
C SER S 13 -35.17 -21.15 83.05
N ARG S 14 -35.69 -22.34 83.28
CA ARG S 14 -35.10 -23.27 84.25
C ARG S 14 -33.68 -23.65 83.84
N TYR S 15 -33.52 -24.01 82.57
CA TYR S 15 -32.22 -24.40 82.05
C TYR S 15 -31.22 -23.25 82.19
N LEU S 16 -31.55 -22.09 81.62
CA LEU S 16 -30.68 -20.92 81.68
C LEU S 16 -30.29 -20.53 83.10
N ARG S 17 -31.26 -20.60 84.03
CA ARG S 17 -31.01 -20.25 85.42
C ARG S 17 -30.01 -21.18 86.10
N GLU S 18 -30.22 -22.49 85.97
CA GLU S 18 -29.34 -23.44 86.63
C GLU S 18 -27.97 -23.56 85.95
N GLN S 19 -27.93 -23.29 84.65
CA GLN S 19 -26.67 -23.22 83.92
C GLN S 19 -25.87 -22.03 84.42
N ALA S 20 -26.57 -20.95 84.73
CA ALA S 20 -25.93 -19.73 85.24
C ALA S 20 -25.50 -19.89 86.69
N THR S 21 -26.35 -20.48 87.51
CA THR S 21 -26.02 -20.71 88.91
C THR S 21 -24.94 -21.79 89.04
N GLY S 22 -24.83 -22.64 88.02
CA GLY S 22 -23.81 -23.66 88.00
C GLY S 22 -24.30 -25.02 88.46
N ALA S 23 -25.19 -25.03 89.44
CA ALA S 23 -25.73 -26.28 89.98
C ALA S 23 -27.19 -26.46 89.61
N LYS S 24 -27.54 -27.66 89.14
CA LYS S 24 -28.92 -27.97 88.77
C LYS S 24 -29.87 -27.80 89.96
N ASP S 25 -31.15 -27.60 89.68
CA ASP S 25 -32.07 -27.08 90.70
C ASP S 25 -32.32 -27.98 91.94
N THR S 26 -33.10 -29.08 91.88
CA THR S 26 -33.89 -29.54 90.73
C THR S 26 -35.35 -29.63 91.16
N LYS S 27 -35.93 -28.48 91.52
CA LYS S 27 -37.30 -28.41 92.02
C LYS S 27 -38.30 -28.95 90.98
N PRO S 28 -39.34 -29.64 91.45
CA PRO S 28 -40.33 -30.22 90.53
C PRO S 28 -41.24 -29.18 89.88
N MET S 29 -41.53 -29.39 88.60
CA MET S 29 -42.62 -28.69 87.92
C MET S 29 -43.89 -29.23 88.58
N GLY S 30 -45.01 -28.50 88.52
CA GLY S 30 -45.18 -27.26 87.79
C GLY S 30 -46.65 -27.21 87.41
N ARG S 31 -46.94 -27.53 86.15
CA ARG S 31 -48.30 -27.87 85.76
C ARG S 31 -48.29 -29.30 85.25
N SER S 32 -47.97 -29.49 83.98
CA SER S 32 -47.73 -30.81 83.43
C SER S 32 -46.29 -31.20 83.76
N GLY S 33 -46.04 -31.52 85.02
CA GLY S 33 -44.70 -31.73 85.53
C GLY S 33 -43.88 -32.82 84.86
N ALA S 34 -44.56 -33.87 84.41
CA ALA S 34 -43.90 -35.01 83.79
C ALA S 34 -43.08 -34.64 82.57
N THR S 35 -43.73 -34.07 81.57
CA THR S 35 -43.07 -33.71 80.31
C THR S 35 -42.06 -32.58 80.51
N SER S 36 -42.45 -31.57 81.27
CA SER S 36 -41.59 -30.41 81.51
C SER S 36 -40.27 -30.81 82.16
N ARG S 37 -40.31 -31.80 83.03
CA ARG S 37 -39.11 -32.34 83.65
C ARG S 37 -38.29 -33.14 82.64
N LYS S 38 -38.98 -33.97 81.86
CA LYS S 38 -38.32 -34.75 80.81
C LYS S 38 -37.73 -33.86 79.72
N ALA S 39 -38.26 -32.66 79.57
CA ALA S 39 -37.70 -31.71 78.61
C ALA S 39 -36.43 -31.09 79.18
N LEU S 40 -36.48 -30.72 80.44
CA LEU S 40 -35.32 -30.10 81.11
C LEU S 40 -34.15 -31.09 81.20
N GLU S 41 -34.45 -32.35 81.42
CA GLU S 41 -33.41 -33.39 81.48
C GLU S 41 -32.81 -33.65 80.11
N THR S 42 -33.66 -33.65 79.08
CA THR S 42 -33.19 -33.82 77.71
C THR S 42 -32.38 -32.59 77.29
N LEU S 43 -32.84 -31.42 77.72
CA LEU S 43 -32.17 -30.17 77.39
C LEU S 43 -30.80 -30.09 78.08
N ARG S 44 -30.72 -30.65 79.28
CA ARG S 44 -29.44 -30.73 79.98
C ARG S 44 -28.45 -31.58 79.19
N ARG S 45 -28.92 -32.74 78.73
CA ARG S 45 -28.08 -33.68 78.00
C ARG S 45 -27.57 -33.11 76.68
N VAL S 46 -28.50 -32.78 75.79
CA VAL S 46 -28.14 -32.27 74.47
C VAL S 46 -27.49 -30.89 74.55
N GLY S 47 -28.04 -30.04 75.42
CA GLY S 47 -27.58 -28.67 75.55
C GLY S 47 -26.14 -28.54 76.03
N ASP S 48 -25.79 -29.30 77.08
CA ASP S 48 -24.42 -29.30 77.57
C ASP S 48 -23.46 -29.85 76.52
N GLY S 49 -23.94 -30.80 75.73
CA GLY S 49 -23.16 -31.38 74.65
C GLY S 49 -22.83 -30.37 73.57
N VAL S 50 -23.85 -29.64 73.13
CA VAL S 50 -23.67 -28.57 72.15
C VAL S 50 -22.66 -27.53 72.65
N GLN S 51 -22.83 -27.11 73.90
CA GLN S 51 -21.95 -26.11 74.48
C GLN S 51 -20.50 -26.56 74.55
N ARG S 52 -20.26 -27.82 74.92
CA ARG S 52 -18.90 -28.35 74.99
C ARG S 52 -18.26 -28.44 73.61
N ASN S 53 -19.07 -28.75 72.60
CA ASN S 53 -18.59 -28.88 71.23
C ASN S 53 -18.24 -27.53 70.59
N HIS S 54 -19.07 -26.52 70.87
CA HIS S 54 -18.89 -25.22 70.22
C HIS S 54 -18.52 -24.11 71.20
N GLU S 55 -17.93 -24.47 72.33
CA GLU S 55 -17.57 -23.50 73.38
C GLU S 55 -16.67 -22.39 72.86
N THR S 56 -15.62 -22.77 72.13
CA THR S 56 -14.67 -21.82 71.60
C THR S 56 -15.38 -20.80 70.70
N ALA S 57 -16.15 -21.32 69.76
CA ALA S 57 -16.90 -20.49 68.82
C ALA S 57 -17.90 -19.61 69.56
N PHE S 58 -18.65 -20.20 70.49
CA PHE S 58 -19.65 -19.48 71.28
C PHE S 58 -19.01 -18.29 72.02
N GLN S 59 -17.82 -18.51 72.57
CA GLN S 59 -17.09 -17.45 73.26
C GLN S 59 -16.79 -16.26 72.35
N GLY S 60 -16.41 -16.55 71.10
CA GLY S 60 -16.13 -15.50 70.14
C GLY S 60 -17.39 -14.81 69.65
N MET S 61 -18.43 -15.60 69.38
CA MET S 61 -19.68 -15.09 68.82
C MET S 61 -20.40 -14.17 69.79
N LEU S 62 -20.35 -14.52 71.07
CA LEU S 62 -20.96 -13.71 72.12
C LEU S 62 -20.16 -12.43 72.33
N ARG S 63 -18.84 -12.56 72.21
CA ARG S 63 -17.94 -11.41 72.31
C ARG S 63 -18.25 -10.41 71.20
N LYS S 64 -18.53 -10.93 70.02
CA LYS S 64 -18.88 -10.13 68.85
C LYS S 64 -20.16 -9.32 69.09
N LEU S 65 -21.12 -9.93 69.77
CA LEU S 65 -22.40 -9.29 70.04
C LEU S 65 -22.27 -8.17 71.08
N ASP S 66 -21.28 -8.31 71.96
CA ASP S 66 -21.02 -7.33 73.02
C ASP S 66 -22.25 -7.09 73.89
N ILE S 67 -22.70 -8.14 74.57
CA ILE S 67 -23.83 -8.01 75.49
C ILE S 67 -23.35 -7.48 76.84
N LYS S 68 -23.82 -6.29 77.20
CA LYS S 68 -23.41 -5.65 78.45
C LYS S 68 -24.55 -5.59 79.45
N ASN S 69 -25.76 -5.36 78.95
CA ASN S 69 -26.92 -5.16 79.82
C ASN S 69 -28.23 -5.61 79.19
N GLU S 70 -29.34 -5.19 79.79
CA GLU S 70 -30.66 -5.65 79.37
C GLU S 70 -31.08 -5.11 78.00
N ASP S 71 -30.58 -3.92 77.65
CA ASP S 71 -30.90 -3.33 76.36
C ASP S 71 -30.26 -4.08 75.21
N ASP S 72 -29.14 -4.74 75.48
CA ASP S 72 -28.43 -5.52 74.48
C ASP S 72 -29.11 -6.87 74.23
N VAL S 73 -30.04 -7.21 75.11
CA VAL S 73 -30.85 -8.43 74.94
C VAL S 73 -31.65 -8.37 73.65
N LYS S 74 -32.06 -7.16 73.26
CA LYS S 74 -32.77 -6.95 72.01
C LYS S 74 -31.95 -7.42 70.80
N SER S 75 -30.65 -7.14 70.84
CA SER S 75 -29.75 -7.53 69.75
C SER S 75 -29.67 -9.05 69.61
N LEU S 76 -30.08 -9.77 70.65
CA LEU S 76 -30.10 -11.22 70.62
C LEU S 76 -31.35 -11.73 69.92
N SER S 77 -32.47 -11.03 70.10
CA SER S 77 -33.72 -11.40 69.45
C SER S 77 -33.57 -11.31 67.94
N ARG S 78 -32.78 -10.35 67.49
CA ARG S 78 -32.47 -10.22 66.06
C ARG S 78 -31.71 -11.44 65.58
N VAL S 79 -30.74 -11.88 66.38
CA VAL S 79 -29.97 -13.08 66.08
C VAL S 79 -30.87 -14.30 65.92
N MET S 80 -31.79 -14.49 66.86
CA MET S 80 -32.69 -15.65 66.86
C MET S 80 -33.56 -15.70 65.61
N ILE S 81 -34.03 -14.54 65.16
CA ILE S 81 -34.82 -14.45 63.93
C ILE S 81 -34.00 -14.90 62.73
N HIS S 82 -32.73 -14.49 62.67
CA HIS S 82 -31.84 -14.86 61.58
C HIS S 82 -31.62 -16.37 61.49
N VAL S 83 -31.71 -17.05 62.62
CA VAL S 83 -31.54 -18.51 62.68
C VAL S 83 -32.55 -19.22 61.78
N PHE S 84 -33.75 -18.64 61.67
CA PHE S 84 -34.81 -19.26 60.88
C PHE S 84 -35.11 -18.46 59.61
N SER S 85 -34.20 -17.56 59.25
CA SER S 85 -34.43 -16.64 58.12
C SER S 85 -34.61 -17.36 56.78
N ASP S 86 -34.03 -18.54 56.65
CA ASP S 86 -34.11 -19.30 55.40
C ASP S 86 -35.38 -20.14 55.32
N GLY S 87 -36.29 -19.93 56.26
CA GLY S 87 -37.57 -20.64 56.27
C GLY S 87 -37.50 -22.05 56.82
N VAL S 88 -36.29 -22.50 57.14
CA VAL S 88 -36.09 -23.85 57.65
C VAL S 88 -36.19 -23.92 59.17
N THR S 89 -36.97 -24.88 59.67
CA THR S 89 -37.12 -25.10 61.10
C THR S 89 -36.92 -26.57 61.45
N ASN S 90 -36.05 -26.84 62.43
CA ASN S 90 -35.88 -28.18 62.96
C ASN S 90 -35.48 -28.16 64.43
N TRP S 91 -35.53 -29.31 65.09
CA TRP S 91 -35.20 -29.39 66.51
C TRP S 91 -33.73 -29.05 66.78
N GLY S 92 -32.87 -29.33 65.81
CA GLY S 92 -31.46 -29.04 65.96
C GLY S 92 -31.18 -27.56 66.12
N ARG S 93 -31.86 -26.75 65.31
CA ARG S 93 -31.71 -25.31 65.40
C ARG S 93 -32.25 -24.75 66.72
N ILE S 94 -33.35 -25.34 67.19
CA ILE S 94 -34.01 -24.87 68.42
C ILE S 94 -33.15 -25.11 69.66
N VAL S 95 -32.59 -26.30 69.77
CA VAL S 95 -31.76 -26.64 70.93
C VAL S 95 -30.41 -25.92 70.93
N THR S 96 -29.96 -25.52 69.75
CA THR S 96 -28.70 -24.80 69.65
C THR S 96 -28.90 -23.36 70.09
N LEU S 97 -30.05 -22.80 69.71
CA LEU S 97 -30.43 -21.44 70.09
C LEU S 97 -30.55 -21.35 71.61
N ILE S 98 -31.20 -22.34 72.21
CA ILE S 98 -31.35 -22.39 73.66
C ILE S 98 -29.99 -22.65 74.33
N SER S 99 -29.16 -23.46 73.68
CA SER S 99 -27.83 -23.77 74.19
C SER S 99 -26.93 -22.54 74.18
N PHE S 100 -27.04 -21.73 73.13
CA PHE S 100 -26.30 -20.47 73.06
C PHE S 100 -26.82 -19.52 74.12
N GLY S 101 -28.13 -19.57 74.36
CA GLY S 101 -28.77 -18.74 75.37
C GLY S 101 -28.24 -19.05 76.77
N ALA S 102 -28.02 -20.33 77.05
CA ALA S 102 -27.47 -20.75 78.35
C ALA S 102 -26.05 -20.23 78.48
N PHE S 103 -25.31 -20.28 77.37
CA PHE S 103 -23.96 -19.74 77.34
C PHE S 103 -23.98 -18.24 77.62
N VAL S 104 -24.96 -17.55 77.05
CA VAL S 104 -25.14 -16.12 77.29
C VAL S 104 -25.52 -15.87 78.74
N ALA S 105 -26.32 -16.77 79.30
CA ALA S 105 -26.75 -16.64 80.68
C ALA S 105 -25.56 -16.71 81.63
N LYS S 106 -24.62 -17.61 81.32
CA LYS S 106 -23.40 -17.74 82.10
C LYS S 106 -22.62 -16.44 82.08
N HIS S 107 -22.54 -15.85 80.89
CA HIS S 107 -21.86 -14.58 80.68
C HIS S 107 -22.50 -13.46 81.49
N LEU S 108 -23.83 -13.44 81.53
CA LEU S 108 -24.55 -12.44 82.30
C LEU S 108 -24.21 -12.56 83.78
N LYS S 109 -24.00 -13.79 84.23
CA LYS S 109 -23.59 -14.06 85.60
C LYS S 109 -22.19 -13.48 85.83
N THR S 110 -21.29 -13.74 84.89
CA THR S 110 -19.90 -13.31 85.00
C THR S 110 -19.76 -11.79 85.10
N ILE S 111 -20.57 -11.06 84.35
CA ILE S 111 -20.49 -9.60 84.35
C ILE S 111 -21.52 -8.97 85.27
N ASN S 112 -22.03 -9.76 86.22
CA ASN S 112 -22.92 -9.26 87.27
C ASN S 112 -24.17 -8.60 86.70
N GLN S 113 -24.80 -9.29 85.74
CA GLN S 113 -26.04 -8.82 85.12
C GLN S 113 -27.08 -9.94 85.15
N GLU S 114 -27.28 -10.53 86.33
CA GLU S 114 -28.13 -11.69 86.48
C GLU S 114 -29.61 -11.37 86.26
N SER S 115 -29.97 -10.12 86.44
CA SER S 115 -31.35 -9.68 86.24
C SER S 115 -31.77 -9.76 84.76
N CYS S 116 -30.79 -9.92 83.87
CA CYS S 116 -31.07 -9.99 82.44
C CYS S 116 -31.37 -11.40 81.95
N ILE S 117 -31.18 -12.39 82.83
CA ILE S 117 -31.31 -13.79 82.44
C ILE S 117 -32.75 -14.20 82.12
N GLU S 118 -33.70 -13.83 82.97
CA GLU S 118 -35.10 -14.12 82.72
C GLU S 118 -35.66 -13.41 81.47
N PRO S 119 -35.35 -12.10 81.29
CA PRO S 119 -35.76 -11.46 80.02
C PRO S 119 -35.13 -12.14 78.80
N LEU S 120 -33.93 -12.68 78.97
CA LEU S 120 -33.27 -13.43 77.90
C LEU S 120 -34.08 -14.68 77.56
N ALA S 121 -34.48 -15.41 78.60
CA ALA S 121 -35.28 -16.61 78.42
C ALA S 121 -36.64 -16.27 77.83
N GLU S 122 -37.13 -15.07 78.17
CA GLU S 122 -38.40 -14.58 77.67
C GLU S 122 -38.33 -14.30 76.16
N SER S 123 -37.26 -13.66 75.73
CA SER S 123 -37.09 -13.32 74.31
C SER S 123 -36.94 -14.57 73.46
N ILE S 124 -36.20 -15.55 73.98
CA ILE S 124 -36.03 -16.83 73.31
C ILE S 124 -37.39 -17.51 73.15
N THR S 125 -38.13 -17.58 74.25
CA THR S 125 -39.47 -18.15 74.22
C THR S 125 -40.38 -17.36 73.28
N ASP S 126 -40.23 -16.04 73.31
CA ASP S 126 -41.01 -15.15 72.44
C ASP S 126 -40.83 -15.48 70.96
N VAL S 127 -39.58 -15.53 70.51
CA VAL S 127 -39.27 -15.85 69.13
C VAL S 127 -39.87 -17.18 68.69
N LEU S 128 -39.74 -18.19 69.54
CA LEU S 128 -40.21 -19.53 69.20
C LEU S 128 -41.74 -19.60 69.08
N VAL S 129 -42.44 -19.02 70.04
CA VAL S 129 -43.90 -19.09 70.07
C VAL S 129 -44.56 -18.11 69.10
N ARG S 130 -44.03 -16.90 69.02
CA ARG S 130 -44.61 -15.87 68.16
C ARG S 130 -44.52 -16.22 66.67
N THR S 131 -43.40 -16.81 66.27
CA THR S 131 -43.15 -17.04 64.85
C THR S 131 -43.22 -18.52 64.44
N LYS S 132 -43.19 -19.43 65.41
CA LYS S 132 -43.17 -20.85 65.08
C LYS S 132 -44.15 -21.71 65.90
N ARG S 133 -45.27 -21.13 66.29
CA ARG S 133 -46.22 -21.88 67.11
C ARG S 133 -46.88 -23.02 66.35
N ASP S 134 -47.21 -22.78 65.09
CA ASP S 134 -47.84 -23.80 64.26
C ASP S 134 -46.93 -25.00 64.08
N TRP S 135 -45.65 -24.74 63.82
CA TRP S 135 -44.66 -25.80 63.65
C TRP S 135 -44.56 -26.63 64.93
N LEU S 136 -44.62 -25.96 66.08
CA LEU S 136 -44.47 -26.63 67.37
C LEU S 136 -45.64 -27.55 67.73
N VAL S 137 -46.86 -27.13 67.39
CA VAL S 137 -48.02 -27.96 67.70
C VAL S 137 -48.07 -29.16 66.77
N LYS S 138 -47.50 -29.01 65.57
CA LYS S 138 -47.45 -30.11 64.62
C LYS S 138 -46.37 -31.12 64.98
N GLN S 139 -45.43 -30.71 65.83
CA GLN S 139 -44.38 -31.60 66.31
C GLN S 139 -44.64 -31.98 67.76
N ARG S 140 -45.89 -31.83 68.19
CA ARG S 140 -46.32 -32.20 69.54
C ARG S 140 -45.55 -31.53 70.68
N GLY S 141 -45.06 -30.32 70.44
CA GLY S 141 -44.44 -29.52 71.47
C GLY S 141 -43.25 -30.17 72.16
N TRP S 142 -43.25 -30.12 73.49
CA TRP S 142 -42.12 -30.63 74.26
C TRP S 142 -42.09 -32.15 74.41
N ASP S 143 -43.18 -32.82 74.05
CA ASP S 143 -43.18 -34.27 73.98
C ASP S 143 -42.36 -34.69 72.75
N GLY S 144 -42.56 -33.95 71.66
CA GLY S 144 -41.83 -34.19 70.43
C GLY S 144 -40.37 -33.81 70.53
N PHE S 145 -40.07 -32.85 71.39
CA PHE S 145 -38.68 -32.44 71.65
C PHE S 145 -37.95 -33.58 72.36
N VAL S 146 -38.57 -34.10 73.41
CA VAL S 146 -38.00 -35.22 74.16
C VAL S 146 -37.85 -36.43 73.24
N GLU S 147 -38.81 -36.62 72.36
CA GLU S 147 -38.82 -37.76 71.46
C GLU S 147 -37.73 -37.71 70.39
N PHE S 148 -37.45 -36.51 69.89
CA PHE S 148 -36.44 -36.36 68.84
C PHE S 148 -35.04 -36.64 69.36
N PHE S 149 -34.77 -36.20 70.58
CA PHE S 149 -33.43 -36.29 71.16
C PHE S 149 -33.23 -37.52 72.04
N HIS S 150 -34.20 -38.42 72.06
CA HIS S 150 -34.04 -39.64 72.84
C HIS S 150 -33.23 -40.68 72.04
N VAL S 151 -32.41 -41.44 72.75
CA VAL S 151 -31.41 -42.30 72.09
C VAL S 151 -31.64 -43.81 72.25
N GLU S 152 -31.97 -44.27 73.45
CA GLU S 152 -32.27 -45.68 73.65
C GLU S 152 -33.77 -45.87 73.87
N ASP S 153 -34.40 -44.85 74.46
CA ASP S 153 -35.86 -44.73 74.55
C ASP S 153 -36.56 -45.67 75.52
N LEU S 154 -37.51 -45.10 76.26
CA LEU S 154 -38.26 -45.82 77.28
C LEU S 154 -39.13 -46.90 76.64
N PRO T 1 -23.01 -3.19 62.19
CA PRO T 1 -21.86 -2.47 62.74
C PRO T 1 -22.27 -1.23 63.54
N GLY T 2 -22.35 -1.37 64.86
CA GLY T 2 -22.03 -2.62 65.54
C GLY T 2 -23.23 -3.48 65.84
N VAL T 3 -23.60 -4.33 64.87
CA VAL T 3 -24.69 -5.28 65.04
C VAL T 3 -24.62 -6.38 63.96
N MET T 4 -23.74 -7.34 64.19
CA MET T 4 -23.52 -8.44 63.24
C MET T 4 -24.36 -9.67 63.59
N THR T 5 -25.68 -9.51 63.52
CA THR T 5 -26.59 -10.57 63.95
C THR T 5 -26.77 -11.66 62.90
N GLN T 6 -26.63 -11.29 61.62
CA GLN T 6 -26.75 -12.27 60.54
C GLN T 6 -25.56 -13.22 60.55
N GLU T 7 -24.40 -12.71 60.93
CA GLU T 7 -23.19 -13.52 60.99
C GLU T 7 -23.29 -14.61 62.06
N VAL T 8 -23.73 -14.20 63.25
CA VAL T 8 -23.92 -15.14 64.36
C VAL T 8 -25.10 -16.06 64.08
N GLY T 9 -26.15 -15.50 63.47
CA GLY T 9 -27.32 -16.28 63.11
C GLY T 9 -27.01 -17.44 62.18
N GLN T 10 -26.23 -17.17 61.13
CA GLN T 10 -25.88 -18.19 60.15
C GLN T 10 -24.95 -19.24 60.72
N LEU T 11 -24.07 -18.81 61.63
CA LEU T 11 -23.21 -19.75 62.35
C LEU T 11 -24.04 -20.70 63.20
N LEU T 12 -24.99 -20.15 63.96
CA LEU T 12 -25.89 -20.98 64.76
C LEU T 12 -26.77 -21.83 63.86
N GLN T 13 -27.06 -21.31 62.68
CA GLN T 13 -27.88 -22.02 61.70
C GLN T 13 -27.17 -23.31 61.26
N ASP T 14 -25.90 -23.21 60.90
CA ASP T 14 -25.12 -24.38 60.52
C ASP T 14 -24.91 -25.33 61.69
N MET T 15 -24.68 -24.77 62.88
CA MET T 15 -24.49 -25.59 64.07
C MET T 15 -25.75 -26.39 64.40
N GLY T 16 -26.90 -25.72 64.29
CA GLY T 16 -28.17 -26.34 64.57
C GLY T 16 -28.46 -27.50 63.62
N ASP T 17 -28.19 -27.28 62.34
CA ASP T 17 -28.42 -28.29 61.32
C ASP T 17 -27.51 -29.50 61.51
N ASP T 18 -26.33 -29.28 62.07
CA ASP T 18 -25.42 -30.37 62.38
C ASP T 18 -25.98 -31.22 63.53
N VAL T 19 -26.47 -30.54 64.57
CA VAL T 19 -27.12 -31.21 65.68
C VAL T 19 -28.28 -32.05 65.19
N TYR T 20 -29.01 -31.51 64.21
CA TYR T 20 -30.12 -32.23 63.61
C TYR T 20 -29.64 -33.50 62.93
N GLN T 21 -28.53 -33.42 62.22
CA GLN T 21 -27.94 -34.58 61.54
C GLN T 21 -27.49 -35.66 62.53
N GLN T 22 -27.08 -35.23 63.70
CA GLN T 22 -26.58 -36.13 64.73
C GLN T 22 -27.67 -36.99 65.36
N TYR T 23 -28.84 -36.38 65.61
CA TYR T 23 -29.89 -37.07 66.35
C TYR T 23 -31.03 -37.63 65.51
N ARG T 24 -31.10 -37.25 64.24
CA ARG T 24 -32.20 -37.65 63.38
C ARG T 24 -32.12 -39.15 63.08
N SER T 25 -33.26 -39.74 62.72
CA SER T 25 -33.34 -41.17 62.47
C SER T 25 -32.62 -41.56 61.17
N LEU T 26 -31.53 -42.30 61.32
CA LEU T 26 -30.72 -42.71 60.18
C LEU T 26 -31.43 -43.77 59.35
N GLU U 1 -58.25 -22.99 42.78
CA GLU U 1 -56.81 -23.19 42.66
C GLU U 1 -56.46 -24.11 41.50
N ASP U 2 -55.16 -24.30 41.28
CA ASP U 2 -54.68 -25.10 40.15
C ASP U 2 -53.79 -26.24 40.66
N GLU U 3 -54.29 -27.47 40.53
CA GLU U 3 -53.59 -28.65 41.05
C GLU U 3 -52.29 -28.96 40.33
N LEU U 4 -52.26 -28.77 39.02
CA LEU U 4 -51.05 -29.02 38.24
C LEU U 4 -49.94 -28.05 38.65
N TYR U 5 -50.30 -26.79 38.86
CA TYR U 5 -49.33 -25.78 39.27
C TYR U 5 -48.79 -26.08 40.66
N ARG U 6 -49.68 -26.51 41.56
CA ARG U 6 -49.29 -26.82 42.93
C ARG U 6 -48.34 -28.00 42.99
N GLN U 7 -48.67 -29.06 42.25
CA GLN U 7 -47.83 -30.24 42.21
C GLN U 7 -46.48 -29.93 41.57
N SER U 8 -46.50 -29.20 40.46
CA SER U 8 -45.28 -28.83 39.75
C SER U 8 -44.39 -27.96 40.64
N LEU U 9 -44.99 -26.97 41.30
CA LEU U 9 -44.23 -26.08 42.17
C LEU U 9 -43.63 -26.86 43.32
N GLU U 10 -44.40 -27.76 43.91
CA GLU U 10 -43.91 -28.55 45.04
C GLU U 10 -42.70 -29.41 44.64
N ILE U 11 -42.80 -30.08 43.50
CA ILE U 11 -41.71 -30.94 43.02
C ILE U 11 -40.45 -30.14 42.69
N ILE U 12 -40.63 -29.04 41.96
CA ILE U 12 -39.50 -28.23 41.53
C ILE U 12 -38.86 -27.46 42.69
N SER U 13 -39.70 -26.87 43.54
CA SER U 13 -39.20 -26.12 44.69
C SER U 13 -38.44 -27.02 45.66
N ARG U 14 -38.94 -28.24 45.84
CA ARG U 14 -38.27 -29.19 46.72
C ARG U 14 -36.92 -29.62 46.17
N TYR U 15 -36.85 -29.85 44.86
CA TYR U 15 -35.61 -30.24 44.22
C TYR U 15 -34.55 -29.14 44.31
N LEU U 16 -34.93 -27.92 43.94
CA LEU U 16 -34.05 -26.77 44.02
C LEU U 16 -33.56 -26.52 45.44
N ARG U 17 -34.46 -26.66 46.41
CA ARG U 17 -34.11 -26.47 47.81
C ARG U 17 -33.15 -27.53 48.33
N GLU U 18 -33.41 -28.78 47.97
CA GLU U 18 -32.57 -29.89 48.38
C GLU U 18 -31.18 -29.82 47.76
N GLN U 19 -31.13 -29.38 46.50
CA GLN U 19 -29.85 -29.19 45.82
C GLN U 19 -29.09 -28.03 46.43
N ALA U 20 -29.82 -27.07 47.00
CA ALA U 20 -29.20 -25.90 47.62
C ALA U 20 -28.72 -26.21 49.03
N THR U 21 -29.61 -26.74 49.86
CA THR U 21 -29.30 -27.03 51.25
C THR U 21 -28.24 -28.13 51.40
N GLY U 22 -28.01 -28.89 50.34
CA GLY U 22 -27.00 -29.93 50.34
C GLY U 22 -27.51 -31.28 50.77
N ALA U 23 -28.57 -31.27 51.57
CA ALA U 23 -29.18 -32.50 52.05
C ALA U 23 -30.69 -32.47 51.84
N LYS U 24 -31.27 -33.60 51.45
CA LYS U 24 -32.68 -33.65 51.07
C LYS U 24 -33.66 -33.41 52.23
N ASP U 25 -34.71 -32.65 51.94
CA ASP U 25 -35.75 -32.34 52.92
C ASP U 25 -36.73 -33.50 52.99
N THR U 26 -37.57 -33.52 54.02
CA THR U 26 -38.56 -34.59 54.17
C THR U 26 -39.85 -34.13 54.86
N LYS U 27 -40.96 -34.35 54.17
CA LYS U 27 -42.29 -34.02 54.68
C LYS U 27 -43.32 -34.62 53.73
N PRO U 28 -44.52 -34.96 54.25
CA PRO U 28 -45.60 -35.49 53.41
C PRO U 28 -45.96 -34.56 52.25
N MET U 29 -46.16 -35.13 51.07
CA MET U 29 -46.55 -34.35 49.90
C MET U 29 -47.93 -33.74 50.07
N GLY U 30 -48.26 -32.78 49.22
CA GLY U 30 -49.50 -32.04 49.34
C GLY U 30 -50.76 -32.83 49.00
N ARG U 31 -50.61 -33.85 48.15
CA ARG U 31 -51.76 -34.63 47.71
C ARG U 31 -51.35 -35.99 47.14
N SER U 32 -50.72 -35.97 45.97
CA SER U 32 -50.32 -37.19 45.30
C SER U 32 -48.92 -37.62 45.75
N GLY U 33 -48.86 -38.29 46.91
CA GLY U 33 -47.61 -38.72 47.48
C GLY U 33 -46.82 -39.65 46.57
N ALA U 34 -47.54 -40.53 45.87
CA ALA U 34 -46.90 -41.49 44.99
C ALA U 34 -46.21 -40.82 43.80
N THR U 35 -47.00 -40.18 42.94
CA THR U 35 -46.50 -39.55 41.73
C THR U 35 -45.43 -38.50 42.01
N SER U 36 -45.71 -37.60 42.96
CA SER U 36 -44.80 -36.51 43.29
C SER U 36 -43.44 -37.01 43.75
N ARG U 37 -43.44 -38.06 44.58
CA ARG U 37 -42.20 -38.63 45.07
C ARG U 37 -41.43 -39.35 43.97
N LYS U 38 -42.15 -40.09 43.12
CA LYS U 38 -41.54 -40.78 42.00
C LYS U 38 -40.96 -39.77 41.01
N ALA U 39 -41.65 -38.66 40.83
CA ALA U 39 -41.19 -37.58 39.96
C ALA U 39 -39.96 -36.90 40.56
N LEU U 40 -39.96 -36.72 41.88
CA LEU U 40 -38.83 -36.11 42.57
C LEU U 40 -37.62 -37.04 42.56
N GLU U 41 -37.87 -38.33 42.67
CA GLU U 41 -36.79 -39.32 42.61
C GLU U 41 -36.19 -39.38 41.21
N THR U 42 -37.06 -39.29 40.21
CA THR U 42 -36.64 -39.26 38.82
C THR U 42 -35.85 -38.00 38.53
N LEU U 43 -36.33 -36.89 39.09
CA LEU U 43 -35.68 -35.59 38.91
C LEU U 43 -34.27 -35.56 39.51
N ARG U 44 -34.08 -36.27 40.62
CA ARG U 44 -32.77 -36.34 41.24
C ARG U 44 -31.79 -37.16 40.39
N ARG U 45 -32.29 -38.27 39.83
CA ARG U 45 -31.44 -39.14 39.04
C ARG U 45 -31.03 -38.47 37.73
N VAL U 46 -32.01 -38.02 36.97
CA VAL U 46 -31.75 -37.38 35.68
C VAL U 46 -31.09 -36.01 35.87
N GLY U 47 -31.57 -35.26 36.85
CA GLY U 47 -31.09 -33.91 37.11
C GLY U 47 -29.63 -33.84 37.49
N ASP U 48 -29.22 -34.64 38.47
CA ASP U 48 -27.82 -34.71 38.87
C ASP U 48 -26.95 -35.17 37.70
N GLY U 49 -27.52 -36.04 36.88
CA GLY U 49 -26.83 -36.55 35.70
C GLY U 49 -26.54 -35.45 34.70
N VAL U 50 -27.56 -34.65 34.39
CA VAL U 50 -27.40 -33.52 33.49
C VAL U 50 -26.38 -32.53 34.04
N GLN U 51 -26.43 -32.31 35.35
CA GLN U 51 -25.51 -31.38 35.97
C GLN U 51 -24.07 -31.87 35.89
N ARG U 52 -23.83 -33.13 36.28
CA ARG U 52 -22.50 -33.72 36.16
C ARG U 52 -22.03 -33.70 34.71
N ASN U 53 -22.97 -33.81 33.79
CA ASN U 53 -22.66 -33.76 32.37
C ASN U 53 -22.29 -32.36 31.90
N HIS U 54 -22.90 -31.34 32.50
CA HIS U 54 -22.74 -29.97 32.04
C HIS U 54 -22.40 -28.95 33.13
N GLU U 55 -21.85 -29.41 34.25
CA GLU U 55 -21.54 -28.51 35.37
C GLU U 55 -20.52 -27.45 34.98
N THR U 56 -19.54 -27.85 34.19
CA THR U 56 -18.51 -26.93 33.71
C THR U 56 -19.14 -25.86 32.83
N ALA U 57 -19.93 -26.29 31.86
CA ALA U 57 -20.63 -25.35 30.97
C ALA U 57 -21.61 -24.49 31.76
N PHE U 58 -22.35 -25.10 32.69
CA PHE U 58 -23.31 -24.38 33.52
C PHE U 58 -22.67 -23.21 34.26
N GLN U 59 -21.43 -23.42 34.74
CA GLN U 59 -20.70 -22.41 35.48
C GLN U 59 -20.46 -21.15 34.66
N GLY U 60 -20.01 -21.32 33.42
CA GLY U 60 -19.79 -20.18 32.55
C GLY U 60 -21.07 -19.52 32.08
N MET U 61 -22.07 -20.34 31.77
CA MET U 61 -23.36 -19.84 31.30
C MET U 61 -24.06 -18.96 32.34
N LEU U 62 -24.08 -19.44 33.58
CA LEU U 62 -24.69 -18.69 34.68
C LEU U 62 -23.87 -17.45 34.99
N ARG U 63 -22.55 -17.57 34.82
CA ARG U 63 -21.64 -16.44 35.02
C ARG U 63 -21.98 -15.30 34.06
N LYS U 64 -22.24 -15.65 32.80
CA LYS U 64 -22.56 -14.66 31.78
C LYS U 64 -23.90 -13.99 32.05
N LEU U 65 -24.83 -14.75 32.64
CA LEU U 65 -26.15 -14.23 32.97
C LEU U 65 -26.06 -13.15 34.05
N ASP U 66 -25.03 -13.24 34.87
CA ASP U 66 -24.75 -12.25 35.91
C ASP U 66 -25.92 -12.08 36.87
N ILE U 67 -26.21 -13.13 37.65
CA ILE U 67 -27.31 -13.10 38.59
C ILE U 67 -26.83 -12.69 39.97
N LYS U 68 -27.26 -11.52 40.43
CA LYS U 68 -26.82 -10.99 41.71
C LYS U 68 -27.93 -11.02 42.76
N ASN U 69 -29.16 -10.80 42.32
CA ASN U 69 -30.30 -10.78 43.24
C ASN U 69 -31.63 -11.07 42.53
N GLU U 70 -32.73 -10.79 43.22
CA GLU U 70 -34.06 -11.15 42.72
C GLU U 70 -34.46 -10.38 41.46
N ASP U 71 -33.83 -9.22 41.25
CA ASP U 71 -34.08 -8.43 40.06
C ASP U 71 -33.65 -9.18 38.80
N ASP U 72 -32.59 -9.97 38.94
CA ASP U 72 -31.96 -10.63 37.79
C ASP U 72 -32.62 -11.98 37.48
N VAL U 73 -33.59 -12.37 38.29
CA VAL U 73 -34.34 -13.60 38.05
C VAL U 73 -35.14 -13.49 36.76
N LYS U 74 -35.57 -12.27 36.44
CA LYS U 74 -36.39 -12.01 35.26
C LYS U 74 -35.63 -12.32 33.98
N SER U 75 -34.32 -12.16 34.02
CA SER U 75 -33.47 -12.45 32.86
C SER U 75 -33.37 -13.96 32.65
N LEU U 76 -33.51 -14.72 33.73
CA LEU U 76 -33.51 -16.17 33.64
C LEU U 76 -34.82 -16.65 33.01
N SER U 77 -35.89 -15.91 33.24
CA SER U 77 -37.18 -16.21 32.64
C SER U 77 -37.13 -16.09 31.13
N ARG U 78 -36.32 -15.15 30.64
CA ARG U 78 -36.15 -14.97 29.19
C ARG U 78 -35.36 -16.11 28.58
N VAL U 79 -34.42 -16.65 29.33
CA VAL U 79 -33.62 -17.79 28.90
C VAL U 79 -34.51 -19.02 28.72
N MET U 80 -35.39 -19.24 29.70
CA MET U 80 -36.26 -20.41 29.70
C MET U 80 -37.23 -20.41 28.52
N ILE U 81 -37.86 -19.26 28.28
CA ILE U 81 -38.76 -19.09 27.15
C ILE U 81 -38.00 -19.32 25.84
N HIS U 82 -36.75 -18.89 25.81
CA HIS U 82 -35.90 -19.03 24.64
C HIS U 82 -35.59 -20.50 24.31
N VAL U 83 -35.59 -21.34 25.33
CA VAL U 83 -35.35 -22.77 25.14
C VAL U 83 -36.44 -23.39 24.27
N PHE U 84 -37.65 -22.83 24.36
CA PHE U 84 -38.77 -23.31 23.56
C PHE U 84 -39.09 -22.36 22.41
N SER U 85 -38.07 -21.71 21.87
CA SER U 85 -38.27 -20.69 20.83
C SER U 85 -38.66 -21.30 19.48
N ASP U 86 -38.13 -22.48 19.18
CA ASP U 86 -38.38 -23.12 17.90
C ASP U 86 -39.70 -23.86 17.84
N GLY U 87 -40.57 -23.61 18.83
CA GLY U 87 -41.88 -24.23 18.88
C GLY U 87 -41.82 -25.73 19.13
N VAL U 88 -40.71 -26.18 19.70
CA VAL U 88 -40.51 -27.59 20.00
C VAL U 88 -40.51 -27.83 21.51
N THR U 89 -41.18 -28.90 21.93
CA THR U 89 -41.27 -29.23 23.35
C THR U 89 -41.05 -30.72 23.58
N ASN U 90 -40.19 -31.04 24.55
CA ASN U 90 -39.96 -32.42 24.96
C ASN U 90 -39.44 -32.51 26.39
N TRP U 91 -39.48 -33.71 26.95
CA TRP U 91 -39.05 -33.91 28.34
C TRP U 91 -37.56 -33.63 28.56
N GLY U 92 -36.78 -33.77 27.51
CA GLY U 92 -35.35 -33.53 27.60
C GLY U 92 -35.03 -32.09 27.92
N ARG U 93 -35.65 -31.17 27.19
CA ARG U 93 -35.49 -29.74 27.41
C ARG U 93 -36.01 -29.32 28.78
N ILE U 94 -37.13 -29.92 29.19
CA ILE U 94 -37.77 -29.57 30.45
C ILE U 94 -36.90 -29.91 31.67
N VAL U 95 -36.40 -31.13 31.72
CA VAL U 95 -35.59 -31.58 32.85
C VAL U 95 -34.23 -30.86 32.88
N THR U 96 -33.78 -30.44 31.70
CA THR U 96 -32.52 -29.71 31.58
C THR U 96 -32.68 -28.33 32.19
N LEU U 97 -33.85 -27.75 31.97
CA LEU U 97 -34.17 -26.43 32.50
C LEU U 97 -34.21 -26.46 34.01
N ILE U 98 -34.86 -27.49 34.56
CA ILE U 98 -34.94 -27.67 36.00
C ILE U 98 -33.55 -27.93 36.60
N SER U 99 -32.73 -28.69 35.89
CA SER U 99 -31.37 -28.99 36.33
C SER U 99 -30.54 -27.72 36.41
N PHE U 100 -30.65 -26.88 35.39
CA PHE U 100 -29.97 -25.58 35.40
C PHE U 100 -30.52 -24.72 36.52
N GLY U 101 -31.81 -24.86 36.80
CA GLY U 101 -32.43 -24.12 37.88
C GLY U 101 -31.84 -24.50 39.22
N ALA U 102 -31.56 -25.78 39.37
CA ALA U 102 -30.93 -26.30 40.59
C ALA U 102 -29.51 -25.74 40.72
N PHE U 103 -28.83 -25.59 39.58
CA PHE U 103 -27.48 -25.04 39.59
C PHE U 103 -27.52 -23.57 40.00
N VAL U 104 -28.55 -22.85 39.55
CA VAL U 104 -28.73 -21.46 39.92
C VAL U 104 -29.02 -21.35 41.43
N ALA U 105 -29.76 -22.33 41.96
CA ALA U 105 -30.12 -22.38 43.37
C ALA U 105 -28.88 -22.45 44.26
N LYS U 106 -27.95 -23.31 43.88
CA LYS U 106 -26.68 -23.45 44.60
C LYS U 106 -25.91 -22.13 44.57
N HIS U 107 -25.92 -21.49 43.40
CA HIS U 107 -25.26 -20.21 43.21
C HIS U 107 -25.85 -19.14 44.13
N LEU U 108 -27.18 -19.13 44.23
CA LEU U 108 -27.86 -18.16 45.09
C LEU U 108 -27.47 -18.35 46.56
N LYS U 109 -27.28 -19.59 46.98
CA LYS U 109 -26.83 -19.85 48.34
C LYS U 109 -25.37 -19.41 48.51
N THR U 110 -24.58 -19.64 47.46
CA THR U 110 -23.17 -19.26 47.46
C THR U 110 -22.99 -17.75 47.69
N ILE U 111 -23.82 -16.94 47.07
CA ILE U 111 -23.71 -15.49 47.21
C ILE U 111 -24.71 -14.92 48.21
N ASN U 112 -25.20 -15.78 49.10
CA ASN U 112 -26.07 -15.37 50.21
C ASN U 112 -27.38 -14.73 49.73
N GLN U 113 -28.00 -15.32 48.72
CA GLN U 113 -29.25 -14.83 48.17
C GLN U 113 -30.30 -15.95 48.11
N GLU U 114 -30.38 -16.71 49.19
CA GLU U 114 -31.29 -17.85 49.26
C GLU U 114 -32.76 -17.44 49.18
N SER U 115 -33.03 -16.17 49.46
CA SER U 115 -34.40 -15.66 49.39
C SER U 115 -34.91 -15.63 47.96
N CYS U 116 -34.01 -15.73 47.00
CA CYS U 116 -34.39 -15.72 45.58
C CYS U 116 -34.68 -17.10 45.04
N ILE U 117 -34.54 -18.12 45.90
CA ILE U 117 -34.74 -19.51 45.47
C ILE U 117 -36.19 -19.85 45.19
N GLU U 118 -37.10 -19.39 46.06
CA GLU U 118 -38.52 -19.57 45.85
C GLU U 118 -39.07 -18.81 44.62
N PRO U 119 -38.68 -17.54 44.44
CA PRO U 119 -39.08 -16.88 43.19
C PRO U 119 -38.50 -17.59 41.98
N LEU U 120 -37.28 -18.14 42.12
CA LEU U 120 -36.67 -18.93 41.06
C LEU U 120 -37.50 -20.15 40.69
N ALA U 121 -37.87 -20.95 41.69
CA ALA U 121 -38.68 -22.14 41.47
C ALA U 121 -40.04 -21.79 40.88
N GLU U 122 -40.58 -20.65 41.30
CA GLU U 122 -41.86 -20.18 40.79
C GLU U 122 -41.79 -19.78 39.32
N SER U 123 -40.69 -19.13 38.95
CA SER U 123 -40.49 -18.70 37.57
C SER U 123 -40.35 -19.90 36.63
N ILE U 124 -39.68 -20.95 37.10
CA ILE U 124 -39.54 -22.17 36.30
C ILE U 124 -40.89 -22.87 36.16
N THR U 125 -41.60 -22.99 37.28
CA THR U 125 -42.93 -23.59 37.30
C THR U 125 -43.88 -22.80 36.41
N ASP U 126 -43.75 -21.48 36.42
CA ASP U 126 -44.60 -20.62 35.61
C ASP U 126 -44.44 -20.92 34.11
N VAL U 127 -43.23 -20.77 33.60
CA VAL U 127 -42.96 -21.03 32.19
C VAL U 127 -43.50 -22.37 31.72
N LEU U 128 -43.35 -23.39 32.57
CA LEU U 128 -43.84 -24.73 32.26
C LEU U 128 -45.36 -24.83 32.27
N VAL U 129 -45.98 -24.35 33.34
CA VAL U 129 -47.42 -24.48 33.50
C VAL U 129 -48.22 -23.41 32.75
N ARG U 130 -47.75 -22.18 32.87
CA ARG U 130 -48.43 -21.03 32.27
C ARG U 130 -48.31 -20.99 30.76
N THR U 131 -47.22 -21.53 30.24
CA THR U 131 -47.03 -21.53 28.81
C THR U 131 -47.21 -22.90 28.06
N LYS U 132 -46.82 -23.99 28.69
CA LYS U 132 -46.80 -25.34 28.13
C LYS U 132 -47.80 -26.27 28.81
N ARG U 133 -48.92 -25.72 29.27
CA ARG U 133 -49.93 -26.52 29.96
C ARG U 133 -50.54 -27.55 29.02
N ASP U 134 -50.85 -27.12 27.80
CA ASP U 134 -51.44 -28.00 26.79
C ASP U 134 -50.60 -29.25 26.65
N TRP U 135 -49.33 -29.07 26.28
CA TRP U 135 -48.39 -30.15 26.07
C TRP U 135 -48.23 -31.03 27.31
N LEU U 136 -48.21 -30.40 28.48
CA LEU U 136 -48.08 -31.12 29.74
C LEU U 136 -49.24 -32.07 30.00
N VAL U 137 -50.47 -31.58 29.82
CA VAL U 137 -51.66 -32.38 30.04
C VAL U 137 -51.71 -33.54 29.05
N LYS U 138 -51.40 -33.25 27.80
CA LYS U 138 -51.37 -34.26 26.75
C LYS U 138 -50.32 -35.33 27.01
N GLN U 139 -49.30 -34.92 27.75
CA GLN U 139 -48.25 -35.79 28.11
C GLN U 139 -48.45 -36.45 29.47
N ARG U 140 -49.66 -36.47 29.99
CA ARG U 140 -49.90 -37.10 31.28
C ARG U 140 -49.13 -36.49 32.51
N GLY U 141 -48.99 -35.19 32.52
CA GLY U 141 -48.37 -34.47 33.63
C GLY U 141 -47.05 -35.04 34.07
N TRP U 142 -46.88 -35.22 35.38
CA TRP U 142 -45.64 -35.76 35.93
C TRP U 142 -45.59 -37.28 35.85
N ASP U 143 -46.73 -37.90 35.55
CA ASP U 143 -46.77 -39.35 35.33
C ASP U 143 -46.04 -39.72 34.06
N GLY U 144 -46.22 -38.90 33.02
CA GLY U 144 -45.52 -39.09 31.77
C GLY U 144 -44.04 -38.76 31.91
N PHE U 145 -43.74 -37.88 32.85
CA PHE U 145 -42.35 -37.51 33.15
C PHE U 145 -41.58 -38.71 33.68
N VAL U 146 -42.18 -39.38 34.66
CA VAL U 146 -41.59 -40.58 35.24
C VAL U 146 -41.48 -41.70 34.19
N GLU U 147 -42.53 -41.84 33.39
CA GLU U 147 -42.57 -42.88 32.37
C GLU U 147 -41.47 -42.68 31.32
N PHE U 148 -41.21 -41.43 30.96
CA PHE U 148 -40.22 -41.11 29.95
C PHE U 148 -38.81 -41.46 30.40
N PHE U 149 -38.52 -41.25 31.68
CA PHE U 149 -37.18 -41.48 32.22
C PHE U 149 -37.10 -42.73 33.09
N HIS U 150 -38.10 -43.62 32.97
CA HIS U 150 -38.23 -44.76 33.89
C HIS U 150 -36.93 -45.52 34.17
N VAL U 151 -36.43 -46.20 33.14
CA VAL U 151 -35.17 -46.94 33.26
C VAL U 151 -35.22 -47.99 34.38
N GLY V 2 -26.12 -6.69 28.42
CA GLY V 2 -26.40 -6.78 27.00
C GLY V 2 -27.07 -8.08 26.62
N VAL V 3 -26.72 -8.61 25.46
CA VAL V 3 -27.30 -9.87 24.99
C VAL V 3 -26.64 -11.06 25.68
N MET V 4 -27.45 -12.04 26.06
CA MET V 4 -26.95 -13.21 26.77
C MET V 4 -27.95 -14.36 26.79
N THR V 5 -29.24 -14.02 26.88
CA THR V 5 -30.29 -15.02 27.00
C THR V 5 -30.44 -15.86 25.73
N GLN V 6 -30.23 -15.22 24.58
CA GLN V 6 -30.28 -15.90 23.29
C GLN V 6 -29.25 -17.04 23.24
N GLU V 7 -28.04 -16.73 23.66
CA GLU V 7 -26.93 -17.68 23.62
C GLU V 7 -27.15 -18.84 24.59
N VAL V 8 -27.44 -18.51 25.84
CA VAL V 8 -27.64 -19.51 26.88
C VAL V 8 -28.84 -20.42 26.57
N GLY V 9 -29.89 -19.81 26.06
CA GLY V 9 -31.10 -20.53 25.71
C GLY V 9 -30.88 -21.59 24.65
N GLN V 10 -30.04 -21.29 23.66
CA GLN V 10 -29.72 -22.24 22.61
C GLN V 10 -28.81 -23.35 23.11
N LEU V 11 -27.91 -23.02 24.03
CA LEU V 11 -27.04 -24.01 24.63
C LEU V 11 -27.86 -25.04 25.41
N LEU V 12 -28.79 -24.55 26.22
CA LEU V 12 -29.70 -25.42 26.97
C LEU V 12 -30.56 -26.23 26.02
N GLN V 13 -30.95 -25.60 24.92
CA GLN V 13 -31.81 -26.22 23.92
C GLN V 13 -31.17 -27.47 23.32
N ASP V 14 -29.89 -27.37 22.98
CA ASP V 14 -29.17 -28.50 22.41
C ASP V 14 -28.82 -29.55 23.47
N MET V 15 -28.54 -29.09 24.69
CA MET V 15 -28.27 -30.01 25.79
C MET V 15 -29.52 -30.82 26.11
N GLY V 16 -30.67 -30.14 26.09
CA GLY V 16 -31.94 -30.77 26.39
C GLY V 16 -32.36 -31.77 25.33
N ASP V 17 -32.26 -31.38 24.07
CA ASP V 17 -32.62 -32.26 22.97
C ASP V 17 -31.69 -33.47 22.89
N ASP V 18 -30.50 -33.33 23.47
CA ASP V 18 -29.57 -34.44 23.60
C ASP V 18 -30.07 -35.40 24.67
N VAL V 19 -30.68 -34.85 25.71
CA VAL V 19 -31.27 -35.65 26.77
C VAL V 19 -32.56 -36.31 26.28
N TYR V 20 -33.19 -35.68 25.28
CA TYR V 20 -34.37 -36.26 24.65
C TYR V 20 -33.99 -37.50 23.87
N GLN V 21 -32.85 -37.45 23.21
CA GLN V 21 -32.23 -38.66 22.67
C GLN V 21 -31.61 -39.38 23.87
N GLN V 22 -31.10 -40.59 23.66
CA GLN V 22 -30.53 -41.41 24.73
C GLN V 22 -31.55 -41.91 25.76
N TYR V 23 -32.63 -41.16 25.99
CA TYR V 23 -33.66 -41.58 26.93
C TYR V 23 -34.92 -42.06 26.22
N ARG V 24 -35.14 -41.55 25.01
CA ARG V 24 -36.27 -41.97 24.20
C ARG V 24 -35.97 -43.29 23.50
N GLU W 1 -10.80 23.81 29.99
CA GLU W 1 -9.39 23.53 30.22
C GLU W 1 -8.75 22.83 29.03
N ASP W 2 -7.42 22.74 29.06
CA ASP W 2 -6.68 21.96 28.08
C ASP W 2 -5.84 20.92 28.81
N GLU W 3 -6.33 19.69 28.83
CA GLU W 3 -5.68 18.61 29.56
C GLU W 3 -4.28 18.32 29.00
N LEU W 4 -4.14 18.44 27.70
CA LEU W 4 -2.86 18.20 27.03
C LEU W 4 -1.81 19.26 27.40
N TYR W 5 -2.24 20.51 27.49
CA TYR W 5 -1.32 21.60 27.84
C TYR W 5 -0.84 21.43 29.28
N ARG W 6 -1.79 21.19 30.18
CA ARG W 6 -1.47 21.03 31.59
C ARG W 6 -0.48 19.89 31.81
N GLN W 7 -0.72 18.76 31.16
CA GLN W 7 0.16 17.61 31.28
C GLN W 7 1.52 17.90 30.68
N SER W 8 1.54 18.57 29.54
CA SER W 8 2.78 18.92 28.86
C SER W 8 3.63 19.90 29.68
N LEU W 9 3.00 20.97 30.15
CA LEU W 9 3.70 21.97 30.96
C LEU W 9 4.24 21.38 32.25
N GLU W 10 3.47 20.47 32.86
CA GLU W 10 3.87 19.84 34.11
C GLU W 10 5.07 18.91 33.92
N ILE W 11 5.01 18.06 32.90
CA ILE W 11 6.07 17.10 32.64
C ILE W 11 7.38 17.80 32.29
N ILE W 12 7.30 18.76 31.36
CA ILE W 12 8.45 19.52 30.92
C ILE W 12 9.07 20.31 32.07
N SER W 13 8.22 20.92 32.90
CA SER W 13 8.71 21.70 34.04
C SER W 13 9.45 20.83 35.03
N ARG W 14 8.90 19.64 35.33
CA ARG W 14 9.53 18.71 36.24
C ARG W 14 10.91 18.28 35.78
N TYR W 15 11.01 17.90 34.51
CA TYR W 15 12.29 17.47 33.93
C TYR W 15 13.31 18.61 33.96
N LEU W 16 12.92 19.78 33.45
CA LEU W 16 13.80 20.94 33.42
C LEU W 16 14.27 21.38 34.81
N ARG W 17 13.33 21.50 35.75
CA ARG W 17 13.64 21.98 37.09
C ARG W 17 14.56 21.04 37.85
N GLU W 18 14.43 19.74 37.62
CA GLU W 18 15.28 18.76 38.28
C GLU W 18 16.63 18.64 37.58
N GLN W 19 16.63 18.89 36.28
CA GLN W 19 17.87 18.95 35.51
C GLN W 19 18.70 20.13 36.01
N ALA W 20 18.02 21.25 36.24
CA ALA W 20 18.65 22.44 36.81
C ALA W 20 19.05 22.20 38.26
N THR W 21 18.27 21.39 38.95
CA THR W 21 18.53 21.08 40.36
C THR W 21 19.80 20.26 40.50
N GLY W 22 19.87 19.16 39.77
CA GLY W 22 21.02 18.26 39.86
C GLY W 22 20.63 16.93 40.45
N ALA W 23 19.37 16.82 40.86
CA ALA W 23 18.83 15.58 41.41
C ALA W 23 17.37 15.43 41.02
N LYS W 24 16.99 14.22 40.62
CA LYS W 24 15.62 13.97 40.17
C LYS W 24 14.62 14.00 41.32
N ASP W 25 13.44 14.57 41.05
CA ASP W 25 12.37 14.62 42.03
C ASP W 25 11.23 13.72 41.57
N THR W 26 10.97 12.65 42.30
CA THR W 26 9.93 11.70 41.94
C THR W 26 8.64 11.94 42.70
N LYS W 27 8.28 13.21 42.82
CA LYS W 27 6.98 13.62 43.38
C LYS W 27 5.88 13.06 42.49
N PRO W 28 4.81 12.51 43.09
CA PRO W 28 3.70 11.96 42.31
C PRO W 28 3.02 13.00 41.43
N MET W 29 2.42 12.56 40.33
CA MET W 29 1.79 13.46 39.37
C MET W 29 0.31 13.66 39.66
N GLY W 30 -0.53 13.42 38.66
CA GLY W 30 -1.97 13.61 38.81
C GLY W 30 -2.78 13.06 37.64
N ARG W 31 -4.00 12.63 37.93
CA ARG W 31 -4.89 12.02 36.96
C ARG W 31 -4.20 10.90 36.18
N SER W 32 -3.57 11.28 35.07
CA SER W 32 -2.75 10.34 34.31
C SER W 32 -1.37 10.27 34.95
N GLY W 33 -1.34 9.86 36.21
CA GLY W 33 -0.10 9.78 36.96
C GLY W 33 0.85 8.76 36.36
N ALA W 34 0.29 7.64 35.93
CA ALA W 34 1.06 6.58 35.29
C ALA W 34 1.69 7.08 34.00
N THR W 35 0.88 7.75 33.17
CA THR W 35 1.34 8.26 31.89
C THR W 35 2.44 9.31 32.09
N SER W 36 2.14 10.32 32.90
CA SER W 36 3.08 11.42 33.14
C SER W 36 4.40 10.92 33.76
N ARG W 37 4.29 9.98 34.70
CA ARG W 37 5.49 9.41 35.31
C ARG W 37 6.35 8.68 34.29
N LYS W 38 5.72 7.81 33.51
CA LYS W 38 6.42 7.05 32.47
C LYS W 38 6.97 7.97 31.39
N ALA W 39 6.29 9.09 31.15
CA ALA W 39 6.78 10.08 30.20
C ALA W 39 8.01 10.78 30.77
N LEU W 40 8.00 10.99 32.09
CA LEU W 40 9.12 11.65 32.75
C LEU W 40 10.32 10.70 32.80
N GLU W 41 10.06 9.42 33.06
CA GLU W 41 11.12 8.42 33.06
C GLU W 41 11.71 8.27 31.68
N THR W 42 10.86 8.38 30.67
CA THR W 42 11.29 8.27 29.28
C THR W 42 12.05 9.54 28.86
N LEU W 43 11.51 10.69 29.23
CA LEU W 43 12.16 11.96 28.94
C LEU W 43 13.51 12.07 29.62
N ARG W 44 13.61 11.52 30.83
CA ARG W 44 14.89 11.46 31.54
C ARG W 44 15.90 10.67 30.73
N ARG W 45 15.50 9.49 30.29
CA ARG W 45 16.39 8.60 29.54
C ARG W 45 16.86 9.22 28.22
N VAL W 46 15.91 9.47 27.32
CA VAL W 46 16.23 10.04 26.01
C VAL W 46 16.88 11.42 26.14
N GLY W 47 16.24 12.31 26.89
CA GLY W 47 16.73 13.67 27.06
C GLY W 47 18.15 13.80 27.56
N ASP W 48 18.50 13.05 28.62
CA ASP W 48 19.85 13.08 29.16
C ASP W 48 20.85 12.55 28.15
N GLY W 49 20.42 11.54 27.39
CA GLY W 49 21.25 10.95 26.36
C GLY W 49 21.61 11.92 25.26
N VAL W 50 20.61 12.65 24.77
CA VAL W 50 20.82 13.63 23.71
C VAL W 50 21.74 14.73 24.22
N GLN W 51 21.66 15.01 25.52
CA GLN W 51 22.50 16.04 26.13
C GLN W 51 23.95 15.62 26.22
N ARG W 52 24.19 14.37 26.59
CA ARG W 52 25.55 13.83 26.61
C ARG W 52 26.14 13.83 25.20
N ASN W 53 25.26 13.62 24.22
CA ASN W 53 25.68 13.57 22.82
C ASN W 53 26.07 14.93 22.26
N HIS W 54 25.15 15.90 22.37
CA HIS W 54 25.35 17.21 21.74
C HIS W 54 25.76 18.30 22.73
N GLU W 55 26.34 17.92 23.86
CA GLU W 55 26.69 18.89 24.91
C GLU W 55 27.60 20.02 24.41
N THR W 56 28.62 19.67 23.62
CA THR W 56 29.58 20.65 23.13
C THR W 56 28.90 21.65 22.22
N ALA W 57 28.16 21.14 21.23
CA ALA W 57 27.41 21.99 20.34
C ALA W 57 26.40 22.86 21.09
N PHE W 58 25.67 22.26 22.03
CA PHE W 58 24.68 22.99 22.82
C PHE W 58 25.31 24.18 23.54
N GLN W 59 26.49 23.95 24.11
CA GLN W 59 27.22 24.98 24.85
C GLN W 59 27.46 26.21 23.97
N GLY W 60 27.85 25.97 22.73
CA GLY W 60 28.11 27.05 21.79
C GLY W 60 26.83 27.66 21.25
N MET W 61 25.84 26.82 20.99
CA MET W 61 24.57 27.30 20.45
C MET W 61 23.85 28.22 21.42
N LEU W 62 23.80 27.81 22.69
CA LEU W 62 23.20 28.62 23.73
C LEU W 62 24.02 29.88 23.97
N ARG W 63 25.33 29.76 23.85
CA ARG W 63 26.24 30.89 24.00
C ARG W 63 25.95 31.97 22.97
N LYS W 64 25.71 31.55 21.74
CA LYS W 64 25.40 32.48 20.67
C LYS W 64 24.05 33.16 20.92
N LEU W 65 23.10 32.39 21.43
CA LEU W 65 21.78 32.94 21.76
C LEU W 65 21.90 34.01 22.82
N ASP W 66 22.92 33.86 23.66
CA ASP W 66 23.24 34.85 24.70
C ASP W 66 22.08 35.08 25.66
N ILE W 67 21.66 34.01 26.33
CA ILE W 67 20.58 34.10 27.30
C ILE W 67 21.09 34.61 28.65
N LYS W 68 20.45 35.66 29.15
CA LYS W 68 20.88 36.27 30.40
C LYS W 68 19.76 36.37 31.44
N ASN W 69 18.52 36.45 30.96
CA ASN W 69 17.37 36.63 31.86
C ASN W 69 16.03 36.26 31.22
N GLU W 70 14.95 36.71 31.86
CA GLU W 70 13.60 36.43 31.39
C GLU W 70 13.35 37.04 30.01
N ASP W 71 13.94 38.20 29.77
CA ASP W 71 13.73 38.94 28.53
C ASP W 71 14.31 38.21 27.32
N ASP W 72 15.32 37.37 27.56
CA ASP W 72 15.98 36.65 26.48
C ASP W 72 15.34 35.29 26.19
N VAL W 73 14.30 34.97 26.95
CA VAL W 73 13.55 33.73 26.72
C VAL W 73 12.83 33.80 25.38
N LYS W 74 12.41 35.00 24.99
CA LYS W 74 11.69 35.19 23.73
C LYS W 74 12.54 34.80 22.52
N SER W 75 13.83 35.06 22.59
CA SER W 75 14.74 34.71 21.51
C SER W 75 14.82 33.20 21.33
N LEU W 76 14.55 32.47 22.41
CA LEU W 76 14.56 31.02 22.35
C LEU W 76 13.26 30.50 21.74
N SER W 77 12.21 31.32 21.80
CA SER W 77 10.91 30.94 21.25
C SER W 77 10.91 30.94 19.72
N ARG W 78 11.59 31.91 19.14
CA ARG W 78 11.71 31.99 17.69
C ARG W 78 12.64 30.90 17.15
N VAL W 79 13.49 30.37 18.02
CA VAL W 79 14.32 29.23 17.68
C VAL W 79 13.44 27.99 17.51
N MET W 80 12.55 27.78 18.47
CA MET W 80 11.68 26.61 18.44
C MET W 80 10.76 26.59 17.22
N ILE W 81 10.24 27.76 16.86
CA ILE W 81 9.39 27.88 15.68
C ILE W 81 10.19 27.55 14.42
N HIS W 82 11.43 28.04 14.35
CA HIS W 82 12.31 27.77 13.22
C HIS W 82 12.53 26.28 13.00
N VAL W 83 12.51 25.52 14.09
CA VAL W 83 12.67 24.07 14.02
C VAL W 83 11.53 23.44 13.23
N PHE W 84 10.35 24.05 13.27
CA PHE W 84 9.19 23.54 12.54
C PHE W 84 8.86 24.40 11.33
N SER W 85 9.88 24.97 10.70
CA SER W 85 9.67 25.87 9.57
C SER W 85 9.48 25.13 8.24
N ASP W 86 9.93 23.89 8.19
CA ASP W 86 9.87 23.12 6.95
C ASP W 86 8.67 22.19 6.89
N GLY W 87 7.66 22.48 7.73
CA GLY W 87 6.43 21.71 7.75
C GLY W 87 6.53 20.39 8.50
N VAL W 88 7.73 19.81 8.50
CA VAL W 88 7.96 18.51 9.13
C VAL W 88 7.87 18.55 10.65
N THR W 89 7.11 17.61 11.21
CA THR W 89 7.01 17.46 12.66
C THR W 89 7.22 16.00 13.04
N ASN W 90 8.10 15.77 14.01
CA ASN W 90 8.32 14.43 14.52
C ASN W 90 8.79 14.44 15.97
N TRP W 91 8.69 13.31 16.64
CA TRP W 91 9.04 13.20 18.06
C TRP W 91 10.50 13.55 18.35
N GLY W 92 11.37 13.30 17.38
CA GLY W 92 12.78 13.57 17.52
C GLY W 92 13.04 15.06 17.68
N ARG W 93 12.42 15.87 16.83
CA ARG W 93 12.55 17.32 16.93
C ARG W 93 11.96 17.84 18.24
N ILE W 94 10.86 17.21 18.66
CA ILE W 94 10.20 17.61 19.90
C ILE W 94 11.06 17.33 21.13
N VAL W 95 11.59 16.11 21.21
CA VAL W 95 12.38 15.72 22.37
C VAL W 95 13.74 16.42 22.40
N THR W 96 14.24 16.80 21.22
CA THR W 96 15.52 17.50 21.12
C THR W 96 15.34 18.93 21.61
N LEU W 97 14.18 19.48 21.30
CA LEU W 97 13.83 20.81 21.79
C LEU W 97 13.76 20.83 23.30
N ILE W 98 13.11 19.82 23.87
CA ILE W 98 12.97 19.71 25.32
C ILE W 98 14.31 19.45 25.98
N SER W 99 15.13 18.63 25.32
CA SER W 99 16.47 18.32 25.81
C SER W 99 17.34 19.58 25.83
N PHE W 100 17.25 20.37 24.77
CA PHE W 100 17.98 21.63 24.68
C PHE W 100 17.51 22.58 25.78
N GLY W 101 16.22 22.52 26.10
CA GLY W 101 15.66 23.35 27.15
C GLY W 101 16.22 23.00 28.51
N ALA W 102 16.42 21.71 28.74
CA ALA W 102 17.03 21.23 29.98
C ALA W 102 18.47 21.72 30.12
N PHE W 103 19.13 21.92 28.98
CA PHE W 103 20.49 22.46 28.98
C PHE W 103 20.45 23.94 29.32
N VAL W 104 19.46 24.64 28.77
CA VAL W 104 19.27 26.05 29.07
C VAL W 104 18.94 26.24 30.54
N ALA W 105 18.17 25.31 31.11
CA ALA W 105 17.79 25.38 32.51
C ALA W 105 19.02 25.30 33.41
N LYS W 106 19.91 24.38 33.11
CA LYS W 106 21.16 24.26 33.86
C LYS W 106 22.00 25.53 33.77
N HIS W 107 21.93 26.19 32.62
CA HIS W 107 22.64 27.44 32.40
C HIS W 107 22.10 28.56 33.27
N LEU W 108 20.78 28.63 33.40
CA LEU W 108 20.13 29.65 34.20
C LEU W 108 20.51 29.52 35.68
N LYS W 109 20.68 28.28 36.14
CA LYS W 109 21.09 28.03 37.51
C LYS W 109 22.55 28.45 37.71
N THR W 110 23.36 28.22 36.69
CA THR W 110 24.77 28.58 36.72
C THR W 110 24.94 30.10 36.79
N ILE W 111 24.05 30.84 36.12
CA ILE W 111 24.13 32.30 36.12
C ILE W 111 23.15 32.94 37.11
N ASN W 112 22.60 32.11 38.00
CA ASN W 112 21.73 32.58 39.08
C ASN W 112 20.49 33.32 38.58
N GLN W 113 19.87 32.79 37.54
CA GLN W 113 18.61 33.32 37.04
C GLN W 113 17.56 32.21 37.04
N GLU W 114 17.48 31.49 38.16
CA GLU W 114 16.60 30.32 38.29
C GLU W 114 15.12 30.64 38.11
N SER W 115 14.77 31.92 38.27
CA SER W 115 13.38 32.34 38.11
C SER W 115 12.90 32.24 36.66
N CYS W 116 13.83 31.95 35.75
CA CYS W 116 13.52 31.90 34.32
C CYS W 116 13.25 30.47 33.85
N ILE W 117 13.49 29.50 34.72
CA ILE W 117 13.32 28.10 34.38
C ILE W 117 11.86 27.77 34.06
N GLU W 118 10.94 28.33 34.84
CA GLU W 118 9.51 28.11 34.66
C GLU W 118 8.92 28.87 33.46
N PRO W 119 9.29 30.15 33.26
CA PRO W 119 8.89 30.81 32.02
C PRO W 119 9.49 30.14 30.78
N LEU W 120 10.67 29.54 30.92
CA LEU W 120 11.27 28.77 29.84
C LEU W 120 10.43 27.52 29.56
N ALA W 121 9.97 26.88 30.64
CA ALA W 121 9.18 25.66 30.52
C ALA W 121 7.90 25.88 29.71
N GLU W 122 7.23 27.00 29.95
CA GLU W 122 5.97 27.27 29.27
C GLU W 122 6.20 27.72 27.82
N SER W 123 7.36 28.30 27.55
CA SER W 123 7.74 28.65 26.19
C SER W 123 7.80 27.40 25.31
N ILE W 124 8.44 26.36 25.83
CA ILE W 124 8.55 25.09 25.12
C ILE W 124 7.17 24.47 24.96
N THR W 125 6.38 24.53 26.03
CA THR W 125 5.04 23.98 26.02
C THR W 125 4.11 24.73 25.06
N ASP W 126 4.19 26.06 25.08
CA ASP W 126 3.36 26.91 24.22
C ASP W 126 3.51 26.56 22.75
N VAL W 127 4.74 26.71 22.24
CA VAL W 127 5.03 26.43 20.83
C VAL W 127 4.55 25.05 20.40
N LEU W 128 4.77 24.04 21.25
CA LEU W 128 4.35 22.68 20.96
C LEU W 128 2.83 22.57 20.83
N VAL W 129 2.11 23.19 21.76
CA VAL W 129 0.66 23.11 21.77
C VAL W 129 0.01 24.13 20.82
N ARG W 130 0.55 25.35 20.77
CA ARG W 130 -0.04 26.40 19.96
C ARG W 130 0.02 26.08 18.47
N THR W 131 1.09 25.42 18.05
CA THR W 131 1.33 25.19 16.62
C THR W 131 1.18 23.73 16.21
N LYS W 132 1.32 22.81 17.14
CA LYS W 132 1.29 21.39 16.80
C LYS W 132 0.30 20.57 17.63
N ARG W 133 -0.79 21.20 18.06
CA ARG W 133 -1.76 20.50 18.89
C ARG W 133 -2.46 19.36 18.15
N ASP W 134 -2.85 19.62 16.92
CA ASP W 134 -3.55 18.61 16.12
C ASP W 134 -2.65 17.42 15.83
N TRP W 135 -1.37 17.68 15.67
CA TRP W 135 -0.39 16.61 15.48
C TRP W 135 -0.25 15.80 16.77
N LEU W 136 -0.25 16.48 17.90
CA LEU W 136 -0.08 15.80 19.20
C LEU W 136 -1.25 14.87 19.53
N VAL W 137 -2.46 15.34 19.25
CA VAL W 137 -3.66 14.54 19.49
C VAL W 137 -3.67 13.32 18.57
N LYS W 138 -3.29 13.52 17.31
CA LYS W 138 -3.23 12.42 16.34
C LYS W 138 -2.20 11.37 16.74
N GLN W 139 -1.17 11.80 17.47
CA GLN W 139 -0.12 10.88 17.91
C GLN W 139 -0.35 10.39 19.33
N ARG W 140 -1.58 10.56 19.82
CA ARG W 140 -1.98 10.11 21.16
C ARG W 140 -1.21 10.76 22.31
N GLY W 141 -0.71 11.98 22.07
CA GLY W 141 -0.07 12.76 23.12
C GLY W 141 1.13 12.09 23.77
N TRP W 142 1.14 12.08 25.10
CA TRP W 142 2.28 11.55 25.85
C TRP W 142 2.32 10.03 25.89
N ASP W 143 1.18 9.38 25.60
CA ASP W 143 1.18 7.94 25.45
C ASP W 143 1.95 7.58 24.20
N GLY W 144 1.80 8.41 23.17
CA GLY W 144 2.54 8.23 21.93
C GLY W 144 4.02 8.50 22.12
N PHE W 145 4.34 9.54 22.90
CA PHE W 145 5.73 9.87 23.23
C PHE W 145 6.39 8.68 23.92
N VAL W 146 5.70 8.12 24.91
CA VAL W 146 6.20 6.96 25.63
C VAL W 146 6.37 5.76 24.69
N GLU W 147 5.39 5.54 23.83
CA GLU W 147 5.42 4.43 22.87
C GLU W 147 6.56 4.58 21.86
N PHE W 148 6.80 5.82 21.41
CA PHE W 148 7.79 6.07 20.38
C PHE W 148 9.21 5.77 20.85
N PHE W 149 9.52 6.17 22.09
CA PHE W 149 10.87 5.98 22.62
C PHE W 149 11.04 4.70 23.43
N HIS W 150 10.00 3.88 23.45
CA HIS W 150 10.09 2.56 24.07
C HIS W 150 10.94 1.63 23.21
N VAL W 151 12.07 1.20 23.74
CA VAL W 151 12.97 0.31 23.01
C VAL W 151 14.03 -0.33 23.91
N GLU W 152 13.99 -1.65 24.06
CA GLU W 152 12.93 -2.51 23.54
C GLU W 152 12.82 -3.72 24.47
N ASP W 153 13.92 -3.99 25.18
CA ASP W 153 14.00 -5.11 26.11
C ASP W 153 13.70 -6.45 25.44
N PRO X 1 22.93 40.45 14.51
CA PRO X 1 23.12 41.46 15.55
C PRO X 1 22.79 41.06 17.01
N GLY X 2 21.65 40.41 17.31
CA GLY X 2 20.63 40.00 16.37
C GLY X 2 20.10 38.60 16.67
N VAL X 3 20.97 37.77 17.26
CA VAL X 3 20.62 36.40 17.63
C VAL X 3 20.12 35.58 16.45
N MET X 4 21.03 34.96 15.72
CA MET X 4 20.68 34.14 14.58
C MET X 4 19.94 32.87 15.01
N THR X 5 18.64 33.02 15.23
CA THR X 5 17.79 31.91 15.65
C THR X 5 17.62 30.91 14.51
N GLN X 6 17.68 31.42 13.29
CA GLN X 6 17.58 30.59 12.09
C GLN X 6 18.69 29.54 12.05
N GLU X 7 19.88 29.94 12.49
CA GLU X 7 21.02 29.04 12.51
C GLU X 7 20.86 27.97 13.58
N VAL X 8 20.53 28.39 14.80
CA VAL X 8 20.33 27.46 15.91
C VAL X 8 19.15 26.54 15.63
N GLY X 9 18.11 27.08 15.01
CA GLY X 9 16.93 26.30 14.67
C GLY X 9 17.23 25.17 13.71
N GLN X 10 17.99 25.46 12.66
CA GLN X 10 18.36 24.43 11.69
C GLN X 10 19.32 23.40 12.30
N LEU X 11 20.14 23.85 13.24
CA LEU X 11 21.03 22.94 13.96
C LEU X 11 20.22 21.95 14.79
N LEU X 12 19.27 22.47 15.56
CA LEU X 12 18.38 21.63 16.36
C LEU X 12 17.54 20.74 15.47
N GLN X 13 17.20 21.25 14.30
CA GLN X 13 16.37 20.54 13.34
C GLN X 13 17.01 19.24 12.89
N ASP X 14 18.32 19.29 12.61
CA ASP X 14 19.06 18.12 12.16
C ASP X 14 19.33 17.13 13.29
N MET X 15 19.66 17.66 14.47
CA MET X 15 19.85 16.81 15.64
C MET X 15 18.55 16.08 15.96
N GLY X 16 17.44 16.81 15.90
CA GLY X 16 16.13 16.26 16.15
C GLY X 16 15.77 15.15 15.16
N ASP X 17 16.07 15.37 13.89
CA ASP X 17 15.80 14.37 12.86
C ASP X 17 16.68 13.13 13.02
N ASP X 18 17.84 13.30 13.65
CA ASP X 18 18.74 12.18 13.92
C ASP X 18 18.25 11.38 15.12
N VAL X 19 17.66 12.06 16.10
CA VAL X 19 17.09 11.39 17.25
C VAL X 19 15.96 10.49 16.78
N TYR X 20 15.22 10.98 15.78
CA TYR X 20 14.15 10.21 15.15
C TYR X 20 14.70 8.90 14.59
N GLN X 21 15.83 8.98 13.90
CA GLN X 21 16.44 7.82 13.26
C GLN X 21 16.88 6.75 14.27
N GLN X 22 17.44 7.20 15.38
CA GLN X 22 17.94 6.31 16.41
C GLN X 22 16.83 5.47 17.05
N TYR X 23 15.62 6.02 17.10
CA TYR X 23 14.54 5.39 17.86
C TYR X 23 13.39 4.85 17.01
N ARG X 24 13.32 5.24 15.75
CA ARG X 24 12.22 4.82 14.88
C ARG X 24 12.27 3.34 14.54
N SER X 25 11.26 2.90 13.79
CA SER X 25 11.08 1.51 13.32
C SER X 25 12.26 0.56 13.49
#